data_9BK3
#
_entry.id   9BK3
#
_cell.length_a   70.077
_cell.length_b   103.698
_cell.length_c   189.506
_cell.angle_alpha   90.00
_cell.angle_beta   90.00
_cell.angle_gamma   90.00
#
_symmetry.space_group_name_H-M   'P 21 21 21'
#
loop_
_entity.id
_entity.type
_entity.pdbx_description
1 polymer 'L-lactate dehydrogenase A chain'
2 non-polymer 'CHLORIDE ION'
3 non-polymer 'MALONATE ION'
4 non-polymer '(2R)-4-[4-(1-methyl-1H-imidazole-2-carbonyl)anilino]-4-oxo-2-[4-(trifluoromethyl)phenyl]butanoic acid'
5 water water
#
_entity_poly.entity_id   1
_entity_poly.type   'polypeptide(L)'
_entity_poly.pdbx_seq_one_letter_code
;MHHHHHHSTSVDLGTENLYFQATLKDQLIYNLLKEEQTPQNKITVVGVGAVGMACAISILMKDLADELALVDVIEDKLKG
EMMDLQHGSLFLRTPKIVSGKDYNVTANSKLVIITAGARQQEGESRLNLVQRNVNIFKFIIPNVVKYSPNCKLLIVSNPV
DILTYVAWKISGFPKNRVIGSGCNLDSARFRYLMGERLGVHPLSCHGWVLGEHGDSSVPVWSGMNVAGVSLKTLHPDLGT
DKDKEQWKEVHKQVVESAYEVIKLKGYTSWAIGLSVADLAESIMKNLRRVHPVSTMIKGLYGIKDDVFLSVPCILGQNGI
SDLVKVTLTSEEEARLKKSADTLWGIQKELQF
;
_entity_poly.pdbx_strand_id   A,B,C,D
#
# COMPACT_ATOMS: atom_id res chain seq x y z
N GLN A 21 2.76 -10.37 37.44
CA GLN A 21 2.18 -9.10 37.97
C GLN A 21 2.12 -8.04 36.88
N ALA A 22 1.43 -6.94 37.15
CA ALA A 22 1.28 -5.85 36.20
C ALA A 22 1.06 -4.53 36.95
N THR A 23 2.00 -4.18 37.81
CA THR A 23 1.93 -2.93 38.54
C THR A 23 2.50 -1.76 37.76
N LEU A 24 3.52 -2.00 36.94
CA LEU A 24 4.09 -0.92 36.14
C LEU A 24 3.08 -0.36 35.15
N LYS A 25 2.23 -1.23 34.59
CA LYS A 25 1.25 -0.78 33.61
C LYS A 25 0.35 0.30 34.19
N ASP A 26 -0.10 0.13 35.45
CA ASP A 26 -0.94 1.13 36.07
C ASP A 26 -0.16 2.39 36.45
N GLN A 27 1.16 2.29 36.60
CA GLN A 27 1.97 3.48 36.83
C GLN A 27 2.07 4.33 35.57
N LEU A 28 1.98 3.71 34.39
CA LEU A 28 2.17 4.36 33.11
C LEU A 28 0.85 4.68 32.42
N ILE A 29 -0.13 3.77 32.48
CA ILE A 29 -1.36 3.88 31.72
C ILE A 29 -2.52 4.07 32.69
N TYR A 30 -3.29 5.14 32.49
CA TYR A 30 -4.50 5.41 33.24
C TYR A 30 -5.69 4.99 32.37
N ASN A 31 -6.40 3.95 32.80
CA ASN A 31 -7.44 3.34 31.99
C ASN A 31 -8.70 4.20 31.96
N LEU A 32 -9.45 4.07 30.86
CA LEU A 32 -10.72 4.74 30.69
C LEU A 32 -11.89 3.82 30.39
N LEU A 33 -11.64 2.60 29.91
CA LEU A 33 -12.71 1.68 29.55
C LEU A 33 -12.37 0.25 29.96
N GLN A 37 -15.45 -4.87 23.62
CA GLN A 37 -15.83 -4.63 22.24
C GLN A 37 -15.54 -5.84 21.37
N THR A 38 -16.26 -5.97 20.26
CA THR A 38 -16.12 -7.09 19.34
C THR A 38 -15.48 -6.63 18.04
N PRO A 39 -14.91 -7.57 17.28
CA PRO A 39 -14.19 -7.17 16.06
C PRO A 39 -15.14 -6.73 14.96
N GLN A 40 -14.72 -5.72 14.20
CA GLN A 40 -15.51 -5.15 13.13
C GLN A 40 -15.04 -5.56 11.74
N ASN A 41 -13.89 -6.22 11.63
CA ASN A 41 -13.36 -6.64 10.33
C ASN A 41 -12.56 -7.92 10.51
N LYS A 42 -13.17 -8.92 11.14
CA LYS A 42 -12.47 -10.16 11.45
C LYS A 42 -12.51 -11.11 10.27
N ILE A 43 -11.42 -11.87 10.11
CA ILE A 43 -11.31 -12.89 9.09
C ILE A 43 -10.71 -14.13 9.72
N THR A 44 -11.17 -15.30 9.28
CA THR A 44 -10.70 -16.58 9.81
C THR A 44 -10.23 -17.46 8.66
N VAL A 45 -9.09 -18.11 8.85
CA VAL A 45 -8.53 -19.04 7.88
C VAL A 45 -8.50 -20.41 8.53
N VAL A 46 -9.43 -21.28 8.11
CA VAL A 46 -9.48 -22.64 8.63
C VAL A 46 -8.47 -23.48 7.87
N GLY A 47 -7.56 -24.12 8.60
CA GLY A 47 -6.47 -24.86 7.99
C GLY A 47 -5.21 -24.01 7.90
N VAL A 48 -4.14 -24.47 8.52
CA VAL A 48 -2.88 -23.71 8.54
C VAL A 48 -1.82 -24.49 7.78
N GLY A 49 -2.18 -25.03 6.62
CA GLY A 49 -1.21 -25.62 5.72
C GLY A 49 -0.56 -24.56 4.85
N ALA A 50 0.11 -25.03 3.80
CA ALA A 50 0.77 -24.10 2.89
C ALA A 50 -0.22 -23.11 2.29
N VAL A 51 -1.39 -23.59 1.89
CA VAL A 51 -2.40 -22.70 1.31
C VAL A 51 -2.96 -21.75 2.35
N GLY A 52 -3.38 -22.29 3.49
CA GLY A 52 -3.96 -21.44 4.53
C GLY A 52 -3.02 -20.36 5.00
N MET A 53 -1.74 -20.71 5.17
CA MET A 53 -0.77 -19.72 5.62
C MET A 53 -0.45 -18.72 4.52
N ALA A 54 -0.40 -19.18 3.27
CA ALA A 54 -0.22 -18.25 2.15
C ALA A 54 -1.38 -17.28 2.06
N CYS A 55 -2.60 -17.77 2.35
CA CYS A 55 -3.75 -16.88 2.42
C CYS A 55 -3.67 -15.96 3.63
N ALA A 56 -3.19 -16.47 4.76
CA ALA A 56 -3.10 -15.67 5.97
C ALA A 56 -2.08 -14.54 5.80
N ILE A 57 -0.90 -14.87 5.26
CA ILE A 57 0.13 -13.86 5.11
C ILE A 57 -0.27 -12.82 4.07
N SER A 58 -0.87 -13.26 2.96
CA SER A 58 -1.31 -12.32 1.94
C SER A 58 -2.36 -11.36 2.50
N ILE A 59 -3.28 -11.87 3.33
CA ILE A 59 -4.31 -11.02 3.90
C ILE A 59 -3.71 -10.03 4.89
N LEU A 60 -2.72 -10.48 5.67
CA LEU A 60 -2.12 -9.58 6.66
C LEU A 60 -1.40 -8.42 6.00
N MET A 61 -0.69 -8.67 4.91
CA MET A 61 0.08 -7.64 4.24
C MET A 61 -0.76 -6.79 3.28
N LYS A 62 -2.06 -7.04 3.21
CA LYS A 62 -2.99 -6.16 2.52
C LYS A 62 -3.87 -5.37 3.48
N ASP A 63 -3.71 -5.56 4.78
CA ASP A 63 -4.44 -4.80 5.80
C ASP A 63 -5.95 -4.92 5.61
N LEU A 64 -6.41 -6.15 5.43
CA LEU A 64 -7.82 -6.41 5.22
C LEU A 64 -8.58 -6.72 6.50
N ALA A 65 -7.89 -7.12 7.56
CA ALA A 65 -8.53 -7.57 8.79
C ALA A 65 -7.95 -6.83 9.99
N ASP A 66 -8.82 -6.47 10.93
CA ASP A 66 -8.40 -6.00 12.23
C ASP A 66 -8.23 -7.14 13.23
N GLU A 67 -8.52 -8.37 12.81
CA GLU A 67 -8.27 -9.56 13.63
C GLU A 67 -8.25 -10.76 12.72
N LEU A 68 -7.19 -11.57 12.83
CA LEU A 68 -7.04 -12.80 12.06
C LEU A 68 -7.06 -13.98 13.02
N ALA A 69 -7.84 -15.00 12.68
CA ALA A 69 -8.00 -16.19 13.50
C ALA A 69 -7.62 -17.43 12.70
N LEU A 70 -6.65 -18.18 13.19
CA LEU A 70 -6.24 -19.44 12.58
C LEU A 70 -6.83 -20.60 13.36
N VAL A 71 -7.37 -21.58 12.63
CA VAL A 71 -8.02 -22.73 13.26
C VAL A 71 -7.59 -23.99 12.51
N ASP A 72 -7.31 -25.03 13.28
CA ASP A 72 -6.94 -26.33 12.72
C ASP A 72 -7.08 -27.37 13.84
N VAL A 73 -6.57 -28.57 13.61
CA VAL A 73 -6.65 -29.66 14.57
C VAL A 73 -5.29 -30.00 15.16
N ILE A 74 -4.23 -29.93 14.35
CA ILE A 74 -2.87 -30.20 14.83
C ILE A 74 -2.48 -29.05 15.74
N GLU A 75 -2.51 -29.28 17.06
CA GLU A 75 -2.30 -28.20 18.01
C GLU A 75 -0.92 -27.57 17.86
N ASP A 76 0.09 -28.36 17.50
CA ASP A 76 1.45 -27.82 17.39
C ASP A 76 1.55 -26.82 16.26
N LYS A 77 1.36 -27.29 15.02
CA LYS A 77 1.52 -26.40 13.87
C LYS A 77 0.63 -25.16 13.99
N LEU A 78 -0.58 -25.32 14.54
CA LEU A 78 -1.47 -24.18 14.68
C LEU A 78 -0.85 -23.10 15.56
N LYS A 79 -0.21 -23.50 16.67
CA LYS A 79 0.41 -22.53 17.56
C LYS A 79 1.71 -21.98 16.96
N GLY A 80 2.50 -22.85 16.34
CA GLY A 80 3.74 -22.39 15.73
C GLY A 80 3.52 -21.31 14.70
N GLU A 81 2.54 -21.54 13.80
CA GLU A 81 2.23 -20.53 12.80
C GLU A 81 1.72 -19.24 13.45
N MET A 82 0.84 -19.37 14.45
CA MET A 82 0.33 -18.19 15.14
C MET A 82 1.48 -17.38 15.74
N MET A 83 2.41 -18.06 16.41
CA MET A 83 3.53 -17.34 17.02
C MET A 83 4.39 -16.66 15.98
N ASP A 84 4.73 -17.38 14.90
CA ASP A 84 5.59 -16.81 13.87
C ASP A 84 4.97 -15.54 13.28
N LEU A 85 3.65 -15.58 13.03
CA LEU A 85 2.96 -14.37 12.57
C LEU A 85 2.98 -13.29 13.64
N GLN A 86 2.78 -13.68 14.91
CA GLN A 86 2.71 -12.72 15.99
C GLN A 86 4.01 -11.95 16.15
N HIS A 87 5.16 -12.61 15.93
CA HIS A 87 6.44 -11.94 16.11
C HIS A 87 6.60 -10.77 15.15
N GLY A 88 6.07 -10.91 13.93
CA GLY A 88 6.16 -9.84 12.95
C GLY A 88 5.06 -8.80 13.07
N SER A 89 4.38 -8.79 14.23
CA SER A 89 3.29 -7.83 14.41
C SER A 89 3.74 -6.40 14.24
N LEU A 90 5.00 -6.10 14.60
CA LEU A 90 5.51 -4.74 14.44
C LEU A 90 5.44 -4.29 12.98
N PHE A 91 5.59 -5.21 12.04
CA PHE A 91 5.61 -4.88 10.62
C PHE A 91 4.24 -5.01 9.97
N LEU A 92 3.17 -5.10 10.76
CA LEU A 92 1.83 -5.32 10.26
C LEU A 92 0.89 -4.25 10.81
N ARG A 93 -0.36 -4.31 10.37
CA ARG A 93 -1.43 -3.43 10.88
C ARG A 93 -2.65 -4.24 11.29
N THR A 94 -2.43 -5.52 11.65
CA THR A 94 -3.50 -6.39 12.14
C THR A 94 -3.30 -6.59 13.64
N PRO A 95 -4.00 -5.84 14.49
CA PRO A 95 -3.61 -5.76 15.91
C PRO A 95 -3.98 -6.99 16.74
N LYS A 96 -4.54 -8.04 16.16
CA LYS A 96 -4.96 -9.20 16.96
C LYS A 96 -4.89 -10.45 16.09
N ILE A 97 -3.96 -11.34 16.40
CA ILE A 97 -3.82 -12.63 15.73
C ILE A 97 -3.99 -13.71 16.78
N VAL A 98 -5.02 -14.55 16.62
CA VAL A 98 -5.36 -15.59 17.57
C VAL A 98 -5.45 -16.92 16.85
N SER A 99 -5.44 -17.99 17.63
CA SER A 99 -5.60 -19.34 17.09
C SER A 99 -6.10 -20.26 18.19
N GLY A 100 -6.42 -21.49 17.80
CA GLY A 100 -6.93 -22.47 18.73
C GLY A 100 -7.73 -23.53 18.01
N LYS A 101 -7.92 -24.66 18.70
CA LYS A 101 -8.67 -25.77 18.11
C LYS A 101 -10.17 -25.51 18.16
N ASP A 102 -10.66 -24.90 19.23
CA ASP A 102 -12.08 -24.61 19.36
C ASP A 102 -12.44 -23.38 18.54
N TYR A 103 -13.64 -23.40 17.97
CA TYR A 103 -14.08 -22.34 17.07
C TYR A 103 -14.65 -21.12 17.80
N ASN A 104 -14.51 -21.05 19.13
CA ASN A 104 -14.82 -19.80 19.82
C ASN A 104 -13.85 -18.69 19.45
N VAL A 105 -12.74 -19.02 18.79
CA VAL A 105 -11.83 -17.99 18.29
C VAL A 105 -12.39 -17.33 17.04
N THR A 106 -13.21 -18.04 16.26
CA THR A 106 -13.74 -17.53 15.01
C THR A 106 -15.03 -16.75 15.16
N ALA A 107 -15.40 -16.38 16.38
CA ALA A 107 -16.65 -15.67 16.60
C ALA A 107 -16.61 -14.30 15.94
N ASN A 108 -17.77 -13.86 15.46
CA ASN A 108 -17.94 -12.55 14.84
C ASN A 108 -17.11 -12.37 13.58
N SER A 109 -16.75 -13.47 12.92
CA SER A 109 -15.98 -13.37 11.68
C SER A 109 -16.88 -12.88 10.54
N LYS A 110 -16.43 -11.84 9.85
CA LYS A 110 -17.15 -11.37 8.67
C LYS A 110 -16.84 -12.21 7.43
N LEU A 111 -15.70 -12.89 7.42
CA LEU A 111 -15.30 -13.76 6.32
C LEU A 111 -14.55 -14.95 6.89
N VAL A 112 -14.83 -16.13 6.37
CA VAL A 112 -14.17 -17.36 6.82
C VAL A 112 -13.67 -18.10 5.59
N ILE A 113 -12.36 -18.30 5.51
CA ILE A 113 -11.71 -18.99 4.41
C ILE A 113 -11.44 -20.42 4.84
N ILE A 114 -11.90 -21.38 4.05
CA ILE A 114 -11.82 -22.80 4.39
C ILE A 114 -10.81 -23.44 3.45
N THR A 115 -9.65 -23.79 3.99
CA THR A 115 -8.59 -24.45 3.24
C THR A 115 -8.26 -25.85 3.74
N ALA A 116 -8.84 -26.28 4.86
CA ALA A 116 -8.51 -27.57 5.44
C ALA A 116 -8.94 -28.70 4.53
N GLY A 117 -8.15 -29.78 4.54
CA GLY A 117 -8.45 -30.95 3.74
C GLY A 117 -7.20 -31.58 3.17
N ALA A 118 -7.37 -32.67 2.41
CA ALA A 118 -6.25 -33.35 1.79
C ALA A 118 -5.84 -32.66 0.50
N ASN A 128 -10.09 -36.17 -7.08
CA ASN A 128 -10.23 -37.48 -6.47
C ASN A 128 -10.14 -37.39 -4.95
N LEU A 129 -10.18 -36.15 -4.44
CA LEU A 129 -10.17 -35.90 -3.00
C LEU A 129 -11.57 -35.68 -2.44
N VAL A 130 -12.58 -36.25 -3.10
CA VAL A 130 -13.97 -36.00 -2.70
C VAL A 130 -14.27 -36.70 -1.38
N GLN A 131 -14.10 -38.02 -1.34
CA GLN A 131 -14.53 -38.80 -0.17
C GLN A 131 -13.81 -38.33 1.09
N ARG A 132 -12.50 -38.10 1.00
CA ARG A 132 -11.74 -37.68 2.16
C ARG A 132 -12.18 -36.30 2.65
N ASN A 133 -12.34 -35.35 1.73
CA ASN A 133 -12.57 -33.97 2.13
C ASN A 133 -14.04 -33.72 2.49
N VAL A 134 -14.97 -34.38 1.78
CA VAL A 134 -16.38 -34.24 2.12
C VAL A 134 -16.62 -34.65 3.57
N ASN A 135 -15.87 -35.66 4.05
CA ASN A 135 -15.98 -36.08 5.44
C ASN A 135 -15.57 -34.95 6.37
N ILE A 136 -14.42 -34.32 6.11
CA ILE A 136 -13.95 -33.23 6.97
C ILE A 136 -14.95 -32.09 6.99
N PHE A 137 -15.51 -31.74 5.82
CA PHE A 137 -16.46 -30.64 5.75
C PHE A 137 -17.65 -30.88 6.67
N LYS A 138 -18.13 -32.13 6.75
CA LYS A 138 -19.23 -32.44 7.66
C LYS A 138 -18.90 -32.10 9.10
N PHE A 139 -17.62 -32.00 9.45
CA PHE A 139 -17.20 -31.68 10.81
C PHE A 139 -16.88 -30.20 11.00
N ILE A 140 -16.41 -29.52 9.97
CA ILE A 140 -15.98 -28.13 10.11
C ILE A 140 -17.13 -27.16 9.86
N ILE A 141 -17.85 -27.34 8.76
CA ILE A 141 -18.88 -26.39 8.33
C ILE A 141 -19.88 -26.14 9.46
N PRO A 142 -20.32 -27.17 10.20
CA PRO A 142 -21.27 -26.90 11.29
C PRO A 142 -20.72 -25.95 12.34
N ASN A 143 -19.48 -26.16 12.79
CA ASN A 143 -18.92 -25.32 13.85
C ASN A 143 -18.74 -23.88 13.38
N VAL A 144 -18.29 -23.69 12.13
CA VAL A 144 -18.03 -22.35 11.63
C VAL A 144 -19.30 -21.51 11.66
N VAL A 145 -20.38 -22.02 11.07
CA VAL A 145 -21.62 -21.26 10.99
C VAL A 145 -22.16 -20.95 12.38
N LYS A 146 -21.80 -21.77 13.37
CA LYS A 146 -22.29 -21.54 14.73
C LYS A 146 -21.83 -20.20 15.27
N TYR A 147 -20.52 -19.99 15.35
CA TYR A 147 -19.97 -18.76 15.91
C TYR A 147 -19.96 -17.60 14.91
N SER A 148 -20.16 -17.88 13.62
CA SER A 148 -20.11 -16.85 12.58
C SER A 148 -21.35 -17.01 11.69
N PRO A 149 -22.51 -16.53 12.16
CA PRO A 149 -23.74 -16.73 11.40
C PRO A 149 -23.87 -15.78 10.21
N ASN A 150 -23.43 -14.54 10.38
CA ASN A 150 -23.58 -13.51 9.36
C ASN A 150 -22.35 -13.39 8.47
N CYS A 151 -21.50 -14.41 8.44
CA CYS A 151 -20.26 -14.35 7.68
C CYS A 151 -20.48 -14.84 6.25
N LYS A 152 -19.48 -14.59 5.41
CA LYS A 152 -19.41 -15.16 4.07
C LYS A 152 -18.40 -16.30 4.07
N LEU A 153 -18.69 -17.34 3.29
CA LEU A 153 -17.84 -18.52 3.23
C LEU A 153 -17.06 -18.51 1.92
N LEU A 154 -15.74 -18.58 2.03
CA LEU A 154 -14.85 -18.64 0.87
C LEU A 154 -14.17 -20.01 0.91
N ILE A 155 -14.63 -20.91 0.05
CA ILE A 155 -14.19 -22.30 0.06
C ILE A 155 -13.01 -22.44 -0.88
N VAL A 156 -11.88 -22.91 -0.36
CA VAL A 156 -10.67 -23.10 -1.15
C VAL A 156 -10.30 -24.56 -1.29
N SER A 157 -10.73 -25.43 -0.39
CA SER A 157 -10.38 -26.84 -0.47
C SER A 157 -10.85 -27.44 -1.78
N ASN A 158 -10.08 -28.42 -2.29
CA ASN A 158 -10.40 -29.05 -3.56
C ASN A 158 -11.11 -30.38 -3.35
N PRO A 159 -12.05 -30.75 -4.24
CA PRO A 159 -12.53 -30.00 -5.41
C PRO A 159 -13.40 -28.82 -4.98
N VAL A 160 -12.98 -27.60 -5.33
CA VAL A 160 -13.65 -26.41 -4.82
C VAL A 160 -15.09 -26.34 -5.30
N ASP A 161 -15.33 -26.74 -6.55
CA ASP A 161 -16.67 -26.65 -7.10
C ASP A 161 -17.66 -27.49 -6.30
N ILE A 162 -17.27 -28.72 -5.97
CA ILE A 162 -18.16 -29.61 -5.23
C ILE A 162 -18.24 -29.20 -3.76
N LEU A 163 -17.10 -28.93 -3.13
CA LEU A 163 -17.09 -28.57 -1.72
C LEU A 163 -17.79 -27.25 -1.46
N THR A 164 -17.92 -26.39 -2.47
CA THR A 164 -18.74 -25.20 -2.32
C THR A 164 -20.22 -25.57 -2.23
N TYR A 165 -20.64 -26.56 -3.02
CA TYR A 165 -21.99 -27.09 -2.87
C TYR A 165 -22.16 -27.77 -1.52
N VAL A 166 -21.17 -28.56 -1.11
CA VAL A 166 -21.24 -29.22 0.20
C VAL A 166 -21.36 -28.18 1.30
N ALA A 167 -20.46 -27.20 1.34
CA ALA A 167 -20.51 -26.16 2.35
C ALA A 167 -21.84 -25.42 2.32
N TRP A 168 -22.43 -25.27 1.13
CA TRP A 168 -23.71 -24.58 1.03
C TRP A 168 -24.84 -25.40 1.65
N LYS A 169 -24.89 -26.70 1.32
CA LYS A 169 -25.92 -27.56 1.89
C LYS A 169 -25.80 -27.64 3.41
N ILE A 170 -24.57 -27.87 3.90
CA ILE A 170 -24.38 -28.07 5.33
C ILE A 170 -24.56 -26.76 6.10
N SER A 171 -24.20 -25.63 5.49
CA SER A 171 -24.28 -24.36 6.20
C SER A 171 -25.71 -23.85 6.29
N GLY A 172 -26.52 -24.08 5.26
CA GLY A 172 -27.84 -23.49 5.18
C GLY A 172 -27.86 -22.04 4.79
N PHE A 173 -26.68 -21.40 4.67
CA PHE A 173 -26.62 -20.02 4.24
C PHE A 173 -27.27 -19.87 2.85
N PRO A 174 -27.74 -18.66 2.52
CA PRO A 174 -28.16 -18.41 1.14
C PRO A 174 -26.95 -18.46 0.22
N LYS A 175 -27.17 -18.95 -1.00
CA LYS A 175 -26.06 -19.25 -1.91
C LYS A 175 -25.21 -18.03 -2.22
N ASN A 176 -25.65 -16.82 -1.86
CA ASN A 176 -24.82 -15.63 -2.08
C ASN A 176 -23.70 -15.49 -1.05
N ARG A 177 -23.76 -16.22 0.06
CA ARG A 177 -22.72 -16.18 1.08
C ARG A 177 -21.90 -17.46 1.13
N VAL A 178 -21.90 -18.23 0.05
CA VAL A 178 -21.09 -19.44 -0.06
C VAL A 178 -20.33 -19.33 -1.38
N ILE A 179 -19.07 -18.94 -1.31
CA ILE A 179 -18.24 -18.67 -2.49
C ILE A 179 -17.12 -19.69 -2.53
N GLY A 180 -16.79 -20.13 -3.74
CA GLY A 180 -15.65 -21.01 -3.98
C GLY A 180 -14.60 -20.30 -4.81
N SER A 181 -13.33 -20.47 -4.42
CA SER A 181 -12.25 -19.84 -5.15
C SER A 181 -12.36 -20.10 -6.64
N GLY A 182 -12.71 -21.34 -7.00
CA GLY A 182 -13.02 -21.65 -8.39
C GLY A 182 -11.86 -21.32 -9.31
N CYS A 183 -12.18 -20.66 -10.42
CA CYS A 183 -11.24 -20.37 -11.49
C CYS A 183 -10.64 -18.96 -11.38
N ASN A 184 -10.70 -18.34 -10.21
CA ASN A 184 -10.06 -17.04 -10.06
C ASN A 184 -8.56 -17.13 -10.29
N LEU A 185 -7.93 -18.20 -9.79
CA LEU A 185 -6.51 -18.39 -10.04
C LEU A 185 -6.27 -18.85 -11.48
N ASP A 186 -7.15 -19.71 -12.00
CA ASP A 186 -7.02 -20.16 -13.38
C ASP A 186 -6.98 -18.97 -14.33
N SER A 187 -7.89 -18.01 -14.13
CA SER A 187 -7.87 -16.79 -14.94
C SER A 187 -6.61 -15.98 -14.66
N ALA A 188 -6.17 -15.95 -13.41
CA ALA A 188 -4.93 -15.25 -13.06
C ALA A 188 -3.71 -15.93 -13.66
N ARG A 189 -3.81 -17.21 -14.01
CA ARG A 189 -2.75 -17.88 -14.76
C ARG A 189 -2.93 -17.73 -16.25
N PHE A 190 -4.16 -17.86 -16.75
CA PHE A 190 -4.43 -17.59 -18.16
C PHE A 190 -3.94 -16.21 -18.54
N ARG A 191 -4.32 -15.20 -17.76
CA ARG A 191 -3.59 -13.94 -17.76
C ARG A 191 -2.24 -14.18 -17.11
N TYR A 192 -1.20 -13.55 -17.67
CA TYR A 192 0.20 -13.84 -17.39
C TYR A 192 0.80 -14.55 -18.59
N LEU A 193 0.31 -15.77 -18.86
CA LEU A 193 0.69 -16.44 -20.10
C LEU A 193 0.37 -15.57 -21.30
N MET A 194 -0.81 -14.94 -21.30
CA MET A 194 -1.10 -13.91 -22.29
C MET A 194 -0.03 -12.82 -22.27
N GLY A 195 0.31 -12.35 -21.07
CA GLY A 195 1.31 -11.29 -20.96
C GLY A 195 2.65 -11.69 -21.52
N GLU A 196 3.11 -12.91 -21.21
CA GLU A 196 4.39 -13.37 -21.72
C GLU A 196 4.40 -13.41 -23.24
N ARG A 197 3.29 -13.85 -23.85
CA ARG A 197 3.23 -13.95 -25.30
C ARG A 197 3.17 -12.58 -25.96
N LEU A 198 2.55 -11.59 -25.31
CA LEU A 198 2.31 -10.29 -25.92
C LEU A 198 3.20 -9.19 -25.39
N GLY A 199 3.97 -9.43 -24.33
CA GLY A 199 4.79 -8.39 -23.76
C GLY A 199 4.00 -7.35 -23.00
N VAL A 200 2.88 -7.74 -22.40
CA VAL A 200 1.99 -6.83 -21.70
C VAL A 200 1.77 -7.36 -20.29
N HIS A 201 1.63 -6.44 -19.34
CA HIS A 201 1.35 -6.83 -17.97
C HIS A 201 0.01 -7.56 -17.90
N PRO A 202 -0.11 -8.64 -17.12
CA PRO A 202 -1.40 -9.34 -17.04
C PRO A 202 -2.55 -8.42 -16.66
N LEU A 203 -2.30 -7.33 -15.96
CA LEU A 203 -3.37 -6.38 -15.64
C LEU A 203 -4.06 -5.87 -16.89
N SER A 204 -3.30 -5.66 -17.97
CA SER A 204 -3.85 -5.18 -19.22
C SER A 204 -4.21 -6.30 -20.19
N CYS A 205 -3.92 -7.55 -19.83
CA CYS A 205 -4.36 -8.71 -20.59
C CYS A 205 -5.61 -9.27 -19.95
N HIS A 206 -6.66 -9.43 -20.74
CA HIS A 206 -7.97 -9.83 -20.25
C HIS A 206 -8.39 -11.14 -20.90
N GLY A 207 -8.72 -12.12 -20.06
CA GLY A 207 -9.18 -13.43 -20.53
C GLY A 207 -9.83 -14.16 -19.37
N TRP A 208 -10.82 -15.01 -19.70
CA TRP A 208 -11.65 -15.63 -18.67
C TRP A 208 -11.68 -17.13 -18.85
N VAL A 209 -11.29 -17.86 -17.81
CA VAL A 209 -11.43 -19.31 -17.75
C VAL A 209 -12.59 -19.61 -16.81
N LEU A 210 -13.61 -20.28 -17.32
CA LEU A 210 -14.82 -20.57 -16.57
C LEU A 210 -15.05 -22.08 -16.48
N GLY A 211 -16.03 -22.45 -15.68
CA GLY A 211 -16.38 -23.85 -15.52
C GLY A 211 -15.79 -24.48 -14.28
N GLU A 212 -15.39 -25.74 -14.37
CA GLU A 212 -14.85 -26.45 -13.23
C GLU A 212 -13.38 -26.10 -13.03
N HIS A 213 -13.02 -25.76 -11.79
CA HIS A 213 -11.62 -25.52 -11.43
C HIS A 213 -10.88 -26.84 -11.53
N GLY A 214 -10.58 -27.23 -12.76
CA GLY A 214 -9.92 -28.49 -13.01
C GLY A 214 -9.60 -28.72 -14.46
N ASP A 215 -9.52 -29.99 -14.87
CA ASP A 215 -9.12 -30.33 -16.23
C ASP A 215 -10.19 -29.96 -17.25
N SER A 216 -11.43 -29.73 -16.82
CA SER A 216 -12.53 -29.44 -17.73
C SER A 216 -12.85 -27.95 -17.81
N SER A 217 -11.97 -27.08 -17.31
CA SER A 217 -12.19 -25.65 -17.41
C SER A 217 -12.37 -25.24 -18.87
N VAL A 218 -13.09 -24.15 -19.07
CA VAL A 218 -13.46 -23.69 -20.41
C VAL A 218 -12.84 -22.31 -20.63
N PRO A 219 -11.95 -22.14 -21.60
CA PRO A 219 -11.45 -20.79 -21.91
C PRO A 219 -12.34 -20.07 -22.92
N VAL A 220 -12.80 -18.87 -22.55
CA VAL A 220 -13.70 -18.09 -23.40
C VAL A 220 -12.83 -17.29 -24.35
N TRP A 221 -12.49 -17.89 -25.50
CA TRP A 221 -11.65 -17.20 -26.46
C TRP A 221 -12.31 -15.94 -27.01
N SER A 222 -13.64 -15.93 -27.08
CA SER A 222 -14.35 -14.78 -27.63
C SER A 222 -14.15 -13.53 -26.79
N GLY A 223 -13.77 -13.68 -25.52
CA GLY A 223 -13.58 -12.56 -24.63
C GLY A 223 -12.15 -12.13 -24.44
N MET A 224 -11.19 -12.83 -25.01
CA MET A 224 -9.79 -12.43 -24.89
C MET A 224 -9.56 -11.13 -25.66
N ASN A 225 -8.89 -10.17 -25.02
CA ASN A 225 -8.67 -8.89 -25.66
C ASN A 225 -7.60 -8.12 -24.90
N VAL A 226 -6.99 -7.17 -25.60
CA VAL A 226 -6.12 -6.17 -25.01
C VAL A 226 -6.67 -4.81 -25.40
N ALA A 227 -7.01 -3.99 -24.40
CA ALA A 227 -7.57 -2.67 -24.64
C ALA A 227 -8.81 -2.74 -25.53
N GLY A 228 -9.65 -3.73 -25.27
CA GLY A 228 -10.89 -3.90 -26.00
C GLY A 228 -10.78 -4.50 -27.38
N VAL A 229 -9.58 -4.91 -27.79
CA VAL A 229 -9.37 -5.49 -29.11
C VAL A 229 -9.49 -7.00 -29.00
N SER A 230 -10.57 -7.56 -29.56
CA SER A 230 -10.80 -8.99 -29.52
C SER A 230 -9.69 -9.73 -30.26
N LEU A 231 -8.87 -10.50 -29.54
CA LEU A 231 -7.85 -11.30 -30.19
C LEU A 231 -8.46 -12.31 -31.15
N LYS A 232 -9.66 -12.80 -30.84
CA LYS A 232 -10.34 -13.74 -31.73
C LYS A 232 -10.73 -13.07 -33.04
N THR A 233 -10.99 -11.77 -33.02
CA THR A 233 -11.32 -11.07 -34.26
C THR A 233 -10.08 -10.89 -35.12
N LEU A 234 -8.97 -10.48 -34.52
CA LEU A 234 -7.72 -10.36 -35.26
C LEU A 234 -7.19 -11.71 -35.73
N HIS A 235 -7.59 -12.80 -35.08
CA HIS A 235 -7.05 -14.12 -35.37
C HIS A 235 -8.17 -15.14 -35.15
N PRO A 236 -9.03 -15.34 -36.16
CA PRO A 236 -10.19 -16.21 -35.96
C PRO A 236 -9.85 -17.61 -35.49
N ASP A 237 -8.74 -18.17 -35.94
CA ASP A 237 -8.32 -19.51 -35.51
C ASP A 237 -7.79 -19.55 -34.07
N LEU A 238 -8.00 -18.50 -33.30
CA LEU A 238 -7.53 -18.46 -31.91
C LEU A 238 -8.11 -19.62 -31.12
N GLY A 239 -7.23 -20.36 -30.43
CA GLY A 239 -7.66 -21.40 -29.53
C GLY A 239 -8.19 -22.66 -30.18
N THR A 240 -8.28 -22.70 -31.50
CA THR A 240 -8.81 -23.88 -32.19
C THR A 240 -7.66 -24.79 -32.62
N ASP A 241 -8.02 -25.90 -33.27
CA ASP A 241 -7.00 -26.83 -33.76
C ASP A 241 -6.26 -26.25 -34.95
N LYS A 242 -6.90 -25.39 -35.74
CA LYS A 242 -6.27 -24.79 -36.90
C LYS A 242 -5.35 -23.63 -36.53
N ASP A 243 -5.15 -23.36 -35.24
CA ASP A 243 -4.38 -22.21 -34.80
C ASP A 243 -2.91 -22.39 -35.20
N LYS A 244 -2.43 -21.50 -36.07
CA LYS A 244 -1.02 -21.55 -36.46
C LYS A 244 -0.12 -21.26 -35.28
N GLU A 245 -0.54 -20.36 -34.39
CA GLU A 245 0.24 -20.01 -33.21
C GLU A 245 -0.04 -20.92 -32.02
N GLN A 246 -1.03 -21.80 -32.11
CA GLN A 246 -1.31 -22.79 -31.07
C GLN A 246 -1.55 -22.11 -29.72
N TRP A 247 -2.59 -21.27 -29.68
CA TRP A 247 -2.99 -20.63 -28.43
C TRP A 247 -3.71 -21.59 -27.50
N LYS A 248 -4.22 -22.71 -28.02
CA LYS A 248 -4.83 -23.72 -27.16
C LYS A 248 -3.86 -24.21 -26.10
N GLU A 249 -2.55 -24.08 -26.34
CA GLU A 249 -1.57 -24.50 -25.34
C GLU A 249 -1.68 -23.64 -24.09
N VAL A 250 -1.97 -22.35 -24.25
CA VAL A 250 -2.05 -21.46 -23.09
C VAL A 250 -3.04 -22.01 -22.07
N HIS A 251 -4.20 -22.48 -22.54
CA HIS A 251 -5.16 -23.09 -21.62
C HIS A 251 -4.64 -24.42 -21.11
N LYS A 252 -3.98 -25.21 -21.97
CA LYS A 252 -3.39 -26.45 -21.52
C LYS A 252 -2.39 -26.20 -20.39
N GLN A 253 -1.58 -25.15 -20.51
CA GLN A 253 -0.64 -24.81 -19.44
C GLN A 253 -1.39 -24.48 -18.15
N VAL A 254 -2.52 -23.79 -18.26
CA VAL A 254 -3.30 -23.45 -17.07
C VAL A 254 -3.80 -24.71 -16.39
N VAL A 255 -4.25 -25.68 -17.18
CA VAL A 255 -4.74 -26.94 -16.60
C VAL A 255 -3.60 -27.72 -15.96
N GLU A 256 -2.42 -27.71 -16.59
CA GLU A 256 -1.27 -28.42 -16.08
C GLU A 256 -0.46 -27.63 -15.06
N SER A 257 -0.81 -26.36 -14.82
CA SER A 257 0.00 -25.53 -13.96
C SER A 257 0.14 -26.13 -12.56
N ALA A 258 -0.98 -26.49 -11.94
CA ALA A 258 -0.92 -27.02 -10.58
C ALA A 258 -0.12 -28.31 -10.52
N TYR A 259 -0.25 -29.17 -11.55
CA TYR A 259 0.51 -30.41 -11.58
C TYR A 259 2.01 -30.13 -11.69
N GLU A 260 2.39 -29.20 -12.57
CA GLU A 260 3.81 -28.94 -12.80
C GLU A 260 4.46 -28.31 -11.58
N VAL A 261 3.74 -27.46 -10.85
CA VAL A 261 4.31 -26.84 -9.67
C VAL A 261 4.43 -27.85 -8.53
N ILE A 262 3.40 -28.68 -8.34
CA ILE A 262 3.47 -29.73 -7.34
C ILE A 262 4.60 -30.71 -7.65
N LYS A 263 4.89 -30.92 -8.94
CA LYS A 263 5.95 -31.82 -9.34
C LYS A 263 7.34 -31.26 -9.05
N LEU A 264 7.46 -29.94 -8.87
CA LEU A 264 8.74 -29.28 -8.68
C LEU A 264 9.01 -28.92 -7.22
N LYS A 265 8.07 -28.23 -6.57
CA LYS A 265 8.22 -27.83 -5.18
C LYS A 265 7.34 -28.63 -4.23
N GLY A 266 6.46 -29.49 -4.75
CA GLY A 266 5.65 -30.35 -3.92
C GLY A 266 4.27 -29.83 -3.59
N TYR A 267 3.97 -28.57 -3.91
CA TYR A 267 2.69 -27.97 -3.55
C TYR A 267 2.63 -26.57 -4.15
N THR A 268 1.43 -26.01 -4.13
CA THR A 268 1.20 -24.62 -4.53
C THR A 268 0.67 -23.85 -3.33
N SER A 269 1.05 -22.58 -3.24
CA SER A 269 0.66 -21.78 -2.08
C SER A 269 0.64 -20.29 -2.37
N TRP A 270 1.69 -19.79 -3.03
CA TRP A 270 1.83 -18.34 -3.20
C TRP A 270 0.75 -17.79 -4.12
N ALA A 271 0.60 -18.38 -5.32
CA ALA A 271 -0.37 -17.86 -6.28
C ALA A 271 -1.79 -17.96 -5.72
N ILE A 272 -2.15 -19.12 -5.17
CA ILE A 272 -3.50 -19.26 -4.62
C ILE A 272 -3.68 -18.34 -3.42
N GLY A 273 -2.62 -18.12 -2.64
CA GLY A 273 -2.72 -17.20 -1.52
C GLY A 273 -3.01 -15.78 -1.97
N LEU A 274 -2.35 -15.34 -3.05
CA LEU A 274 -2.62 -14.00 -3.58
C LEU A 274 -3.99 -13.93 -4.23
N SER A 275 -4.43 -15.01 -4.87
CA SER A 275 -5.75 -15.03 -5.49
C SER A 275 -6.84 -14.90 -4.44
N VAL A 276 -6.79 -15.74 -3.39
CA VAL A 276 -7.78 -15.69 -2.34
C VAL A 276 -7.82 -14.30 -1.70
N ALA A 277 -6.64 -13.73 -1.43
CA ALA A 277 -6.61 -12.41 -0.81
C ALA A 277 -7.22 -11.35 -1.71
N ASP A 278 -7.19 -11.57 -3.03
CA ASP A 278 -7.84 -10.64 -3.95
C ASP A 278 -9.35 -10.71 -3.79
N LEU A 279 -9.90 -11.93 -3.74
CA LEU A 279 -11.32 -12.08 -3.46
C LEU A 279 -11.68 -11.49 -2.11
N ALA A 280 -10.84 -11.71 -1.10
CA ALA A 280 -11.09 -11.16 0.23
C ALA A 280 -11.21 -9.64 0.19
N GLU A 281 -10.39 -8.98 -0.62
CA GLU A 281 -10.41 -7.53 -0.67
C GLU A 281 -11.76 -7.01 -1.17
N SER A 282 -12.26 -7.60 -2.26
CA SER A 282 -13.54 -7.16 -2.80
C SER A 282 -14.68 -7.42 -1.81
N ILE A 283 -14.65 -8.57 -1.13
CA ILE A 283 -15.68 -8.87 -0.15
C ILE A 283 -15.56 -7.93 1.05
N MET A 284 -14.37 -7.87 1.65
CA MET A 284 -14.20 -7.09 2.87
C MET A 284 -14.42 -5.60 2.63
N LYS A 285 -14.18 -5.11 1.43
CA LYS A 285 -14.29 -3.69 1.12
C LYS A 285 -15.52 -3.36 0.28
N ASN A 286 -16.33 -4.35 -0.10
CA ASN A 286 -17.54 -4.11 -0.88
C ASN A 286 -17.24 -3.34 -2.17
N LEU A 287 -16.25 -3.84 -2.91
CA LEU A 287 -15.80 -3.13 -4.11
C LEU A 287 -16.72 -3.36 -5.29
N ARG A 288 -17.33 -4.54 -5.39
CA ARG A 288 -18.19 -4.91 -6.52
C ARG A 288 -17.35 -5.11 -7.79
N ARG A 289 -16.21 -5.78 -7.65
CA ARG A 289 -15.43 -6.21 -8.79
C ARG A 289 -15.94 -7.57 -9.29
N VAL A 290 -15.59 -7.90 -10.53
CA VAL A 290 -16.02 -9.14 -11.16
C VAL A 290 -14.88 -10.16 -11.03
N HIS A 291 -15.22 -11.34 -10.55
CA HIS A 291 -14.28 -12.44 -10.38
C HIS A 291 -14.93 -13.73 -10.84
N PRO A 292 -14.16 -14.66 -11.41
CA PRO A 292 -14.73 -15.97 -11.79
C PRO A 292 -14.64 -16.98 -10.65
N VAL A 293 -15.60 -16.89 -9.73
CA VAL A 293 -15.65 -17.74 -8.56
C VAL A 293 -16.73 -18.79 -8.74
N SER A 294 -16.62 -19.87 -7.97
CA SER A 294 -17.55 -20.99 -8.06
C SER A 294 -18.85 -20.67 -7.35
N THR A 295 -19.96 -20.76 -8.08
CA THR A 295 -21.28 -20.55 -7.50
C THR A 295 -22.28 -21.42 -8.25
N MET A 296 -23.49 -21.51 -7.70
CA MET A 296 -24.55 -22.28 -8.35
C MET A 296 -24.99 -21.58 -9.63
N ILE A 297 -25.04 -22.34 -10.72
CA ILE A 297 -25.42 -21.80 -12.03
C ILE A 297 -26.69 -22.47 -12.52
N LYS A 298 -27.61 -22.74 -11.59
CA LYS A 298 -28.89 -23.33 -11.97
C LYS A 298 -29.70 -22.34 -12.81
N GLY A 299 -30.12 -22.76 -13.99
CA GLY A 299 -30.85 -21.90 -14.88
C GLY A 299 -29.99 -21.16 -15.88
N LEU A 300 -28.75 -21.58 -16.08
CA LEU A 300 -27.82 -20.92 -17.00
C LEU A 300 -27.18 -21.96 -17.89
N TYR A 301 -27.08 -21.65 -19.18
CA TYR A 301 -26.42 -22.53 -20.15
C TYR A 301 -27.04 -23.92 -20.14
N GLY A 302 -28.31 -24.02 -19.80
CA GLY A 302 -29.01 -25.29 -19.81
C GLY A 302 -28.64 -26.20 -18.66
N ILE A 303 -28.92 -25.78 -17.44
CA ILE A 303 -28.62 -26.57 -16.25
C ILE A 303 -29.71 -26.36 -15.21
N LYS A 304 -30.45 -27.42 -14.90
CA LYS A 304 -31.50 -27.36 -13.89
C LYS A 304 -31.10 -28.00 -12.56
N ASP A 305 -29.94 -28.65 -12.51
CA ASP A 305 -29.48 -29.29 -11.30
C ASP A 305 -28.85 -28.26 -10.35
N ASP A 306 -28.40 -28.74 -9.19
CA ASP A 306 -27.75 -27.89 -8.20
C ASP A 306 -26.24 -28.11 -8.24
N VAL A 307 -25.63 -27.60 -9.30
CA VAL A 307 -24.20 -27.74 -9.54
C VAL A 307 -23.53 -26.39 -9.35
N PHE A 308 -22.35 -26.41 -8.76
CA PHE A 308 -21.52 -25.22 -8.56
C PHE A 308 -20.35 -25.24 -9.53
N LEU A 309 -20.04 -24.08 -10.09
CA LEU A 309 -18.86 -23.92 -10.93
C LEU A 309 -18.69 -22.43 -11.21
N SER A 310 -17.64 -22.10 -11.97
CA SER A 310 -17.13 -20.73 -12.03
C SER A 310 -17.79 -19.94 -13.15
N VAL A 311 -18.31 -18.77 -12.78
CA VAL A 311 -18.69 -17.73 -13.73
C VAL A 311 -18.32 -16.37 -13.15
N PRO A 312 -18.27 -15.34 -13.98
CA PRO A 312 -17.95 -14.00 -13.45
C PRO A 312 -19.05 -13.49 -12.55
N CYS A 313 -18.72 -13.29 -11.27
CA CYS A 313 -19.65 -12.79 -10.27
C CYS A 313 -19.15 -11.47 -9.71
N ILE A 314 -20.09 -10.64 -9.25
CA ILE A 314 -19.76 -9.37 -8.59
C ILE A 314 -19.70 -9.64 -7.08
N LEU A 315 -18.55 -9.39 -6.48
CA LEU A 315 -18.33 -9.66 -5.07
C LEU A 315 -18.39 -8.37 -4.26
N GLY A 316 -19.04 -8.46 -3.11
CA GLY A 316 -19.16 -7.32 -2.21
C GLY A 316 -19.29 -7.76 -0.76
N GLN A 317 -19.74 -6.86 0.11
CA GLN A 317 -19.85 -7.21 1.53
C GLN A 317 -20.85 -8.32 1.78
N ASN A 318 -21.83 -8.52 0.88
CA ASN A 318 -22.80 -9.58 0.99
C ASN A 318 -22.47 -10.78 0.11
N GLY A 319 -21.19 -10.96 -0.24
CA GLY A 319 -20.80 -12.06 -1.08
C GLY A 319 -21.18 -11.81 -2.54
N ILE A 320 -21.54 -12.90 -3.23
CA ILE A 320 -21.94 -12.84 -4.62
C ILE A 320 -23.30 -12.14 -4.71
N SER A 321 -23.30 -10.88 -5.14
CA SER A 321 -24.53 -10.13 -5.29
C SER A 321 -25.16 -10.28 -6.66
N ASP A 322 -24.37 -10.61 -7.69
CA ASP A 322 -24.87 -10.68 -9.05
C ASP A 322 -24.03 -11.66 -9.85
N LEU A 323 -24.55 -12.05 -11.01
CA LEU A 323 -23.84 -12.87 -11.98
C LEU A 323 -23.79 -12.14 -13.31
N VAL A 324 -22.72 -12.38 -14.07
CA VAL A 324 -22.55 -11.83 -15.41
C VAL A 324 -22.92 -12.92 -16.42
N LYS A 325 -23.82 -12.59 -17.34
CA LYS A 325 -24.30 -13.55 -18.34
C LYS A 325 -23.40 -13.48 -19.57
N VAL A 326 -22.29 -14.22 -19.49
CA VAL A 326 -21.33 -14.26 -20.58
C VAL A 326 -21.94 -15.01 -21.76
N THR A 327 -21.96 -14.38 -22.92
CA THR A 327 -22.43 -15.02 -24.14
C THR A 327 -21.41 -16.05 -24.59
N LEU A 328 -21.79 -17.33 -24.54
CA LEU A 328 -20.91 -18.43 -24.88
C LEU A 328 -21.26 -18.98 -26.25
N THR A 329 -20.23 -19.33 -27.02
CA THR A 329 -20.42 -19.91 -28.34
C THR A 329 -21.10 -21.26 -28.23
N SER A 330 -21.30 -21.92 -29.36
CA SER A 330 -21.89 -23.26 -29.35
C SER A 330 -20.93 -24.28 -28.75
N GLU A 331 -19.64 -24.15 -29.06
CA GLU A 331 -18.64 -25.05 -28.48
C GLU A 331 -18.35 -24.69 -27.03
N GLU A 332 -18.20 -23.40 -26.73
CA GLU A 332 -17.96 -22.98 -25.35
C GLU A 332 -19.09 -23.45 -24.43
N GLU A 333 -20.34 -23.21 -24.84
CA GLU A 333 -21.47 -23.64 -24.02
C GLU A 333 -21.56 -25.16 -23.96
N ALA A 334 -21.05 -25.86 -24.97
CA ALA A 334 -21.05 -27.32 -24.95
C ALA A 334 -20.12 -27.84 -23.85
N ARG A 335 -18.87 -27.37 -23.83
CA ARG A 335 -17.93 -27.81 -22.81
C ARG A 335 -18.47 -27.57 -21.42
N LEU A 336 -19.18 -26.45 -21.21
CA LEU A 336 -19.68 -26.13 -19.89
C LEU A 336 -20.76 -27.10 -19.43
N LYS A 337 -21.57 -27.59 -20.36
CA LYS A 337 -22.60 -28.57 -19.99
C LYS A 337 -21.98 -29.91 -19.62
N LYS A 338 -20.88 -30.29 -20.26
CA LYS A 338 -20.19 -31.52 -19.91
C LYS A 338 -19.39 -31.35 -18.62
N SER A 339 -18.69 -30.22 -18.48
CA SER A 339 -18.02 -29.92 -17.22
C SER A 339 -19.00 -29.83 -16.06
N ALA A 340 -20.26 -29.52 -16.35
CA ALA A 340 -21.30 -29.45 -15.32
C ALA A 340 -21.94 -30.80 -15.05
N ASP A 341 -22.17 -31.60 -16.10
CA ASP A 341 -22.78 -32.90 -15.91
C ASP A 341 -21.91 -33.78 -15.01
N THR A 342 -20.62 -33.90 -15.34
CA THR A 342 -19.72 -34.69 -14.52
C THR A 342 -19.68 -34.17 -13.08
N LEU A 343 -19.39 -32.88 -12.92
CA LEU A 343 -19.38 -32.27 -11.58
C LEU A 343 -20.65 -32.61 -10.82
N TRP A 344 -21.81 -32.44 -11.45
CA TRP A 344 -23.07 -32.71 -10.78
C TRP A 344 -23.17 -34.17 -10.36
N GLY A 345 -22.66 -35.08 -11.19
CA GLY A 345 -22.69 -36.49 -10.88
C GLY A 345 -22.18 -36.79 -9.49
N ILE A 346 -20.95 -36.40 -9.21
CA ILE A 346 -20.40 -36.56 -7.86
C ILE A 346 -21.33 -35.91 -6.85
N GLN A 347 -21.68 -34.65 -7.08
CA GLN A 347 -22.62 -33.94 -6.21
C GLN A 347 -23.94 -34.70 -6.11
N ASN B 17 -40.25 6.56 -19.79
CA ASN B 17 -40.46 6.04 -18.41
C ASN B 17 -41.79 5.28 -18.31
N LEU B 18 -42.75 5.67 -19.15
CA LEU B 18 -44.05 5.00 -19.14
C LEU B 18 -43.97 3.60 -19.73
N TYR B 19 -43.09 3.38 -20.69
CA TYR B 19 -42.98 2.11 -21.39
C TYR B 19 -41.86 1.26 -20.78
N PHE B 20 -42.02 -0.06 -20.89
CA PHE B 20 -41.00 -0.98 -20.43
C PHE B 20 -39.82 -1.00 -21.40
N GLN B 21 -38.62 -0.78 -20.88
CA GLN B 21 -37.41 -0.71 -21.67
C GLN B 21 -36.45 -1.80 -21.23
N ALA B 22 -36.10 -2.69 -22.16
CA ALA B 22 -35.09 -3.70 -21.88
C ALA B 22 -33.72 -3.03 -21.80
N THR B 23 -33.00 -3.29 -20.71
CA THR B 23 -31.76 -2.58 -20.40
C THR B 23 -30.55 -3.42 -20.78
N LEU B 24 -29.45 -2.72 -21.09
CA LEU B 24 -28.18 -3.40 -21.29
C LEU B 24 -27.70 -4.07 -20.01
N LYS B 25 -28.06 -3.49 -18.86
CA LYS B 25 -27.67 -4.08 -17.58
C LYS B 25 -28.39 -5.40 -17.35
N ASP B 26 -29.66 -5.49 -17.73
CA ASP B 26 -30.41 -6.74 -17.54
C ASP B 26 -29.89 -7.83 -18.46
N GLN B 27 -29.61 -7.51 -19.73
CA GLN B 27 -29.02 -8.49 -20.63
C GLN B 27 -27.70 -9.02 -20.08
N LEU B 28 -26.96 -8.19 -19.36
CA LEU B 28 -25.61 -8.50 -18.92
C LEU B 28 -25.55 -9.11 -17.52
N ILE B 29 -26.33 -8.59 -16.58
CA ILE B 29 -26.19 -8.92 -15.17
C ILE B 29 -27.46 -9.59 -14.69
N TYR B 30 -27.30 -10.69 -13.95
CA TYR B 30 -28.40 -11.36 -13.26
C TYR B 30 -28.27 -11.12 -11.77
N ASN B 31 -29.33 -10.61 -11.15
CA ASN B 31 -29.28 -10.15 -9.77
C ASN B 31 -29.65 -11.28 -8.81
N LEU B 32 -29.08 -11.19 -7.60
CA LEU B 32 -29.37 -12.11 -6.51
C LEU B 32 -29.94 -11.42 -5.28
N LEU B 33 -29.38 -10.27 -4.89
CA LEU B 33 -29.77 -9.55 -3.70
C LEU B 33 -30.32 -8.17 -4.08
N LYS B 34 -30.57 -7.35 -3.07
CA LYS B 34 -31.06 -6.00 -3.29
C LYS B 34 -31.01 -5.20 -1.99
N GLU B 35 -29.88 -5.29 -1.29
CA GLU B 35 -29.71 -4.64 0.01
C GLU B 35 -28.48 -3.76 -0.01
N GLU B 36 -28.65 -2.50 0.39
CA GLU B 36 -27.49 -1.63 0.58
C GLU B 36 -26.56 -2.18 1.64
N GLN B 37 -27.11 -2.93 2.60
CA GLN B 37 -26.39 -3.66 3.64
C GLN B 37 -25.89 -2.75 4.75
N THR B 38 -26.07 -1.44 4.65
CA THR B 38 -25.59 -0.51 5.66
C THR B 38 -24.06 -0.48 5.63
N PRO B 39 -23.43 0.68 5.64
CA PRO B 39 -21.97 0.71 5.56
C PRO B 39 -21.30 0.09 6.77
N GLN B 40 -20.14 -0.51 6.54
CA GLN B 40 -19.37 -1.19 7.59
C GLN B 40 -18.23 -0.34 8.13
N ASN B 41 -17.52 0.38 7.27
CA ASN B 41 -16.37 1.20 7.67
C ASN B 41 -16.48 2.58 7.02
N LYS B 42 -17.56 3.28 7.33
CA LYS B 42 -17.85 4.57 6.74
C LYS B 42 -17.20 5.69 7.55
N ILE B 43 -16.81 6.75 6.84
CA ILE B 43 -16.20 7.93 7.45
C ILE B 43 -16.85 9.16 6.84
N THR B 44 -17.06 10.17 7.67
CA THR B 44 -17.63 11.45 7.23
C THR B 44 -16.65 12.57 7.53
N VAL B 45 -16.59 13.54 6.62
CA VAL B 45 -15.72 14.70 6.77
C VAL B 45 -16.60 15.94 6.66
N VAL B 46 -16.72 16.68 7.75
CA VAL B 46 -17.51 17.91 7.78
C VAL B 46 -16.59 19.07 7.43
N GLY B 47 -16.91 19.76 6.33
CA GLY B 47 -16.08 20.83 5.85
C GLY B 47 -15.24 20.39 4.67
N VAL B 48 -15.36 21.08 3.54
CA VAL B 48 -14.65 20.72 2.32
C VAL B 48 -13.70 21.84 1.93
N GLY B 49 -13.13 22.51 2.92
CA GLY B 49 -12.05 23.43 2.66
C GLY B 49 -10.76 22.69 2.35
N ALA B 50 -9.66 23.43 2.38
CA ALA B 50 -8.35 22.83 2.13
C ALA B 50 -8.08 21.72 3.13
N VAL B 51 -8.30 21.98 4.42
CA VAL B 51 -8.06 20.98 5.45
C VAL B 51 -9.01 19.79 5.26
N GLY B 52 -10.27 20.08 4.94
CA GLY B 52 -11.23 18.99 4.80
C GLY B 52 -10.88 18.05 3.66
N MET B 53 -10.65 18.60 2.47
CA MET B 53 -10.30 17.77 1.33
C MET B 53 -8.95 17.09 1.53
N ALA B 54 -8.00 17.77 2.18
CA ALA B 54 -6.73 17.12 2.48
C ALA B 54 -6.92 15.85 3.29
N CYS B 55 -7.79 15.90 4.30
CA CYS B 55 -8.12 14.70 5.06
C CYS B 55 -8.84 13.67 4.19
N ALA B 56 -9.64 14.13 3.24
CA ALA B 56 -10.41 13.21 2.40
C ALA B 56 -9.50 12.42 1.47
N ILE B 57 -8.60 13.11 0.77
CA ILE B 57 -7.73 12.42 -0.18
C ILE B 57 -6.75 11.50 0.56
N SER B 58 -6.23 11.95 1.70
CA SER B 58 -5.33 11.12 2.47
C SER B 58 -6.04 9.86 2.97
N ILE B 59 -7.28 9.99 3.40
CA ILE B 59 -8.05 8.83 3.84
C ILE B 59 -8.37 7.92 2.65
N LEU B 60 -8.69 8.51 1.50
CA LEU B 60 -9.02 7.72 0.32
C LEU B 60 -7.83 6.90 -0.14
N MET B 61 -6.64 7.49 -0.14
CA MET B 61 -5.44 6.81 -0.63
C MET B 61 -4.79 5.92 0.43
N LYS B 62 -5.39 5.80 1.61
CA LYS B 62 -4.95 4.84 2.62
C LYS B 62 -5.95 3.71 2.81
N ASP B 63 -6.98 3.65 1.97
CA ASP B 63 -7.96 2.56 1.99
C ASP B 63 -8.52 2.35 3.40
N LEU B 64 -9.00 3.44 3.99
CA LEU B 64 -9.51 3.42 5.35
C LEU B 64 -11.03 3.41 5.44
N ALA B 65 -11.73 3.66 4.34
CA ALA B 65 -13.18 3.75 4.36
C ALA B 65 -13.78 3.10 3.13
N ASP B 66 -14.80 2.28 3.34
CA ASP B 66 -15.59 1.75 2.23
C ASP B 66 -16.67 2.71 1.77
N GLU B 67 -16.83 3.84 2.45
CA GLU B 67 -17.79 4.87 2.05
C GLU B 67 -17.35 6.19 2.68
N LEU B 68 -17.21 7.22 1.86
CA LEU B 68 -16.82 8.55 2.32
C LEU B 68 -17.97 9.52 2.09
N ALA B 69 -18.32 10.27 3.13
CA ALA B 69 -19.40 11.24 3.08
C ALA B 69 -18.86 12.62 3.37
N LEU B 70 -19.10 13.56 2.46
CA LEU B 70 -18.69 14.94 2.61
C LEU B 70 -19.91 15.83 2.88
N VAL B 71 -19.74 16.82 3.73
CA VAL B 71 -20.83 17.71 4.11
C VAL B 71 -20.28 19.11 4.34
N ASP B 72 -20.95 20.11 3.76
CA ASP B 72 -20.60 21.49 3.98
C ASP B 72 -21.76 22.36 3.50
N VAL B 73 -21.78 23.61 3.95
CA VAL B 73 -22.89 24.50 3.64
C VAL B 73 -22.80 25.07 2.23
N ILE B 74 -21.60 25.18 1.67
CA ILE B 74 -21.42 25.67 0.31
C ILE B 74 -21.68 24.51 -0.63
N GLU B 75 -22.87 24.47 -1.24
CA GLU B 75 -23.27 23.29 -2.00
C GLU B 75 -22.69 23.26 -3.40
N ASP B 76 -22.36 24.43 -3.97
CA ASP B 76 -21.71 24.44 -5.29
C ASP B 76 -20.32 23.83 -5.21
N LYS B 77 -19.54 24.23 -4.20
CA LYS B 77 -18.21 23.66 -4.03
C LYS B 77 -18.29 22.23 -3.53
N LEU B 78 -19.26 21.94 -2.65
CA LEU B 78 -19.41 20.58 -2.12
C LEU B 78 -19.60 19.57 -3.24
N LYS B 79 -20.43 19.90 -4.23
CA LYS B 79 -20.69 18.97 -5.32
C LYS B 79 -19.45 18.82 -6.20
N GLY B 80 -18.81 19.92 -6.56
CA GLY B 80 -17.62 19.84 -7.39
C GLY B 80 -16.54 18.98 -6.78
N GLU B 81 -16.33 19.11 -5.47
CA GLU B 81 -15.34 18.27 -4.79
C GLU B 81 -15.71 16.81 -4.88
N MET B 82 -16.98 16.49 -4.59
CA MET B 82 -17.43 15.10 -4.67
C MET B 82 -17.21 14.54 -6.08
N MET B 83 -17.63 15.30 -7.10
CA MET B 83 -17.45 14.84 -8.47
C MET B 83 -15.98 14.65 -8.80
N ASP B 84 -15.11 15.52 -8.26
CA ASP B 84 -13.69 15.41 -8.55
C ASP B 84 -13.10 14.13 -7.96
N LEU B 85 -13.52 13.77 -6.75
CA LEU B 85 -13.05 12.52 -6.15
C LEU B 85 -13.69 11.32 -6.85
N GLN B 86 -14.94 11.44 -7.28
CA GLN B 86 -15.61 10.32 -7.92
C GLN B 86 -14.96 9.98 -9.25
N HIS B 87 -14.49 10.99 -10.00
CA HIS B 87 -13.86 10.73 -11.28
C HIS B 87 -12.57 9.95 -11.14
N GLY B 88 -11.92 10.00 -9.99
CA GLY B 88 -10.72 9.24 -9.75
C GLY B 88 -10.99 7.93 -9.04
N SER B 89 -12.25 7.48 -9.06
CA SER B 89 -12.61 6.24 -8.37
C SER B 89 -11.82 5.06 -8.93
N LEU B 90 -11.54 5.06 -10.23
CA LEU B 90 -10.80 3.94 -10.83
C LEU B 90 -9.47 3.72 -10.13
N PHE B 91 -8.86 4.78 -9.59
CA PHE B 91 -7.56 4.69 -8.95
C PHE B 91 -7.66 4.59 -7.42
N LEU B 92 -8.85 4.29 -6.90
CA LEU B 92 -9.07 4.19 -5.46
C LEU B 92 -9.72 2.86 -5.14
N ARG B 93 -9.75 2.53 -3.85
CA ARG B 93 -10.41 1.33 -3.35
C ARG B 93 -11.54 1.68 -2.38
N THR B 94 -12.11 2.87 -2.54
CA THR B 94 -13.27 3.32 -1.77
C THR B 94 -14.46 3.41 -2.72
N PRO B 95 -15.38 2.43 -2.71
CA PRO B 95 -16.36 2.33 -3.79
C PRO B 95 -17.56 3.24 -3.68
N LYS B 96 -17.59 4.19 -2.75
CA LYS B 96 -18.77 5.05 -2.59
C LYS B 96 -18.33 6.39 -1.99
N ILE B 97 -18.65 7.47 -2.68
CA ILE B 97 -18.34 8.82 -2.23
C ILE B 97 -19.61 9.65 -2.42
N VAL B 98 -20.20 10.10 -1.32
CA VAL B 98 -21.45 10.85 -1.35
C VAL B 98 -21.23 12.20 -0.68
N SER B 99 -22.08 13.17 -1.03
CA SER B 99 -22.05 14.48 -0.42
C SER B 99 -23.47 15.06 -0.41
N GLY B 100 -23.64 16.11 0.37
CA GLY B 100 -24.93 16.77 0.50
C GLY B 100 -25.03 17.61 1.75
N LYS B 101 -25.75 18.73 1.66
CA LYS B 101 -25.89 19.60 2.83
C LYS B 101 -26.61 18.89 3.96
N ASP B 102 -27.62 18.09 3.64
CA ASP B 102 -28.37 17.37 4.66
C ASP B 102 -27.48 16.28 5.26
N TYR B 103 -27.32 16.31 6.58
CA TYR B 103 -26.45 15.38 7.28
C TYR B 103 -26.97 13.94 7.27
N ASN B 104 -28.10 13.67 6.59
CA ASN B 104 -28.56 12.29 6.48
C ASN B 104 -27.57 11.43 5.70
N VAL B 105 -26.78 12.05 4.82
CA VAL B 105 -25.77 11.32 4.07
C VAL B 105 -24.71 10.73 4.98
N THR B 106 -24.62 11.20 6.22
CA THR B 106 -23.59 10.77 7.15
C THR B 106 -24.04 9.62 8.04
N ALA B 107 -25.18 9.02 7.76
CA ALA B 107 -25.70 7.97 8.63
C ALA B 107 -24.75 6.79 8.70
N ASN B 108 -24.66 6.19 9.89
CA ASN B 108 -23.88 4.97 10.12
C ASN B 108 -22.38 5.20 9.96
N SER B 109 -21.92 6.43 10.19
CA SER B 109 -20.48 6.69 10.15
C SER B 109 -19.83 6.12 11.41
N LYS B 110 -18.74 5.37 11.22
CA LYS B 110 -17.94 4.93 12.35
C LYS B 110 -16.97 6.00 12.83
N LEU B 111 -16.76 7.05 12.03
CA LEU B 111 -15.85 8.12 12.40
C LEU B 111 -16.25 9.38 11.65
N VAL B 112 -16.38 10.49 12.36
CA VAL B 112 -16.77 11.77 11.79
C VAL B 112 -15.67 12.77 12.08
N ILE B 113 -15.13 13.37 11.02
CA ILE B 113 -14.05 14.34 11.10
C ILE B 113 -14.63 15.71 10.84
N ILE B 114 -14.44 16.63 11.78
CA ILE B 114 -15.04 17.96 11.73
C ILE B 114 -13.93 18.97 11.49
N THR B 115 -13.93 19.59 10.31
CA THR B 115 -12.98 20.64 9.97
C THR B 115 -13.68 21.95 9.64
N ALA B 116 -15.00 22.04 9.86
CA ALA B 116 -15.75 23.21 9.46
C ALA B 116 -15.53 24.37 10.43
N GLY B 117 -15.73 25.58 9.92
CA GLY B 117 -15.58 26.79 10.69
C GLY B 117 -14.78 27.83 9.95
N ALA B 118 -14.59 28.97 10.60
CA ALA B 118 -13.84 30.07 10.03
C ALA B 118 -12.34 29.79 10.10
N VAL B 130 -13.51 32.67 19.17
CA VAL B 130 -13.91 31.28 19.33
C VAL B 130 -15.43 31.16 19.24
N GLN B 131 -16.12 32.19 19.74
CA GLN B 131 -17.58 32.15 19.76
C GLN B 131 -18.16 32.01 18.36
N ARG B 132 -17.53 32.65 17.37
CA ARG B 132 -18.03 32.59 16.01
C ARG B 132 -18.09 31.15 15.51
N ASN B 133 -17.17 30.30 15.95
CA ASN B 133 -17.15 28.90 15.54
C ASN B 133 -17.90 28.00 16.49
N VAL B 134 -17.96 28.33 17.78
CA VAL B 134 -18.72 27.51 18.72
C VAL B 134 -20.19 27.51 18.37
N ASN B 135 -20.69 28.62 17.79
CA ASN B 135 -22.06 28.64 17.32
C ASN B 135 -22.27 27.62 16.20
N ILE B 136 -21.31 27.52 15.28
CA ILE B 136 -21.42 26.56 14.19
C ILE B 136 -21.53 25.15 14.74
N PHE B 137 -20.74 24.84 15.78
CA PHE B 137 -20.82 23.51 16.39
C PHE B 137 -22.22 23.19 16.89
N LYS B 138 -22.94 24.21 17.36
CA LYS B 138 -24.31 23.99 17.82
C LYS B 138 -25.18 23.45 16.70
N PHE B 139 -24.98 23.94 15.48
CA PHE B 139 -25.77 23.51 14.33
C PHE B 139 -25.21 22.26 13.67
N ILE B 140 -23.96 21.91 13.94
CA ILE B 140 -23.32 20.76 13.30
C ILE B 140 -23.37 19.52 14.19
N ILE B 141 -22.93 19.65 15.44
CA ILE B 141 -22.78 18.48 16.31
C ILE B 141 -24.08 17.70 16.42
N PRO B 142 -25.24 18.32 16.72
CA PRO B 142 -26.46 17.52 16.87
C PRO B 142 -26.82 16.73 15.62
N ASN B 143 -26.73 17.34 14.44
CA ASN B 143 -27.00 16.61 13.21
C ASN B 143 -26.10 15.40 13.08
N VAL B 144 -24.81 15.55 13.40
CA VAL B 144 -23.90 14.41 13.36
C VAL B 144 -24.35 13.35 14.35
N VAL B 145 -24.59 13.75 15.61
CA VAL B 145 -25.00 12.78 16.63
C VAL B 145 -26.34 12.15 16.26
N LYS B 146 -27.22 12.90 15.59
CA LYS B 146 -28.52 12.37 15.21
C LYS B 146 -28.38 11.14 14.32
N TYR B 147 -27.71 11.30 13.18
CA TYR B 147 -27.60 10.21 12.22
C TYR B 147 -26.46 9.26 12.53
N SER B 148 -25.48 9.69 13.34
CA SER B 148 -24.32 8.87 13.70
C SER B 148 -24.16 8.89 15.20
N PRO B 149 -24.89 8.05 15.93
CA PRO B 149 -24.81 8.06 17.40
C PRO B 149 -23.64 7.28 17.95
N ASN B 150 -23.30 6.16 17.31
CA ASN B 150 -22.20 5.31 17.77
C ASN B 150 -20.85 5.75 17.24
N CYS B 151 -20.78 6.86 16.52
CA CYS B 151 -19.54 7.25 15.84
C CYS B 151 -18.59 7.95 16.80
N LYS B 152 -17.30 7.84 16.50
CA LYS B 152 -16.27 8.60 17.19
C LYS B 152 -16.12 9.95 16.52
N LEU B 153 -16.07 11.02 17.32
CA LEU B 153 -15.85 12.36 16.81
C LEU B 153 -14.35 12.66 16.83
N LEU B 154 -13.85 13.18 15.71
CA LEU B 154 -12.46 13.62 15.59
C LEU B 154 -12.49 15.10 15.25
N ILE B 155 -12.33 15.94 16.27
CA ILE B 155 -12.42 17.38 16.09
C ILE B 155 -11.09 17.90 15.55
N VAL B 156 -11.15 18.68 14.47
CA VAL B 156 -9.97 19.21 13.84
C VAL B 156 -10.05 20.73 13.81
N SER B 157 -11.27 21.27 13.81
CA SER B 157 -11.45 22.71 13.77
C SER B 157 -10.76 23.38 14.95
N ASN B 158 -10.21 24.60 14.70
CA ASN B 158 -9.47 25.30 15.73
C ASN B 158 -10.36 26.30 16.46
N PRO B 159 -10.12 26.52 17.76
CA PRO B 159 -9.11 25.88 18.61
C PRO B 159 -9.54 24.47 19.01
N VAL B 160 -8.82 23.45 18.54
CA VAL B 160 -9.25 22.07 18.76
C VAL B 160 -9.31 21.75 20.25
N ASP B 161 -8.49 22.43 21.06
CA ASP B 161 -8.49 22.16 22.49
C ASP B 161 -9.84 22.48 23.12
N ILE B 162 -10.44 23.59 22.72
CA ILE B 162 -11.72 24.01 23.28
C ILE B 162 -12.88 23.37 22.54
N LEU B 163 -12.84 23.40 21.21
CA LEU B 163 -13.92 22.83 20.42
C LEU B 163 -14.09 21.34 20.66
N THR B 164 -13.04 20.65 21.11
CA THR B 164 -13.20 19.26 21.52
C THR B 164 -14.01 19.17 22.80
N TYR B 165 -13.81 20.12 23.72
CA TYR B 165 -14.64 20.21 24.92
C TYR B 165 -16.07 20.62 24.58
N VAL B 166 -16.23 21.46 23.54
CA VAL B 166 -17.57 21.87 23.13
C VAL B 166 -18.35 20.69 22.59
N ALA B 167 -17.87 20.07 21.51
CA ALA B 167 -18.55 18.93 20.92
C ALA B 167 -18.83 17.84 21.94
N TRP B 168 -18.06 17.78 23.02
CA TRP B 168 -18.31 16.81 24.09
C TRP B 168 -19.50 17.23 24.96
N LYS B 169 -19.79 18.53 25.02
CA LYS B 169 -20.95 19.02 25.76
C LYS B 169 -22.20 19.06 24.89
N ILE B 170 -22.08 19.51 23.64
CA ILE B 170 -23.23 19.59 22.76
C ILE B 170 -23.69 18.22 22.30
N SER B 171 -22.83 17.20 22.40
CA SER B 171 -23.15 15.87 21.90
C SER B 171 -23.60 14.90 22.98
N GLY B 172 -23.06 15.02 24.19
CA GLY B 172 -23.32 14.04 25.21
C GLY B 172 -22.60 12.72 25.02
N PHE B 173 -21.69 12.64 24.05
CA PHE B 173 -20.93 11.42 23.84
C PHE B 173 -19.99 11.19 25.02
N PRO B 174 -19.65 9.93 25.30
CA PRO B 174 -18.63 9.66 26.33
C PRO B 174 -17.27 10.15 25.86
N LYS B 175 -16.52 10.73 26.80
CA LYS B 175 -15.27 11.42 26.45
C LYS B 175 -14.37 10.58 25.54
N ASN B 176 -14.42 9.26 25.68
CA ASN B 176 -13.53 8.42 24.88
C ASN B 176 -13.84 8.53 23.39
N ARG B 177 -15.11 8.78 23.03
CA ARG B 177 -15.51 8.91 21.65
C ARG B 177 -15.54 10.37 21.18
N VAL B 178 -14.86 11.25 21.88
CA VAL B 178 -14.70 12.65 21.47
C VAL B 178 -13.20 12.92 21.48
N ILE B 179 -12.58 12.87 20.30
CA ILE B 179 -11.14 13.08 20.14
C ILE B 179 -10.92 14.38 19.39
N GLY B 180 -9.92 15.13 19.84
CA GLY B 180 -9.45 16.32 19.12
C GLY B 180 -8.07 16.06 18.55
N SER B 181 -7.86 16.51 17.31
CA SER B 181 -6.56 16.32 16.66
C SER B 181 -5.42 16.77 17.58
N GLY B 182 -5.56 17.97 18.15
CA GLY B 182 -4.63 18.40 19.18
C GLY B 182 -3.23 18.61 18.62
N CYS B 183 -2.25 18.00 19.27
CA CYS B 183 -0.84 18.20 18.96
C CYS B 183 -0.23 17.06 18.16
N ASN B 184 -1.06 16.23 17.51
CA ASN B 184 -0.52 15.15 16.69
C ASN B 184 0.32 15.72 15.55
N LEU B 185 -0.01 16.91 15.06
CA LEU B 185 0.77 17.54 14.02
C LEU B 185 1.98 18.29 14.59
N ASP B 186 1.80 18.94 15.74
CA ASP B 186 2.92 19.63 16.38
C ASP B 186 4.06 18.64 16.67
N SER B 187 3.72 17.44 17.15
CA SER B 187 4.74 16.44 17.39
C SER B 187 5.37 15.95 16.10
N ALA B 188 4.57 15.81 15.04
CA ALA B 188 5.12 15.41 13.75
C ALA B 188 6.07 16.46 13.22
N ARG B 189 5.70 17.74 13.32
CA ARG B 189 6.62 18.81 12.96
C ARG B 189 7.87 18.76 13.83
N PHE B 190 7.70 18.48 15.13
CA PHE B 190 8.83 18.45 16.04
C PHE B 190 9.80 17.34 15.67
N ARG B 191 9.28 16.18 15.29
CA ARG B 191 10.16 15.06 14.92
C ARG B 191 10.80 15.26 13.57
N TYR B 192 10.11 15.93 12.64
CA TYR B 192 10.72 16.24 11.35
C TYR B 192 11.92 17.17 11.54
N LEU B 193 11.79 18.16 12.43
CA LEU B 193 12.89 19.08 12.68
C LEU B 193 14.03 18.37 13.40
N MET B 194 13.70 17.49 14.35
CA MET B 194 14.73 16.64 14.97
C MET B 194 15.54 15.92 13.91
N GLY B 195 14.87 15.28 12.96
CA GLY B 195 15.57 14.52 11.94
C GLY B 195 16.49 15.38 11.10
N GLU B 196 16.05 16.59 10.76
CA GLU B 196 16.89 17.48 9.95
C GLU B 196 18.15 17.88 10.70
N ARG B 197 18.10 17.92 12.04
CA ARG B 197 19.29 18.24 12.82
C ARG B 197 20.18 17.03 13.06
N LEU B 198 19.63 15.82 13.02
CA LEU B 198 20.38 14.61 13.33
C LEU B 198 20.64 13.74 12.11
N GLY B 199 20.06 14.05 10.95
CA GLY B 199 20.20 13.18 9.81
C GLY B 199 19.51 11.85 9.96
N VAL B 200 18.37 11.83 10.66
CA VAL B 200 17.63 10.60 10.92
C VAL B 200 16.18 10.82 10.51
N HIS B 201 15.59 9.81 9.88
CA HIS B 201 14.19 9.90 9.49
C HIS B 201 13.34 10.19 10.72
N PRO B 202 12.30 11.03 10.61
CA PRO B 202 11.48 11.35 11.80
C PRO B 202 10.88 10.12 12.46
N LEU B 203 10.66 9.03 11.71
CA LEU B 203 10.16 7.80 12.30
C LEU B 203 11.06 7.31 13.43
N SER B 204 12.36 7.60 13.35
CA SER B 204 13.31 7.22 14.38
C SER B 204 13.70 8.37 15.29
N CYS B 205 13.05 9.53 15.14
CA CYS B 205 13.23 10.67 16.03
C CYS B 205 11.98 10.77 16.91
N HIS B 206 12.11 10.42 18.18
CA HIS B 206 10.99 10.36 19.11
C HIS B 206 10.97 11.61 19.97
N GLY B 207 9.81 12.26 20.03
CA GLY B 207 9.64 13.47 20.79
C GLY B 207 8.18 13.86 20.86
N TRP B 208 7.75 14.53 21.93
CA TRP B 208 6.35 14.79 22.17
C TRP B 208 6.12 16.26 22.50
N VAL B 209 5.17 16.86 21.79
CA VAL B 209 4.72 18.23 22.05
C VAL B 209 3.30 18.13 22.60
N LEU B 210 3.11 18.53 23.85
CA LEU B 210 1.85 18.35 24.56
C LEU B 210 1.26 19.71 24.93
N GLY B 211 0.08 19.67 25.54
CA GLY B 211 -0.59 20.88 26.00
C GLY B 211 -1.54 21.44 24.96
N GLU B 212 -1.49 22.75 24.77
CA GLU B 212 -2.36 23.43 23.81
C GLU B 212 -1.76 23.36 22.41
N HIS B 213 -2.61 23.05 21.44
CA HIS B 213 -2.21 23.11 20.03
C HIS B 213 -2.10 24.58 19.61
N GLY B 214 -1.05 25.25 20.09
CA GLY B 214 -0.88 26.66 19.79
C GLY B 214 0.44 27.22 20.32
N ASP B 215 0.44 28.51 20.63
CA ASP B 215 1.68 29.16 21.06
C ASP B 215 2.18 28.66 22.41
N SER B 216 1.33 28.00 23.19
CA SER B 216 1.69 27.53 24.52
C SER B 216 1.92 26.03 24.58
N SER B 217 2.25 25.41 23.44
CA SER B 217 2.57 23.99 23.43
C SER B 217 3.77 23.72 24.34
N VAL B 218 3.85 22.48 24.83
CA VAL B 218 4.85 22.10 25.82
C VAL B 218 5.76 21.02 25.25
N PRO B 219 7.04 21.32 24.96
CA PRO B 219 7.96 20.28 24.48
C PRO B 219 8.51 19.47 25.64
N VAL B 220 8.31 18.16 25.59
CA VAL B 220 8.77 17.26 26.66
C VAL B 220 10.21 16.91 26.34
N TRP B 221 11.13 17.77 26.79
CA TRP B 221 12.55 17.56 26.50
C TRP B 221 13.08 16.27 27.12
N SER B 222 12.44 15.77 28.17
CA SER B 222 12.94 14.59 28.87
C SER B 222 12.64 13.29 28.14
N GLY B 223 11.82 13.32 27.09
CA GLY B 223 11.47 12.11 26.37
C GLY B 223 12.15 12.00 25.02
N MET B 224 12.72 13.10 24.53
CA MET B 224 13.40 13.09 23.25
C MET B 224 14.53 12.07 23.26
N ASN B 225 14.55 11.21 22.24
CA ASN B 225 15.54 10.15 22.18
C ASN B 225 15.63 9.61 20.77
N VAL B 226 16.76 8.97 20.49
CA VAL B 226 16.96 8.17 19.28
C VAL B 226 17.43 6.80 19.74
N ALA B 227 16.71 5.75 19.35
CA ALA B 227 17.03 4.39 19.77
C ALA B 227 17.12 4.29 21.28
N GLY B 228 16.23 5.00 21.97
CA GLY B 228 16.17 4.95 23.41
C GLY B 228 17.21 5.75 24.14
N VAL B 229 18.11 6.44 23.43
CA VAL B 229 19.16 7.24 24.05
C VAL B 229 18.59 8.63 24.30
N SER B 230 18.45 9.00 25.57
CA SER B 230 17.89 10.30 25.92
C SER B 230 18.87 11.41 25.54
N LEU B 231 18.39 12.38 24.76
CA LEU B 231 19.26 13.48 24.35
C LEU B 231 19.59 14.40 25.51
N LYS B 232 18.62 14.64 26.39
CA LYS B 232 18.87 15.53 27.53
C LYS B 232 19.95 14.96 28.44
N THR B 233 20.00 13.64 28.59
CA THR B 233 21.06 13.03 29.38
C THR B 233 22.43 13.31 28.76
N LEU B 234 22.54 13.18 27.44
CA LEU B 234 23.79 13.52 26.76
C LEU B 234 24.07 15.02 26.86
N HIS B 235 23.02 15.84 26.74
CA HIS B 235 23.15 17.28 26.59
C HIS B 235 22.21 17.94 27.59
N PRO B 236 22.60 18.01 28.87
CA PRO B 236 21.68 18.53 29.90
C PRO B 236 21.13 19.91 29.60
N ASP B 237 21.86 20.74 28.86
CA ASP B 237 21.37 22.07 28.51
C ASP B 237 20.21 22.03 27.51
N LEU B 238 19.84 20.85 27.02
CA LEU B 238 18.82 20.73 26.00
C LEU B 238 17.57 21.51 26.37
N GLY B 239 17.15 22.40 25.48
CA GLY B 239 15.90 23.14 25.63
C GLY B 239 16.01 24.42 26.43
N THR B 240 17.15 24.68 27.07
CA THR B 240 17.30 25.86 27.90
C THR B 240 17.88 27.01 27.07
N ASP B 241 18.03 28.17 27.71
CA ASP B 241 18.63 29.32 27.04
C ASP B 241 20.15 29.20 26.97
N LYS B 242 20.76 28.47 27.91
CA LYS B 242 22.21 28.26 27.87
C LYS B 242 22.61 27.26 26.80
N ASP B 243 21.66 26.49 26.27
CA ASP B 243 21.95 25.52 25.22
C ASP B 243 22.69 26.19 24.07
N LYS B 244 23.96 25.82 23.88
CA LYS B 244 24.74 26.40 22.79
C LYS B 244 24.15 26.05 21.43
N GLU B 245 23.48 24.90 21.33
CA GLU B 245 22.88 24.47 20.07
C GLU B 245 21.50 25.05 19.83
N GLN B 246 20.89 25.68 20.84
CA GLN B 246 19.60 26.34 20.70
C GLN B 246 18.53 25.37 20.21
N TRP B 247 18.40 24.25 20.92
CA TRP B 247 17.32 23.32 20.62
C TRP B 247 15.95 23.89 20.99
N LYS B 248 15.90 24.99 21.74
CA LYS B 248 14.63 25.64 22.02
C LYS B 248 14.00 26.21 20.75
N GLU B 249 14.83 26.65 19.80
CA GLU B 249 14.32 27.14 18.52
C GLU B 249 13.51 26.08 17.79
N VAL B 250 13.75 24.80 18.09
CA VAL B 250 12.99 23.73 17.43
C VAL B 250 11.52 23.81 17.82
N HIS B 251 11.24 23.97 19.12
CA HIS B 251 9.86 24.14 19.54
C HIS B 251 9.28 25.44 19.01
N LYS B 252 10.06 26.52 19.05
CA LYS B 252 9.61 27.78 18.48
C LYS B 252 9.18 27.59 17.02
N GLN B 253 9.90 26.74 16.28
CA GLN B 253 9.52 26.48 14.90
C GLN B 253 8.22 25.69 14.82
N VAL B 254 8.03 24.75 15.75
CA VAL B 254 6.77 23.99 15.78
C VAL B 254 5.59 24.93 16.03
N VAL B 255 5.81 25.99 16.80
CA VAL B 255 4.74 26.94 17.08
C VAL B 255 4.52 27.86 15.89
N GLU B 256 5.59 28.39 15.33
CA GLU B 256 5.49 29.32 14.20
C GLU B 256 5.29 28.61 12.87
N SER B 257 5.25 27.28 12.84
CA SER B 257 5.12 26.57 11.58
C SER B 257 3.89 27.02 10.81
N ALA B 258 2.71 26.82 11.39
CA ALA B 258 1.48 27.19 10.70
C ALA B 258 1.49 28.66 10.28
N TYR B 259 1.98 29.53 11.15
CA TYR B 259 2.08 30.95 10.81
C TYR B 259 2.91 31.15 9.55
N GLU B 260 3.99 30.37 9.40
CA GLU B 260 4.89 30.56 8.27
C GLU B 260 4.30 30.00 6.98
N VAL B 261 3.71 28.80 7.03
CA VAL B 261 3.10 28.23 5.84
C VAL B 261 1.90 29.07 5.40
N ILE B 262 1.11 29.55 6.36
CA ILE B 262 -0.05 30.37 6.03
C ILE B 262 0.38 31.65 5.32
N LYS B 263 1.43 32.30 5.84
CA LYS B 263 1.92 33.52 5.20
C LYS B 263 2.50 33.26 3.82
N LEU B 264 2.81 32.00 3.49
CA LEU B 264 3.41 31.67 2.20
C LEU B 264 2.36 31.25 1.17
N LYS B 265 1.56 30.24 1.50
CA LYS B 265 0.53 29.73 0.59
C LYS B 265 -0.87 30.10 1.00
N GLY B 266 -1.06 30.70 2.18
CA GLY B 266 -2.35 31.15 2.63
C GLY B 266 -3.07 30.21 3.56
N TYR B 267 -2.53 29.01 3.80
CA TYR B 267 -3.20 28.01 4.62
C TYR B 267 -2.27 26.80 4.75
N THR B 268 -2.65 25.88 5.63
CA THR B 268 -1.95 24.61 5.79
C THR B 268 -2.97 23.49 5.64
N SER B 269 -2.62 22.47 4.86
CA SER B 269 -3.59 21.42 4.55
C SER B 269 -2.92 20.05 4.47
N TRP B 270 -1.86 19.92 3.68
CA TRP B 270 -1.24 18.62 3.46
C TRP B 270 -0.77 18.01 4.77
N ALA B 271 -0.05 18.78 5.58
CA ALA B 271 0.49 18.25 6.83
C ALA B 271 -0.64 17.80 7.77
N ILE B 272 -1.63 18.67 7.98
CA ILE B 272 -2.72 18.30 8.89
C ILE B 272 -3.53 17.16 8.31
N GLY B 273 -3.68 17.10 6.98
CA GLY B 273 -4.42 16.01 6.38
C GLY B 273 -3.80 14.66 6.64
N LEU B 274 -2.48 14.57 6.45
CA LEU B 274 -1.78 13.31 6.72
C LEU B 274 -1.84 12.95 8.20
N SER B 275 -1.84 13.96 9.09
CA SER B 275 -1.95 13.70 10.51
C SER B 275 -3.32 13.09 10.84
N VAL B 276 -4.39 13.69 10.33
CA VAL B 276 -5.73 13.20 10.61
C VAL B 276 -5.91 11.76 10.10
N ALA B 277 -5.37 11.48 8.91
CA ALA B 277 -5.51 10.14 8.36
C ALA B 277 -4.77 9.12 9.21
N ASP B 278 -3.62 9.49 9.77
CA ASP B 278 -2.90 8.59 10.66
C ASP B 278 -3.68 8.32 11.93
N LEU B 279 -4.44 9.31 12.42
CA LEU B 279 -5.35 9.07 13.53
C LEU B 279 -6.50 8.17 13.11
N ALA B 280 -7.11 8.48 11.96
CA ALA B 280 -8.20 7.65 11.45
C ALA B 280 -7.74 6.22 11.21
N GLU B 281 -6.45 6.02 10.92
CA GLU B 281 -5.95 4.67 10.74
C GLU B 281 -5.96 3.90 12.05
N SER B 282 -5.49 4.53 13.13
CA SER B 282 -5.50 3.88 14.44
C SER B 282 -6.92 3.62 14.91
N ILE B 283 -7.84 4.56 14.65
CA ILE B 283 -9.22 4.41 15.10
C ILE B 283 -9.92 3.33 14.29
N MET B 284 -9.91 3.46 12.97
CA MET B 284 -10.66 2.53 12.12
C MET B 284 -10.14 1.11 12.25
N LYS B 285 -8.82 0.93 12.29
CA LYS B 285 -8.22 -0.39 12.35
C LYS B 285 -7.92 -0.85 13.77
N ASN B 286 -8.22 -0.02 14.78
CA ASN B 286 -8.10 -0.42 16.18
C ASN B 286 -6.68 -0.89 16.51
N LEU B 287 -5.71 -0.04 16.18
CA LEU B 287 -4.31 -0.41 16.36
C LEU B 287 -3.84 -0.23 17.80
N ARG B 288 -4.40 0.74 18.51
CA ARG B 288 -3.96 1.08 19.87
C ARG B 288 -2.57 1.70 19.86
N ARG B 289 -2.34 2.63 18.93
CA ARG B 289 -1.13 3.43 18.92
C ARG B 289 -1.31 4.67 19.79
N VAL B 290 -0.19 5.24 20.22
CA VAL B 290 -0.17 6.39 21.11
C VAL B 290 -0.03 7.64 20.26
N HIS B 291 -0.96 8.59 20.44
CA HIS B 291 -0.94 9.87 19.75
C HIS B 291 -1.19 10.99 20.74
N PRO B 292 -0.59 12.17 20.52
CA PRO B 292 -0.90 13.31 21.39
C PRO B 292 -2.13 14.06 20.93
N VAL B 293 -3.30 13.62 21.40
CA VAL B 293 -4.58 14.18 20.97
C VAL B 293 -5.27 14.83 22.16
N SER B 294 -6.12 15.80 21.87
CA SER B 294 -6.83 16.52 22.91
C SER B 294 -7.78 15.59 23.66
N THR B 295 -7.95 15.86 24.95
CA THR B 295 -8.82 15.07 25.81
C THR B 295 -8.92 15.79 27.15
N MET B 296 -9.89 15.35 27.96
CA MET B 296 -10.07 15.93 29.29
C MET B 296 -8.95 15.47 30.21
N ILE B 297 -8.33 16.42 30.90
CA ILE B 297 -7.22 16.13 31.80
C ILE B 297 -7.54 16.65 33.20
N LYS B 298 -8.75 16.36 33.67
CA LYS B 298 -9.18 16.79 35.00
C LYS B 298 -8.51 15.91 36.05
N GLY B 299 -7.61 16.49 36.84
CA GLY B 299 -6.93 15.76 37.88
C GLY B 299 -5.43 15.66 37.67
N LEU B 300 -5.03 15.13 36.52
CA LEU B 300 -3.62 14.94 36.25
C LEU B 300 -2.87 16.27 36.28
N TYR B 301 -1.70 16.27 36.92
CA TYR B 301 -0.83 17.45 36.96
C TYR B 301 -1.48 18.60 37.72
N GLY B 302 -2.30 18.27 38.73
CA GLY B 302 -2.93 19.28 39.56
C GLY B 302 -4.00 20.10 38.89
N ILE B 303 -4.24 19.90 37.60
CA ILE B 303 -5.25 20.67 36.88
C ILE B 303 -6.63 20.14 37.27
N LYS B 304 -7.54 21.05 37.64
CA LYS B 304 -8.83 20.69 38.20
C LYS B 304 -9.97 20.84 37.19
N ASP B 305 -10.05 21.99 36.52
CA ASP B 305 -11.15 22.27 35.60
C ASP B 305 -11.19 21.23 34.48
N VAL B 307 -9.47 22.75 30.17
CA VAL B 307 -10.32 21.59 30.39
C VAL B 307 -9.93 20.45 29.46
N PHE B 308 -9.58 20.79 28.22
CA PHE B 308 -9.19 19.82 27.22
C PHE B 308 -7.86 20.24 26.60
N LEU B 309 -6.85 19.38 26.72
CA LEU B 309 -5.58 19.59 26.06
C LEU B 309 -4.97 18.24 25.73
N SER B 310 -3.88 18.27 24.96
CA SER B 310 -3.34 17.07 24.35
C SER B 310 -2.38 16.33 25.29
N VAL B 311 -2.48 15.01 25.28
CA VAL B 311 -1.56 14.13 25.99
C VAL B 311 -1.48 12.82 25.21
N PRO B 312 -0.52 11.94 25.49
CA PRO B 312 -0.44 10.67 24.76
C PRO B 312 -1.60 9.75 25.15
N CYS B 313 -2.37 9.32 24.16
CA CYS B 313 -3.53 8.47 24.37
C CYS B 313 -3.50 7.29 23.43
N ILE B 314 -3.90 6.12 23.94
CA ILE B 314 -4.15 4.97 23.07
C ILE B 314 -5.42 5.20 22.29
N LEU B 315 -5.39 4.89 20.99
CA LEU B 315 -6.53 5.11 20.11
C LEU B 315 -6.94 3.79 19.48
N GLY B 316 -8.24 3.53 19.46
CA GLY B 316 -8.78 2.31 18.88
C GLY B 316 -10.18 2.51 18.36
N GLN B 317 -10.90 1.40 18.14
CA GLN B 317 -12.26 1.49 17.64
C GLN B 317 -13.19 2.21 18.60
N ASN B 318 -12.84 2.28 19.88
CA ASN B 318 -13.62 3.00 20.88
C ASN B 318 -13.04 4.38 21.16
N GLY B 319 -12.19 4.90 20.27
CA GLY B 319 -11.55 6.17 20.53
C GLY B 319 -10.50 6.06 21.64
N ILE B 320 -10.30 7.16 22.35
CA ILE B 320 -9.34 7.21 23.45
C ILE B 320 -9.78 6.23 24.54
N SER B 321 -9.13 5.06 24.58
CA SER B 321 -9.43 4.05 25.59
C SER B 321 -8.50 4.13 26.79
N ASP B 322 -7.41 4.89 26.71
CA ASP B 322 -6.44 4.98 27.79
C ASP B 322 -5.71 6.31 27.71
N LEU B 323 -4.96 6.61 28.78
CA LEU B 323 -4.07 7.76 28.82
C LEU B 323 -2.71 7.29 29.34
N VAL B 324 -1.67 8.03 28.97
CA VAL B 324 -0.30 7.75 29.42
C VAL B 324 0.11 8.84 30.40
N LYS B 325 0.46 8.44 31.62
CA LYS B 325 0.85 9.37 32.68
C LYS B 325 2.33 9.69 32.51
N VAL B 326 2.62 10.59 31.57
CA VAL B 326 3.99 10.99 31.31
C VAL B 326 4.53 11.73 32.53
N THR B 327 5.74 11.34 32.95
CA THR B 327 6.41 12.01 34.06
C THR B 327 7.05 13.29 33.53
N LEU B 328 6.49 14.44 33.91
CA LEU B 328 6.97 15.74 33.47
C LEU B 328 7.88 16.35 34.55
N THR B 329 8.83 17.15 34.10
CA THR B 329 9.63 17.93 35.02
C THR B 329 8.77 19.03 35.64
N SER B 330 9.30 19.64 36.71
CA SER B 330 8.59 20.74 37.34
C SER B 330 8.43 21.91 36.37
N GLU B 331 9.47 22.19 35.59
CA GLU B 331 9.37 23.25 34.59
C GLU B 331 8.43 22.85 33.46
N GLU B 332 8.49 21.59 33.02
CA GLU B 332 7.59 21.11 31.98
C GLU B 332 6.14 21.20 32.46
N GLU B 333 5.84 20.57 33.60
CA GLU B 333 4.47 20.62 34.12
C GLU B 333 4.03 22.04 34.40
N ALA B 334 4.96 22.91 34.82
CA ALA B 334 4.61 24.31 35.06
C ALA B 334 4.03 24.94 33.79
N ARG B 335 4.68 24.72 32.65
CA ARG B 335 4.16 25.24 31.40
C ARG B 335 2.81 24.62 31.07
N LEU B 336 2.66 23.31 31.30
CA LEU B 336 1.39 22.65 31.03
C LEU B 336 0.28 23.27 31.88
N LYS B 337 0.51 23.40 33.19
CA LYS B 337 -0.44 24.12 34.03
C LYS B 337 -0.66 25.53 33.50
N LYS B 338 0.37 26.15 32.93
CA LYS B 338 0.19 27.45 32.29
C LYS B 338 -0.58 27.33 30.99
N SER B 339 -0.46 26.19 30.30
CA SER B 339 -1.23 25.97 29.08
C SER B 339 -2.70 25.75 29.40
N ALA B 340 -2.99 24.90 30.39
CA ALA B 340 -4.37 24.70 30.81
C ALA B 340 -4.98 25.98 31.36
N ASP B 341 -4.17 26.82 32.03
CA ASP B 341 -4.66 28.09 32.52
C ASP B 341 -5.08 29.00 31.36
N THR B 342 -4.21 29.14 30.35
CA THR B 342 -4.55 29.95 29.19
C THR B 342 -5.88 29.49 28.59
N LEU B 343 -6.06 28.18 28.45
CA LEU B 343 -7.32 27.62 27.97
C LEU B 343 -8.39 27.86 29.03
N TRP B 344 -9.21 28.88 28.83
CA TRP B 344 -10.30 29.21 29.75
C TRP B 344 -9.76 29.64 31.10
N ALA C 22 1.36 -11.99 -40.74
CA ALA C 22 1.79 -11.31 -39.53
C ALA C 22 1.20 -11.97 -38.29
N THR C 23 2.02 -12.12 -37.25
CA THR C 23 1.57 -12.78 -36.03
C THR C 23 0.53 -11.91 -35.30
N LEU C 24 -0.21 -12.57 -34.40
CA LEU C 24 -1.23 -11.86 -33.64
C LEU C 24 -0.62 -10.69 -32.87
N LYS C 25 0.55 -10.90 -32.27
CA LYS C 25 1.20 -9.82 -31.53
C LYS C 25 1.54 -8.65 -32.45
N ASP C 26 2.01 -8.94 -33.66
CA ASP C 26 2.38 -7.88 -34.58
C ASP C 26 1.13 -7.17 -35.11
N GLN C 27 0.05 -7.91 -35.32
CA GLN C 27 -1.21 -7.30 -35.75
C GLN C 27 -1.80 -6.40 -34.68
N LEU C 28 -1.37 -6.56 -33.43
CA LEU C 28 -1.96 -5.86 -32.29
C LEU C 28 -1.07 -4.79 -31.69
N ILE C 29 0.25 -4.97 -31.73
CA ILE C 29 1.19 -4.08 -31.04
C ILE C 29 2.19 -3.56 -32.05
N TYR C 30 2.34 -2.23 -32.09
CA TYR C 30 3.38 -1.58 -32.88
C TYR C 30 4.53 -1.20 -31.96
N ASN C 31 5.74 -1.62 -32.32
CA ASN C 31 6.90 -1.46 -31.47
C ASN C 31 7.62 -0.16 -31.74
N LEU C 32 8.15 0.45 -30.67
CA LEU C 32 8.99 1.63 -30.76
C LEU C 32 10.41 1.41 -30.24
N LEU C 33 10.59 0.55 -29.24
CA LEU C 33 11.87 0.38 -28.58
C LEU C 33 12.20 -1.11 -28.53
N LYS C 34 13.20 -1.52 -29.30
CA LYS C 34 13.81 -2.83 -29.10
C LYS C 34 14.88 -2.80 -28.01
N GLU C 35 15.31 -1.60 -27.61
CA GLU C 35 16.35 -1.48 -26.60
C GLU C 35 15.78 -1.74 -25.21
N GLU C 36 16.48 -2.55 -24.43
CA GLU C 36 16.15 -2.80 -23.04
C GLU C 36 17.18 -2.13 -22.14
N GLN C 37 16.78 -1.82 -20.92
CA GLN C 37 17.62 -1.11 -19.97
C GLN C 37 17.99 -2.03 -18.80
N THR C 38 19.12 -1.71 -18.17
CA THR C 38 19.51 -2.40 -16.95
C THR C 38 18.40 -2.25 -15.91
N PRO C 39 18.08 -3.29 -15.16
CA PRO C 39 17.06 -3.14 -14.11
C PRO C 39 17.48 -2.10 -13.09
N GLN C 40 16.52 -1.26 -12.70
CA GLN C 40 16.82 -0.11 -11.86
C GLN C 40 16.68 -0.39 -10.38
N ASN C 41 15.74 -1.25 -9.98
CA ASN C 41 15.49 -1.53 -8.57
C ASN C 41 15.38 -3.05 -8.38
N LYS C 42 16.45 -3.75 -8.70
CA LYS C 42 16.47 -5.20 -8.68
C LYS C 42 16.94 -5.72 -7.33
N ILE C 43 16.29 -6.78 -6.84
CA ILE C 43 16.67 -7.46 -5.61
C ILE C 43 16.81 -8.94 -5.91
N THR C 44 17.81 -9.57 -5.30
CA THR C 44 18.03 -11.00 -5.43
C THR C 44 17.91 -11.66 -4.06
N VAL C 45 17.24 -12.81 -4.04
CA VAL C 45 17.16 -13.65 -2.86
C VAL C 45 17.92 -14.94 -3.16
N VAL C 46 18.96 -15.22 -2.38
CA VAL C 46 19.75 -16.43 -2.52
C VAL C 46 19.24 -17.43 -1.49
N GLY C 47 18.76 -18.58 -1.98
CA GLY C 47 18.15 -19.58 -1.12
C GLY C 47 16.64 -19.51 -1.18
N VAL C 48 16.00 -20.59 -1.63
CA VAL C 48 14.55 -20.62 -1.80
C VAL C 48 13.92 -21.47 -0.70
N GLY C 49 14.56 -21.52 0.46
CA GLY C 49 13.98 -22.20 1.60
C GLY C 49 12.80 -21.43 2.15
N ALA C 50 12.36 -21.85 3.33
CA ALA C 50 11.23 -21.19 3.97
C ALA C 50 11.57 -19.74 4.32
N VAL C 51 12.83 -19.48 4.67
CA VAL C 51 13.24 -18.11 5.01
C VAL C 51 13.34 -17.27 3.75
N GLY C 52 13.99 -17.79 2.72
CA GLY C 52 14.16 -17.03 1.50
C GLY C 52 12.83 -16.69 0.84
N MET C 53 11.92 -17.67 0.77
CA MET C 53 10.63 -17.43 0.14
C MET C 53 9.75 -16.52 0.98
N ALA C 54 9.95 -16.50 2.30
CA ALA C 54 9.24 -15.54 3.13
C ALA C 54 9.75 -14.13 2.87
N CYS C 55 11.07 -13.97 2.68
CA CYS C 55 11.61 -12.67 2.28
C CYS C 55 11.10 -12.27 0.90
N ALA C 56 10.95 -13.25 0.01
CA ALA C 56 10.55 -12.95 -1.37
C ALA C 56 9.10 -12.48 -1.44
N ILE C 57 8.20 -13.17 -0.74
CA ILE C 57 6.78 -12.80 -0.79
C ILE C 57 6.55 -11.48 -0.08
N SER C 58 7.27 -11.23 1.01
CA SER C 58 7.13 -9.97 1.73
C SER C 58 7.63 -8.80 0.89
N ILE C 59 8.76 -8.99 0.19
CA ILE C 59 9.30 -7.93 -0.66
C ILE C 59 8.37 -7.67 -1.84
N LEU C 60 7.75 -8.72 -2.38
CA LEU C 60 6.85 -8.55 -3.51
C LEU C 60 5.61 -7.75 -3.13
N MET C 61 5.04 -8.02 -1.96
CA MET C 61 3.81 -7.36 -1.54
C MET C 61 4.05 -5.98 -0.93
N LYS C 62 5.31 -5.58 -0.77
CA LYS C 62 5.65 -4.23 -0.35
C LYS C 62 6.19 -3.38 -1.50
N ASP C 63 6.25 -3.93 -2.71
CA ASP C 63 6.61 -3.18 -3.92
C ASP C 63 7.94 -2.46 -3.74
N LEU C 64 8.96 -3.22 -3.34
CA LEU C 64 10.29 -2.66 -3.15
C LEU C 64 11.19 -2.80 -4.37
N ALA C 65 10.83 -3.63 -5.35
CA ALA C 65 11.69 -3.92 -6.47
C ALA C 65 10.89 -4.04 -7.75
N ASP C 66 11.53 -3.72 -8.87
CA ASP C 66 10.97 -3.93 -10.20
C ASP C 66 11.43 -5.25 -10.82
N GLU C 67 12.37 -5.95 -10.21
CA GLU C 67 12.81 -7.25 -10.68
C GLU C 67 13.28 -8.07 -9.49
N LEU C 68 12.78 -9.30 -9.40
CA LEU C 68 13.17 -10.23 -8.36
C LEU C 68 13.89 -11.42 -9.00
N ALA C 69 15.05 -11.77 -8.46
CA ALA C 69 15.81 -12.91 -8.91
C ALA C 69 15.98 -13.89 -7.76
N LEU C 70 15.72 -15.17 -8.02
CA LEU C 70 15.87 -16.24 -7.04
C LEU C 70 17.00 -17.16 -7.47
N VAL C 71 17.90 -17.47 -6.54
CA VAL C 71 19.03 -18.34 -6.82
C VAL C 71 19.11 -19.41 -5.74
N ASP C 72 19.46 -20.63 -6.15
CA ASP C 72 19.70 -21.74 -5.25
C ASP C 72 20.32 -22.86 -6.06
N VAL C 73 20.72 -23.92 -5.37
CA VAL C 73 21.30 -25.09 -6.04
C VAL C 73 20.26 -26.15 -6.35
N ILE C 74 19.10 -26.11 -5.70
CA ILE C 74 18.02 -27.07 -5.96
C ILE C 74 17.33 -26.62 -7.24
N GLU C 75 17.59 -27.32 -8.35
CA GLU C 75 17.02 -26.91 -9.62
C GLU C 75 15.49 -27.08 -9.64
N ASP C 76 14.99 -28.16 -9.04
CA ASP C 76 13.56 -28.43 -9.10
C ASP C 76 12.78 -27.43 -8.24
N LYS C 77 13.11 -27.36 -6.95
CA LYS C 77 12.37 -26.46 -6.05
C LYS C 77 12.50 -25.01 -6.50
N LEU C 78 13.63 -24.65 -7.10
CA LEU C 78 13.82 -23.27 -7.55
C LEU C 78 12.80 -22.90 -8.63
N LYS C 79 12.64 -23.76 -9.63
CA LYS C 79 11.70 -23.47 -10.71
C LYS C 79 10.26 -23.47 -10.19
N GLY C 80 9.94 -24.37 -9.27
CA GLY C 80 8.59 -24.42 -8.74
C GLY C 80 8.22 -23.18 -7.94
N GLU C 81 9.18 -22.65 -7.17
CA GLU C 81 8.91 -21.44 -6.41
C GLU C 81 8.76 -20.23 -7.35
N MET C 82 9.57 -20.17 -8.40
CA MET C 82 9.45 -19.08 -9.36
C MET C 82 8.08 -19.09 -10.02
N MET C 83 7.65 -20.24 -10.53
CA MET C 83 6.36 -20.33 -11.19
C MET C 83 5.22 -19.99 -10.22
N ASP C 84 5.32 -20.44 -8.97
CA ASP C 84 4.26 -20.17 -8.01
C ASP C 84 4.10 -18.67 -7.78
N LEU C 85 5.21 -17.93 -7.79
CA LEU C 85 5.11 -16.47 -7.67
C LEU C 85 4.61 -15.85 -8.96
N GLN C 86 5.16 -16.28 -10.10
CA GLN C 86 4.77 -15.69 -11.38
C GLN C 86 3.28 -15.83 -11.63
N HIS C 87 2.70 -16.99 -11.29
CA HIS C 87 1.28 -17.20 -11.52
C HIS C 87 0.40 -16.23 -10.76
N GLY C 88 0.95 -15.52 -9.77
CA GLY C 88 0.20 -14.50 -9.06
C GLY C 88 0.62 -13.10 -9.46
N SER C 89 1.20 -12.97 -10.66
CA SER C 89 1.67 -11.66 -11.12
C SER C 89 0.51 -10.67 -11.27
N LEU C 90 -0.68 -11.16 -11.61
CA LEU C 90 -1.83 -10.28 -11.75
C LEU C 90 -2.10 -9.49 -10.48
N PHE C 91 -1.66 -9.98 -9.32
CA PHE C 91 -1.94 -9.35 -8.04
C PHE C 91 -0.69 -8.68 -7.45
N LEU C 92 0.35 -8.47 -8.26
CA LEU C 92 1.59 -7.88 -7.79
C LEU C 92 1.99 -6.74 -8.72
N ARG C 93 2.91 -5.92 -8.23
CA ARG C 93 3.45 -4.79 -8.99
C ARG C 93 4.95 -4.95 -9.23
N THR C 94 5.39 -6.19 -9.39
CA THR C 94 6.79 -6.52 -9.70
C THR C 94 6.80 -7.31 -11.00
N PRO C 95 7.05 -6.67 -12.14
CA PRO C 95 6.74 -7.30 -13.44
C PRO C 95 7.74 -8.33 -13.92
N LYS C 96 8.83 -8.59 -13.19
CA LYS C 96 9.85 -9.54 -13.64
C LYS C 96 10.30 -10.37 -12.46
N ILE C 97 10.09 -11.68 -12.56
CA ILE C 97 10.53 -12.65 -11.56
C ILE C 97 11.35 -13.71 -12.27
N VAL C 98 12.66 -13.70 -12.05
CA VAL C 98 13.57 -14.63 -12.70
C VAL C 98 14.17 -15.55 -11.63
N SER C 99 14.80 -16.63 -12.08
CA SER C 99 15.46 -17.55 -11.17
C SER C 99 16.37 -18.46 -11.99
N GLY C 100 17.23 -19.19 -11.29
CA GLY C 100 18.15 -20.12 -11.93
C GLY C 100 19.36 -20.44 -11.08
N LYS C 101 19.93 -21.63 -11.28
CA LYS C 101 21.13 -22.02 -10.54
C LYS C 101 22.34 -21.18 -10.94
N ASP C 102 22.35 -20.61 -12.14
CA ASP C 102 23.44 -19.76 -12.58
C ASP C 102 23.26 -18.37 -12.00
N TYR C 103 24.33 -17.83 -11.40
CA TYR C 103 24.25 -16.54 -10.73
C TYR C 103 24.17 -15.36 -11.69
N ASN C 104 24.24 -15.59 -13.00
CA ASN C 104 24.11 -14.48 -13.94
C ASN C 104 22.72 -13.84 -13.89
N VAL C 105 21.73 -14.53 -13.31
CA VAL C 105 20.37 -14.01 -13.20
C VAL C 105 20.31 -12.97 -12.10
N THR C 106 21.41 -12.77 -11.38
CA THR C 106 21.47 -11.79 -10.31
C THR C 106 22.19 -10.51 -10.71
N ALA C 107 22.49 -10.34 -11.99
CA ALA C 107 23.27 -9.19 -12.43
C ALA C 107 22.55 -7.88 -12.15
N ASN C 108 23.32 -6.87 -11.75
CA ASN C 108 22.83 -5.51 -11.54
C ASN C 108 21.86 -5.40 -10.38
N SER C 109 21.90 -6.35 -9.45
CA SER C 109 21.06 -6.27 -8.26
C SER C 109 21.51 -5.10 -7.40
N LYS C 110 20.55 -4.31 -6.92
CA LYS C 110 20.86 -3.28 -5.93
C LYS C 110 21.02 -3.88 -4.53
N LEU C 111 20.35 -5.00 -4.27
CA LEU C 111 20.36 -5.63 -2.94
C LEU C 111 20.29 -7.13 -3.13
N VAL C 112 21.25 -7.85 -2.55
CA VAL C 112 21.28 -9.31 -2.61
C VAL C 112 21.06 -9.83 -1.21
N ILE C 113 19.99 -10.59 -1.02
CA ILE C 113 19.61 -11.14 0.28
C ILE C 113 20.02 -12.61 0.29
N ILE C 114 20.93 -12.95 1.20
CA ILE C 114 21.54 -14.27 1.26
C ILE C 114 20.91 -15.02 2.42
N THR C 115 20.06 -16.00 2.11
CA THR C 115 19.42 -16.83 3.11
C THR C 115 19.83 -18.30 3.02
N ALA C 116 20.63 -18.68 2.04
CA ALA C 116 21.01 -20.07 1.86
C ALA C 116 21.90 -20.53 3.02
N GLY C 117 21.99 -21.85 3.16
CA GLY C 117 22.82 -22.44 4.20
C GLY C 117 22.05 -23.34 5.14
N ALA C 118 22.76 -24.19 5.87
CA ALA C 118 22.12 -25.09 6.82
C ALA C 118 21.39 -24.28 7.88
N ARG C 119 20.13 -24.63 8.12
CA ARG C 119 19.29 -23.91 9.06
C ARG C 119 19.31 -24.58 10.43
N GLN C 120 18.88 -23.84 11.44
CA GLN C 120 18.95 -24.29 12.82
C GLN C 120 17.91 -25.38 13.08
N GLN C 121 18.38 -26.56 13.45
CA GLN C 121 17.49 -27.65 13.84
C GLN C 121 17.10 -27.52 15.31
N GLU C 122 16.06 -28.24 15.70
CA GLU C 122 15.51 -28.11 17.05
C GLU C 122 16.58 -28.44 18.08
N GLY C 123 16.69 -27.58 19.10
CA GLY C 123 17.65 -27.77 20.16
C GLY C 123 19.03 -27.24 19.82
N GLU C 124 19.37 -27.22 18.53
CA GLU C 124 20.67 -26.77 18.09
C GLU C 124 20.82 -25.27 18.29
N SER C 125 22.07 -24.83 18.42
CA SER C 125 22.41 -23.43 18.55
C SER C 125 22.86 -22.89 17.20
N ARG C 126 22.52 -21.63 16.92
CA ARG C 126 22.91 -21.01 15.66
C ARG C 126 24.41 -21.06 15.43
N LEU C 127 25.21 -21.14 16.51
CA LEU C 127 26.66 -21.13 16.39
C LEU C 127 27.23 -22.46 15.89
N ASN C 128 26.44 -23.54 15.90
CA ASN C 128 26.91 -24.80 15.35
C ASN C 128 26.90 -24.79 13.82
N LEU C 129 26.16 -23.86 13.20
CA LEU C 129 26.09 -23.78 11.75
C LEU C 129 27.27 -23.05 11.13
N VAL C 130 28.19 -22.54 11.96
CA VAL C 130 29.24 -21.66 11.44
C VAL C 130 30.02 -22.34 10.33
N GLN C 131 30.70 -23.44 10.66
CA GLN C 131 31.64 -24.04 9.72
C GLN C 131 30.93 -24.57 8.48
N ARG C 132 29.69 -25.01 8.62
CA ARG C 132 28.93 -25.48 7.45
C ARG C 132 28.63 -24.33 6.50
N ASN C 133 28.11 -23.22 7.04
CA ASN C 133 27.72 -22.10 6.19
C ASN C 133 28.91 -21.27 5.72
N VAL C 134 30.00 -21.27 6.49
CA VAL C 134 31.21 -20.58 6.04
C VAL C 134 31.69 -21.17 4.72
N ASN C 135 31.67 -22.50 4.60
CA ASN C 135 32.05 -23.12 3.34
C ASN C 135 31.06 -22.78 2.23
N ILE C 136 29.78 -22.66 2.59
CA ILE C 136 28.78 -22.29 1.60
C ILE C 136 28.99 -20.85 1.14
N PHE C 137 29.28 -19.95 2.08
CA PHE C 137 29.49 -18.55 1.72
C PHE C 137 30.74 -18.37 0.85
N LYS C 138 31.72 -19.26 0.99
CA LYS C 138 32.89 -19.19 0.12
C LYS C 138 32.52 -19.43 -1.34
N PHE C 139 31.36 -20.01 -1.61
CA PHE C 139 30.85 -20.21 -2.95
C PHE C 139 29.83 -19.16 -3.37
N ILE C 140 28.97 -18.74 -2.44
CA ILE C 140 27.90 -17.80 -2.79
C ILE C 140 28.46 -16.41 -2.98
N ILE C 141 29.21 -15.90 -2.00
CA ILE C 141 29.62 -14.50 -2.01
C ILE C 141 30.37 -14.14 -3.28
N PRO C 142 31.39 -14.89 -3.72
CA PRO C 142 32.13 -14.46 -4.92
C PRO C 142 31.27 -14.39 -6.18
N ASN C 143 30.33 -15.32 -6.35
CA ASN C 143 29.46 -15.27 -7.52
C ASN C 143 28.54 -14.06 -7.46
N VAL C 144 27.99 -13.76 -6.29
CA VAL C 144 27.15 -12.57 -6.13
C VAL C 144 27.95 -11.32 -6.49
N VAL C 145 29.15 -11.19 -5.92
CA VAL C 145 29.96 -9.99 -6.14
C VAL C 145 30.35 -9.86 -7.61
N LYS C 146 30.51 -10.98 -8.31
CA LYS C 146 30.89 -10.93 -9.72
C LYS C 146 29.85 -10.18 -10.54
N TYR C 147 28.57 -10.52 -10.36
CA TYR C 147 27.52 -9.99 -11.20
C TYR C 147 26.87 -8.72 -10.65
N SER C 148 27.05 -8.42 -9.37
CA SER C 148 26.50 -7.23 -8.75
C SER C 148 27.56 -6.60 -7.84
N PRO C 149 28.62 -6.06 -8.44
CA PRO C 149 29.71 -5.50 -7.62
C PRO C 149 29.33 -4.24 -6.84
N ASN C 150 28.20 -3.60 -7.17
CA ASN C 150 27.76 -2.39 -6.49
C ASN C 150 26.65 -2.64 -5.48
N CYS C 151 26.24 -3.89 -5.29
CA CYS C 151 25.06 -4.18 -4.48
C CYS C 151 25.39 -4.08 -3.00
N LYS C 152 24.34 -3.96 -2.20
CA LYS C 152 24.43 -4.16 -0.76
C LYS C 152 24.18 -5.63 -0.47
N LEU C 153 24.95 -6.18 0.48
CA LEU C 153 24.77 -7.54 0.94
C LEU C 153 23.96 -7.52 2.23
N LEU C 154 22.80 -8.16 2.22
CA LEU C 154 21.97 -8.33 3.41
C LEU C 154 22.04 -9.81 3.79
N ILE C 155 22.79 -10.10 4.85
CA ILE C 155 23.06 -11.47 5.28
C ILE C 155 21.98 -11.88 6.28
N VAL C 156 21.29 -12.97 5.99
CA VAL C 156 20.29 -13.52 6.90
C VAL C 156 20.67 -14.90 7.42
N SER C 157 21.50 -15.65 6.71
CA SER C 157 21.91 -16.97 7.16
C SER C 157 22.48 -16.90 8.57
N ASN C 158 22.33 -17.99 9.32
CA ASN C 158 22.74 -18.01 10.72
C ASN C 158 24.02 -18.83 10.90
N PRO C 159 24.90 -18.43 11.84
CA PRO C 159 24.79 -17.26 12.72
C PRO C 159 25.09 -15.97 11.94
N VAL C 160 24.11 -15.06 11.90
CA VAL C 160 24.18 -13.93 10.97
C VAL C 160 25.33 -13.01 11.33
N ASP C 161 25.58 -12.79 12.62
CA ASP C 161 26.65 -11.88 13.03
C ASP C 161 27.99 -12.33 12.47
N ILE C 162 28.33 -13.60 12.67
CA ILE C 162 29.61 -14.12 12.18
C ILE C 162 29.64 -14.17 10.66
N LEU C 163 28.52 -14.57 10.05
CA LEU C 163 28.48 -14.68 8.60
C LEU C 163 28.52 -13.32 7.91
N THR C 164 28.08 -12.25 8.59
CA THR C 164 28.25 -10.91 8.05
C THR C 164 29.73 -10.55 7.94
N TYR C 165 30.48 -10.78 9.01
CA TYR C 165 31.93 -10.63 8.96
C TYR C 165 32.52 -11.45 7.81
N VAL C 166 32.07 -12.69 7.65
CA VAL C 166 32.60 -13.55 6.60
C VAL C 166 32.33 -12.94 5.22
N ALA C 167 31.08 -12.57 4.95
CA ALA C 167 30.75 -12.00 3.65
C ALA C 167 31.54 -10.73 3.38
N TRP C 168 31.85 -9.96 4.43
CA TRP C 168 32.61 -8.74 4.25
C TRP C 168 34.05 -9.04 3.84
N LYS C 169 34.67 -10.05 4.45
CA LYS C 169 36.04 -10.40 4.09
C LYS C 169 36.11 -10.96 2.68
N ILE C 170 35.18 -11.87 2.33
CA ILE C 170 35.23 -12.49 1.01
C ILE C 170 34.84 -11.51 -0.07
N SER C 171 33.79 -10.71 0.17
CA SER C 171 33.30 -9.80 -0.86
C SER C 171 34.32 -8.72 -1.19
N GLY C 172 35.03 -8.22 -0.18
CA GLY C 172 35.88 -7.07 -0.37
C GLY C 172 35.16 -5.74 -0.37
N PHE C 173 33.86 -5.74 -0.10
CA PHE C 173 33.10 -4.50 -0.06
C PHE C 173 33.48 -3.69 1.17
N PRO C 174 33.27 -2.38 1.13
CA PRO C 174 33.33 -1.60 2.38
C PRO C 174 32.24 -2.06 3.32
N LYS C 175 32.57 -2.07 4.62
CA LYS C 175 31.66 -2.65 5.60
C LYS C 175 30.31 -1.95 5.65
N ASN C 176 30.16 -0.78 5.01
CA ASN C 176 28.85 -0.13 4.99
C ASN C 176 27.88 -0.82 4.03
N ARG C 177 28.38 -1.60 3.08
CA ARG C 177 27.53 -2.30 2.11
C ARG C 177 27.31 -3.77 2.47
N VAL C 178 27.70 -4.18 3.67
CA VAL C 178 27.53 -5.56 4.13
C VAL C 178 26.75 -5.49 5.45
N ILE C 179 25.48 -5.87 5.41
CA ILE C 179 24.58 -5.76 6.56
C ILE C 179 24.05 -7.14 6.90
N GLY C 180 23.92 -7.41 8.19
CA GLY C 180 23.30 -8.64 8.68
C GLY C 180 21.98 -8.32 9.36
N SER C 181 20.98 -9.16 9.09
CA SER C 181 19.67 -8.95 9.68
C SER C 181 19.75 -8.77 11.19
N GLY C 182 20.71 -9.45 11.82
CA GLY C 182 21.00 -9.20 13.23
C GLY C 182 19.77 -9.25 14.10
N CYS C 183 19.68 -8.29 15.03
CA CYS C 183 18.65 -8.26 16.05
C CYS C 183 17.46 -7.39 15.66
N ASN C 184 17.25 -7.16 14.36
CA ASN C 184 16.05 -6.45 13.94
C ASN C 184 14.80 -7.25 14.30
N LEU C 185 14.89 -8.58 14.21
CA LEU C 185 13.77 -9.43 14.60
C LEU C 185 13.72 -9.60 16.13
N ASP C 186 14.87 -9.78 16.76
CA ASP C 186 14.91 -9.90 18.21
C ASP C 186 14.24 -8.68 18.86
N SER C 187 14.49 -7.49 18.33
CA SER C 187 13.85 -6.29 18.87
C SER C 187 12.36 -6.25 18.51
N ALA C 188 11.99 -6.76 17.33
CA ALA C 188 10.57 -6.82 16.98
C ALA C 188 9.82 -7.77 17.91
N ARG C 189 10.39 -8.95 18.17
CA ARG C 189 9.78 -9.87 19.12
C ARG C 189 9.67 -9.25 20.50
N PHE C 190 10.72 -8.53 20.93
CA PHE C 190 10.70 -7.90 22.25
C PHE C 190 9.59 -6.87 22.34
N ARG C 191 9.39 -6.08 21.28
CA ARG C 191 8.38 -5.03 21.32
C ARG C 191 6.97 -5.60 21.21
N TYR C 192 6.82 -6.78 20.60
CA TYR C 192 5.51 -7.44 20.59
C TYR C 192 5.11 -7.86 22.00
N LEU C 193 6.05 -8.49 22.72
CA LEU C 193 5.76 -8.90 24.09
C LEU C 193 5.49 -7.69 24.97
N MET C 194 6.20 -6.59 24.74
CA MET C 194 5.91 -5.35 25.46
C MET C 194 4.45 -4.95 25.27
N GLY C 195 4.01 -4.85 24.02
CA GLY C 195 2.63 -4.46 23.76
C GLY C 195 1.63 -5.41 24.40
N GLU C 196 1.92 -6.70 24.37
CA GLU C 196 1.03 -7.67 25.00
C GLU C 196 0.84 -7.38 26.47
N ARG C 197 1.94 -7.06 27.17
CA ARG C 197 1.83 -6.78 28.60
C ARG C 197 1.16 -5.44 28.87
N LEU C 198 1.50 -4.41 28.09
CA LEU C 198 1.01 -3.07 28.33
C LEU C 198 -0.29 -2.74 27.60
N GLY C 199 -0.75 -3.63 26.72
CA GLY C 199 -1.94 -3.34 25.92
C GLY C 199 -1.73 -2.21 24.94
N VAL C 200 -0.59 -2.19 24.27
CA VAL C 200 -0.23 -1.13 23.33
C VAL C 200 0.33 -1.76 22.07
N HIS C 201 0.11 -1.11 20.93
CA HIS C 201 0.64 -1.63 19.68
C HIS C 201 2.16 -1.68 19.77
N PRO C 202 2.79 -2.73 19.25
CA PRO C 202 4.26 -2.79 19.26
C PRO C 202 4.93 -1.54 18.72
N LEU C 203 4.26 -0.79 17.84
CA LEU C 203 4.87 0.41 17.28
C LEU C 203 5.14 1.45 18.35
N SER C 204 4.24 1.59 19.32
CA SER C 204 4.38 2.56 20.39
C SER C 204 5.08 2.00 21.62
N CYS C 205 5.62 0.79 21.53
CA CYS C 205 6.44 0.20 22.59
C CYS C 205 7.87 0.11 22.08
N HIS C 206 8.77 0.89 22.68
CA HIS C 206 10.13 1.05 22.20
C HIS C 206 11.09 0.32 23.14
N GLY C 207 11.80 -0.66 22.60
CA GLY C 207 12.79 -1.40 23.36
C GLY C 207 13.77 -2.09 22.42
N TRP C 208 15.03 -2.17 22.79
CA TRP C 208 16.09 -2.61 21.89
C TRP C 208 16.80 -3.84 22.44
N VAL C 209 17.03 -4.81 21.55
CA VAL C 209 17.82 -6.00 21.85
C VAL C 209 19.06 -5.95 20.96
N LEU C 210 20.23 -5.92 21.58
CA LEU C 210 21.49 -5.74 20.89
C LEU C 210 22.37 -6.98 21.05
N GLY C 211 23.58 -6.91 20.51
CA GLY C 211 24.52 -8.00 20.63
C GLY C 211 24.26 -9.09 19.60
N GLU C 212 24.56 -10.33 20.01
CA GLU C 212 24.38 -11.46 19.12
C GLU C 212 22.90 -11.66 18.78
N HIS C 213 22.64 -12.08 17.54
CA HIS C 213 21.34 -12.61 17.16
C HIS C 213 21.27 -14.06 17.62
N GLY C 214 21.20 -14.22 18.94
CA GLY C 214 21.22 -15.55 19.54
C GLY C 214 21.05 -15.51 21.04
N ASP C 215 21.69 -16.44 21.74
CA ASP C 215 21.48 -16.60 23.17
C ASP C 215 22.17 -15.52 24.00
N SER C 216 23.23 -14.90 23.47
CA SER C 216 23.95 -13.86 24.20
C SER C 216 23.40 -12.46 23.92
N SER C 217 22.19 -12.36 23.38
CA SER C 217 21.60 -11.05 23.14
C SER C 217 21.45 -10.29 24.45
N VAL C 218 21.35 -8.96 24.34
CA VAL C 218 21.35 -8.07 25.49
C VAL C 218 20.11 -7.19 25.43
N PRO C 219 19.20 -7.27 26.41
CA PRO C 219 18.08 -6.32 26.44
C PRO C 219 18.51 -5.00 27.07
N VAL C 220 18.19 -3.90 26.40
CA VAL C 220 18.59 -2.57 26.86
C VAL C 220 17.41 -2.03 27.68
N TRP C 221 17.38 -2.40 28.96
CA TRP C 221 16.28 -1.98 29.83
C TRP C 221 16.28 -0.48 30.01
N SER C 222 17.46 0.15 30.08
CA SER C 222 17.56 1.57 30.30
C SER C 222 16.94 2.40 29.18
N GLY C 223 16.65 1.79 28.03
CA GLY C 223 16.08 2.52 26.91
C GLY C 223 14.60 2.28 26.75
N MET C 224 14.09 1.21 27.36
CA MET C 224 12.67 0.89 27.24
C MET C 224 11.83 2.08 27.71
N ASN C 225 10.79 2.39 26.93
CA ASN C 225 9.93 3.51 27.23
C ASN C 225 8.67 3.41 26.38
N VAL C 226 7.66 4.19 26.75
CA VAL C 226 6.45 4.38 25.96
C VAL C 226 6.11 5.86 26.01
N ALA C 227 6.02 6.49 24.84
CA ALA C 227 5.77 7.92 24.75
C ALA C 227 6.87 8.73 25.43
N GLY C 228 8.09 8.22 25.39
CA GLY C 228 9.20 8.91 26.02
C GLY C 228 9.14 8.89 27.53
N VAL C 229 8.67 7.78 28.11
CA VAL C 229 8.57 7.62 29.56
C VAL C 229 9.40 6.41 29.93
N SER C 230 10.53 6.64 30.61
CA SER C 230 11.43 5.55 30.98
C SER C 230 10.70 4.56 31.87
N LEU C 231 10.61 3.31 31.41
CA LEU C 231 9.96 2.28 32.22
C LEU C 231 10.83 1.88 33.40
N LYS C 232 12.15 1.77 33.19
CA LYS C 232 13.04 1.41 34.29
C LYS C 232 13.04 2.48 35.36
N THR C 233 12.73 3.73 35.00
CA THR C 233 12.64 4.78 36.01
C THR C 233 11.41 4.59 36.90
N LEU C 234 10.26 4.28 36.30
CA LEU C 234 9.06 4.01 37.10
C LEU C 234 9.22 2.71 37.89
N HIS C 235 9.94 1.74 37.34
CA HIS C 235 10.16 0.44 37.98
C HIS C 235 11.66 0.18 38.02
N PRO C 236 12.36 0.77 39.01
CA PRO C 236 13.82 0.59 39.08
C PRO C 236 14.27 -0.86 39.03
N ASP C 237 13.43 -1.79 39.44
CA ASP C 237 13.77 -3.22 39.40
C ASP C 237 13.53 -3.85 38.03
N LEU C 238 13.31 -3.04 36.99
CA LEU C 238 13.03 -3.59 35.67
C LEU C 238 14.18 -4.47 35.19
N GLY C 239 13.85 -5.72 34.86
CA GLY C 239 14.82 -6.64 34.31
C GLY C 239 15.72 -7.32 35.31
N THR C 240 15.76 -6.86 36.55
CA THR C 240 16.65 -7.45 37.55
C THR C 240 16.05 -8.74 38.11
N ASP C 241 16.87 -9.46 38.88
CA ASP C 241 16.39 -10.70 39.49
C ASP C 241 15.34 -10.43 40.56
N LYS C 242 15.47 -9.33 41.29
CA LYS C 242 14.49 -8.93 42.29
C LYS C 242 13.32 -8.15 41.68
N ASP C 243 12.97 -8.46 40.43
CA ASP C 243 11.90 -7.75 39.75
C ASP C 243 10.56 -8.36 40.11
N LYS C 244 9.61 -7.51 40.50
CA LYS C 244 8.29 -8.00 40.87
C LYS C 244 7.58 -8.61 39.68
N GLU C 245 7.67 -7.98 38.52
CA GLU C 245 6.93 -8.39 37.34
C GLU C 245 7.71 -9.35 36.44
N GLN C 246 8.95 -9.70 36.80
CA GLN C 246 9.72 -10.70 36.07
C GLN C 246 9.88 -10.31 34.59
N TRP C 247 10.36 -9.09 34.35
CA TRP C 247 10.51 -8.63 32.98
C TRP C 247 11.66 -9.34 32.27
N LYS C 248 12.64 -9.84 33.02
CA LYS C 248 13.72 -10.61 32.40
C LYS C 248 13.19 -11.81 31.63
N GLU C 249 11.97 -12.27 31.93
CA GLU C 249 11.38 -13.36 31.17
C GLU C 249 11.03 -12.91 29.76
N VAL C 250 10.59 -11.66 29.60
CA VAL C 250 10.27 -11.14 28.26
C VAL C 250 11.46 -11.35 27.33
N HIS C 251 12.66 -10.99 27.79
CA HIS C 251 13.85 -11.22 26.99
C HIS C 251 14.13 -12.71 26.83
N LYS C 252 13.97 -13.49 27.91
CA LYS C 252 14.15 -14.92 27.82
C LYS C 252 13.28 -15.53 26.73
N GLN C 253 12.05 -15.02 26.58
CA GLN C 253 11.19 -15.47 25.49
C GLN C 253 11.78 -15.10 24.14
N VAL C 254 12.34 -13.90 24.02
CA VAL C 254 12.96 -13.48 22.77
C VAL C 254 14.09 -14.44 22.40
N VAL C 255 14.93 -14.77 23.37
CA VAL C 255 16.05 -15.68 23.10
C VAL C 255 15.53 -17.04 22.65
N GLU C 256 14.49 -17.54 23.30
CA GLU C 256 13.97 -18.88 23.04
C GLU C 256 12.90 -18.90 21.96
N SER C 257 12.48 -17.73 21.46
CA SER C 257 11.37 -17.68 20.51
C SER C 257 11.64 -18.57 19.30
N ALA C 258 12.84 -18.47 18.72
CA ALA C 258 13.15 -19.29 17.56
C ALA C 258 13.09 -20.77 17.89
N TYR C 259 13.55 -21.16 19.08
CA TYR C 259 13.54 -22.56 19.46
C TYR C 259 12.11 -23.07 19.60
N GLU C 260 11.27 -22.33 20.34
CA GLU C 260 9.90 -22.76 20.53
C GLU C 260 9.13 -22.82 19.22
N VAL C 261 9.49 -21.96 18.25
CA VAL C 261 8.81 -21.98 16.96
C VAL C 261 9.24 -23.20 16.15
N ILE C 262 10.53 -23.54 16.20
CA ILE C 262 11.02 -24.69 15.44
C ILE C 262 10.38 -25.98 15.94
N LYS C 263 10.16 -26.08 17.26
CA LYS C 263 9.58 -27.29 17.83
C LYS C 263 8.13 -27.48 17.43
N LEU C 264 7.44 -26.40 17.06
CA LEU C 264 6.01 -26.47 16.76
C LEU C 264 5.73 -26.66 15.28
N LYS C 265 6.49 -26.00 14.41
CA LYS C 265 6.30 -26.09 12.97
C LYS C 265 7.54 -26.52 12.20
N GLY C 266 8.71 -26.60 12.86
CA GLY C 266 9.92 -27.09 12.23
C GLY C 266 10.87 -26.03 11.74
N TYR C 267 10.48 -24.76 11.77
CA TYR C 267 11.33 -23.69 11.25
C TYR C 267 10.68 -22.36 11.57
N THR C 268 11.41 -21.28 11.28
CA THR C 268 10.91 -19.91 11.34
C THR C 268 10.99 -19.31 9.95
N SER C 269 9.93 -18.61 9.54
CA SER C 269 9.86 -18.10 8.18
C SER C 269 9.22 -16.72 8.12
N TRP C 270 7.98 -16.61 8.58
CA TRP C 270 7.22 -15.38 8.37
C TRP C 270 7.85 -14.20 9.09
N ALA C 271 8.14 -14.37 10.38
CA ALA C 271 8.67 -13.25 11.17
C ALA C 271 9.95 -12.71 10.56
N ILE C 272 10.94 -13.57 10.32
CA ILE C 272 12.20 -13.13 9.72
C ILE C 272 11.94 -12.52 8.35
N GLY C 273 11.00 -13.11 7.59
CA GLY C 273 10.69 -12.58 6.28
C GLY C 273 10.22 -11.13 6.33
N LEU C 274 9.38 -10.81 7.33
CA LEU C 274 8.94 -9.43 7.48
C LEU C 274 10.05 -8.53 7.99
N SER C 275 10.88 -9.04 8.92
CA SER C 275 12.00 -8.24 9.41
C SER C 275 12.98 -7.92 8.29
N VAL C 276 13.28 -8.89 7.44
CA VAL C 276 14.19 -8.66 6.32
C VAL C 276 13.55 -7.69 5.33
N ALA C 277 12.25 -7.85 5.06
CA ALA C 277 11.56 -6.91 4.18
C ALA C 277 11.53 -5.51 4.77
N ASP C 278 11.53 -5.41 6.10
CA ASP C 278 11.58 -4.09 6.74
C ASP C 278 12.93 -3.43 6.50
N LEU C 279 14.01 -4.20 6.53
CA LEU C 279 15.34 -3.62 6.29
C LEU C 279 15.50 -3.27 4.82
N ALA C 280 15.00 -4.11 3.91
CA ALA C 280 15.12 -3.81 2.49
C ALA C 280 14.41 -2.50 2.14
N GLU C 281 13.26 -2.24 2.77
CA GLU C 281 12.55 -0.99 2.52
C GLU C 281 13.42 0.21 2.86
N SER C 282 14.01 0.21 4.05
CA SER C 282 14.88 1.31 4.44
C SER C 282 16.03 1.49 3.45
N ILE C 283 16.57 0.39 2.95
CA ILE C 283 17.71 0.45 2.04
C ILE C 283 17.26 0.93 0.66
N MET C 284 16.28 0.24 0.08
CA MET C 284 15.88 0.54 -1.29
C MET C 284 15.32 1.95 -1.42
N LYS C 285 14.74 2.50 -0.35
CA LYS C 285 14.10 3.81 -0.38
C LYS C 285 14.89 4.86 0.39
N ASN C 286 16.12 4.55 0.80
CA ASN C 286 17.01 5.50 1.46
C ASN C 286 16.29 6.26 2.57
N LEU C 287 15.55 5.52 3.40
CA LEU C 287 14.73 6.16 4.42
C LEU C 287 15.58 6.73 5.55
N ARG C 288 16.71 6.10 5.87
CA ARG C 288 17.56 6.49 7.00
C ARG C 288 16.84 6.31 8.33
N ARG C 289 16.06 5.23 8.43
CA ARG C 289 15.57 4.79 9.72
C ARG C 289 16.69 4.09 10.49
N VAL C 290 16.50 3.97 11.79
CA VAL C 290 17.46 3.29 12.67
C VAL C 290 17.02 1.84 12.82
N HIS C 291 17.97 0.91 12.70
CA HIS C 291 17.71 -0.52 12.80
C HIS C 291 18.86 -1.17 13.55
N PRO C 292 18.58 -2.18 14.39
CA PRO C 292 19.67 -2.94 15.01
C PRO C 292 20.12 -4.08 14.11
N VAL C 293 21.19 -3.87 13.34
CA VAL C 293 21.68 -4.83 12.37
C VAL C 293 23.16 -5.11 12.63
N SER C 294 23.62 -6.23 12.09
CA SER C 294 24.99 -6.67 12.34
C SER C 294 25.98 -5.83 11.56
N THR C 295 27.00 -5.32 12.26
CA THR C 295 28.07 -4.58 11.63
C THR C 295 29.25 -4.53 12.59
N MET C 296 30.39 -4.06 12.08
CA MET C 296 31.58 -3.94 12.90
C MET C 296 31.37 -2.89 13.98
N ILE C 297 31.51 -3.29 15.24
CA ILE C 297 31.36 -2.39 16.37
C ILE C 297 32.73 -2.05 16.98
N LYS C 298 33.81 -2.31 16.24
CA LYS C 298 35.14 -1.94 16.71
C LYS C 298 35.21 -0.45 17.00
N GLY C 299 35.58 -0.11 18.23
CA GLY C 299 35.60 1.27 18.69
C GLY C 299 34.51 1.61 19.68
N LEU C 300 33.52 0.73 19.87
CA LEU C 300 32.46 0.93 20.84
C LEU C 300 32.74 0.13 22.09
N TYR C 301 32.57 0.76 23.25
CA TYR C 301 32.68 0.08 24.53
C TYR C 301 34.04 -0.60 24.69
N GLY C 302 35.09 0.02 24.16
CA GLY C 302 36.44 -0.47 24.32
C GLY C 302 36.83 -1.62 23.42
N ILE C 303 35.90 -2.13 22.61
CA ILE C 303 36.21 -3.27 21.76
C ILE C 303 37.19 -2.86 20.67
N LYS C 304 38.25 -3.64 20.50
CA LYS C 304 39.29 -3.36 19.53
C LYS C 304 39.38 -4.40 18.42
N ASP C 305 38.53 -5.43 18.45
CA ASP C 305 38.56 -6.50 17.46
C ASP C 305 37.53 -6.26 16.37
N ASP C 306 37.74 -6.94 15.24
CA ASP C 306 36.84 -6.80 14.09
C ASP C 306 35.62 -7.71 14.25
N VAL C 307 34.90 -7.57 15.36
CA VAL C 307 33.75 -8.42 15.65
C VAL C 307 32.48 -7.73 15.15
N PHE C 308 31.58 -8.52 14.58
CA PHE C 308 30.31 -8.04 14.06
C PHE C 308 29.19 -8.44 14.99
N LEU C 309 28.30 -7.51 15.29
CA LEU C 309 27.09 -7.79 16.06
C LEU C 309 26.16 -6.59 15.89
N SER C 310 25.01 -6.65 16.55
CA SER C 310 23.91 -5.73 16.29
C SER C 310 23.99 -4.51 17.20
N VAL C 311 24.01 -3.33 16.58
CA VAL C 311 23.75 -2.07 17.27
C VAL C 311 22.88 -1.21 16.36
N PRO C 312 22.23 -0.19 16.92
CA PRO C 312 21.34 0.63 16.08
C PRO C 312 22.12 1.36 15.00
N CYS C 313 21.72 1.14 13.75
CA CYS C 313 22.40 1.71 12.59
C CYS C 313 21.40 2.44 11.70
N ILE C 314 21.85 3.54 11.11
CA ILE C 314 21.04 4.28 10.15
C ILE C 314 21.21 3.61 8.79
N LEU C 315 20.11 3.06 8.26
CA LEU C 315 20.13 2.32 7.00
C LEU C 315 19.64 3.19 5.86
N GLY C 316 20.40 3.23 4.77
CA GLY C 316 20.05 3.99 3.59
C GLY C 316 20.42 3.28 2.31
N GLN C 317 20.39 4.01 1.18
CA GLN C 317 20.70 3.39 -0.10
C GLN C 317 22.16 2.94 -0.20
N ASN C 318 23.03 3.47 0.65
CA ASN C 318 24.41 3.03 0.72
C ASN C 318 24.64 2.02 1.84
N GLY C 319 23.57 1.48 2.42
CA GLY C 319 23.69 0.55 3.53
C GLY C 319 23.78 1.28 4.84
N ILE C 320 24.74 0.90 5.67
CA ILE C 320 24.91 1.49 7.00
C ILE C 320 25.75 2.75 6.84
N SER C 321 25.08 3.90 6.94
CA SER C 321 25.79 5.17 6.86
C SER C 321 26.30 5.65 8.22
N ASP C 322 25.64 5.27 9.30
CA ASP C 322 26.04 5.74 10.63
C ASP C 322 25.74 4.65 11.66
N LEU C 323 26.33 4.81 12.85
CA LEU C 323 26.05 3.98 14.00
C LEU C 323 25.62 4.86 15.17
N VAL C 324 24.64 4.39 15.94
CA VAL C 324 24.18 5.09 17.12
C VAL C 324 24.96 4.58 18.33
N LYS C 325 25.50 5.50 19.12
CA LYS C 325 26.27 5.15 20.31
C LYS C 325 25.32 5.09 21.49
N VAL C 326 24.82 3.88 21.78
CA VAL C 326 23.88 3.69 22.87
C VAL C 326 24.61 3.81 24.19
N THR C 327 24.06 4.61 25.10
CA THR C 327 24.59 4.73 26.45
C THR C 327 24.10 3.54 27.27
N LEU C 328 25.00 2.62 27.57
CA LEU C 328 24.65 1.41 28.31
C LEU C 328 25.10 1.53 29.76
N THR C 329 24.34 0.91 30.65
CA THR C 329 24.78 0.77 32.04
C THR C 329 25.98 -0.17 32.10
N SER C 330 26.70 -0.09 33.22
CA SER C 330 27.85 -0.98 33.41
C SER C 330 27.41 -2.44 33.37
N GLU C 331 26.17 -2.74 33.76
CA GLU C 331 25.66 -4.11 33.67
C GLU C 331 25.30 -4.47 32.23
N GLU C 332 24.60 -3.57 31.54
CA GLU C 332 24.26 -3.83 30.15
C GLU C 332 25.51 -3.89 29.27
N GLU C 333 26.44 -2.96 29.48
CA GLU C 333 27.66 -2.95 28.69
C GLU C 333 28.45 -4.24 28.88
N ALA C 334 28.54 -4.73 30.12
CA ALA C 334 29.25 -5.97 30.38
C ALA C 334 28.63 -7.13 29.61
N ARG C 335 27.29 -7.21 29.61
CA ARG C 335 26.61 -8.24 28.83
C ARG C 335 27.00 -8.14 27.35
N LEU C 336 27.10 -6.92 26.82
CA LEU C 336 27.45 -6.77 25.42
C LEU C 336 28.90 -7.19 25.17
N LYS C 337 29.81 -6.81 26.06
CA LYS C 337 31.19 -7.27 25.94
C LYS C 337 31.25 -8.79 25.89
N LYS C 338 30.54 -9.45 26.81
CA LYS C 338 30.52 -10.91 26.82
C LYS C 338 30.01 -11.46 25.49
N SER C 339 28.90 -10.91 25.00
CA SER C 339 28.39 -11.33 23.69
C SER C 339 29.44 -11.17 22.61
N ALA C 340 30.18 -10.05 22.64
CA ALA C 340 31.22 -9.83 21.64
C ALA C 340 32.35 -10.84 21.79
N ASP C 341 32.76 -11.12 23.04
CA ASP C 341 33.80 -12.11 23.27
C ASP C 341 33.39 -13.48 22.74
N THR C 342 32.13 -13.86 22.93
CA THR C 342 31.65 -15.14 22.42
C THR C 342 31.83 -15.22 20.90
N LEU C 343 31.38 -14.19 20.18
CA LEU C 343 31.49 -14.20 18.72
C LEU C 343 32.94 -14.07 18.27
N TRP C 344 33.74 -13.28 18.98
CA TRP C 344 35.13 -13.09 18.58
C TRP C 344 35.92 -14.38 18.76
N GLY C 345 35.60 -15.16 19.80
CA GLY C 345 36.25 -16.45 19.96
C GLY C 345 35.99 -17.38 18.79
N ILE C 346 34.85 -17.22 18.12
CA ILE C 346 34.54 -18.04 16.96
C ILE C 346 35.09 -17.43 15.68
N GLN C 347 35.17 -16.09 15.60
CA GLN C 347 35.60 -15.45 14.37
C GLN C 347 37.09 -15.70 14.09
N LYS C 348 37.93 -15.60 15.12
CA LYS C 348 39.37 -15.68 14.90
C LYS C 348 39.81 -17.07 14.45
N GLU C 349 38.99 -18.10 14.69
CA GLU C 349 39.36 -19.48 14.35
C GLU C 349 38.97 -19.85 12.92
N LEU C 350 38.81 -18.87 12.03
CA LEU C 350 38.31 -19.10 10.68
C LEU C 350 39.37 -18.79 9.65
N GLN C 351 39.31 -19.51 8.53
CA GLN C 351 40.26 -19.34 7.44
C GLN C 351 39.84 -18.23 6.50
N GLN D 21 34.09 22.18 20.96
CA GLN D 21 33.05 21.54 21.81
C GLN D 21 32.24 20.53 21.00
N ALA D 22 32.16 19.30 21.50
CA ALA D 22 31.43 18.25 20.80
C ALA D 22 29.94 18.56 20.77
N THR D 23 29.31 18.29 19.63
CA THR D 23 27.89 18.53 19.46
C THR D 23 27.09 17.33 19.95
N LEU D 24 25.77 17.49 20.01
CA LEU D 24 24.91 16.40 20.42
C LEU D 24 24.88 15.30 19.36
N LYS D 25 24.85 15.68 18.09
CA LYS D 25 24.79 14.69 17.02
C LYS D 25 26.03 13.80 17.01
N ASP D 26 27.20 14.37 17.32
CA ASP D 26 28.42 13.57 17.35
C ASP D 26 28.47 12.70 18.59
N GLN D 27 27.95 13.20 19.72
CA GLN D 27 27.86 12.36 20.91
C GLN D 27 26.95 11.16 20.68
N LEU D 28 25.97 11.30 19.78
CA LEU D 28 24.94 10.29 19.55
C LEU D 28 25.24 9.39 18.38
N ILE D 29 25.84 9.92 17.31
CA ILE D 29 25.96 9.21 16.04
C ILE D 29 27.41 9.22 15.59
N TYR D 30 27.93 8.04 15.27
CA TYR D 30 29.25 7.89 14.66
C TYR D 30 29.05 7.68 13.16
N ASN D 31 29.62 8.58 12.36
CA ASN D 31 29.41 8.57 10.92
C ASN D 31 30.43 7.67 10.22
N LEU D 32 29.94 6.95 9.21
CA LEU D 32 30.78 6.14 8.34
C LEU D 32 30.89 6.73 6.94
N LEU D 33 29.76 7.13 6.34
CA LEU D 33 29.73 7.66 4.99
C LEU D 33 29.36 9.14 5.05
N LYS D 34 30.32 10.01 4.73
CA LYS D 34 30.05 11.44 4.61
C LYS D 34 29.78 11.77 3.14
N GLU D 35 28.64 11.29 2.68
CA GLU D 35 28.26 11.42 1.27
C GLU D 35 26.79 11.82 1.21
N GLU D 36 26.19 11.68 0.03
CA GLU D 36 24.78 12.03 -0.17
C GLU D 36 24.32 11.66 -1.57
N THR D 38 23.48 10.12 -5.10
CA THR D 38 22.40 10.60 -5.96
C THR D 38 21.12 9.83 -5.68
N PRO D 39 19.97 10.40 -6.03
CA PRO D 39 18.70 9.69 -5.85
C PRO D 39 18.43 8.72 -6.99
N GLN D 40 17.78 7.61 -6.65
CA GLN D 40 17.52 6.54 -7.61
C GLN D 40 16.17 6.68 -8.31
N ASN D 41 15.17 7.24 -7.64
CA ASN D 41 13.83 7.36 -8.19
C ASN D 41 13.30 8.78 -7.93
N LYS D 42 14.05 9.76 -8.40
CA LYS D 42 13.66 11.16 -8.22
C LYS D 42 12.58 11.52 -9.22
N ILE D 43 11.52 12.19 -8.75
CA ILE D 43 10.46 12.71 -9.59
C ILE D 43 10.35 14.21 -9.35
N THR D 44 10.13 14.96 -10.42
CA THR D 44 9.93 16.40 -10.36
C THR D 44 8.52 16.74 -10.81
N VAL D 45 7.88 17.65 -10.08
CA VAL D 45 6.61 18.23 -10.48
C VAL D 45 6.85 19.71 -10.75
N VAL D 46 6.62 20.13 -11.98
CA VAL D 46 6.76 21.54 -12.37
C VAL D 46 5.39 22.20 -12.26
N GLY D 47 5.30 23.25 -11.44
CA GLY D 47 4.04 23.90 -11.20
C GLY D 47 3.37 23.40 -9.93
N VAL D 48 3.09 24.31 -8.99
CA VAL D 48 2.53 23.92 -7.71
C VAL D 48 1.10 24.45 -7.60
N GLY D 49 0.38 24.46 -8.71
CA GLY D 49 -1.03 24.76 -8.69
C GLY D 49 -1.82 23.61 -8.09
N ALA D 50 -3.14 23.75 -8.12
CA ALA D 50 -4.00 22.70 -7.60
C ALA D 50 -3.73 21.37 -8.30
N VAL D 51 -3.39 21.41 -9.59
CA VAL D 51 -3.09 20.19 -10.33
C VAL D 51 -1.72 19.65 -9.93
N GLY D 52 -0.70 20.52 -9.92
CA GLY D 52 0.63 20.08 -9.55
C GLY D 52 0.68 19.48 -8.16
N MET D 53 0.07 20.17 -7.20
CA MET D 53 0.08 19.69 -5.82
C MET D 53 -0.80 18.45 -5.64
N ALA D 54 -1.78 18.25 -6.52
CA ALA D 54 -2.54 16.99 -6.48
C ALA D 54 -1.68 15.84 -6.99
N CYS D 55 -0.92 16.05 -8.06
CA CYS D 55 0.02 15.03 -8.50
C CYS D 55 1.07 14.75 -7.43
N ALA D 56 1.52 15.80 -6.73
CA ALA D 56 2.55 15.63 -5.72
C ALA D 56 2.07 14.75 -4.57
N ILE D 57 0.91 15.06 -4.02
CA ILE D 57 0.42 14.31 -2.86
C ILE D 57 0.09 12.87 -3.27
N SER D 58 -0.48 12.69 -4.46
CA SER D 58 -0.82 11.34 -4.91
C SER D 58 0.43 10.50 -5.13
N ILE D 59 1.48 11.10 -5.68
CA ILE D 59 2.73 10.38 -5.87
C ILE D 59 3.38 10.07 -4.53
N LEU D 60 3.39 11.05 -3.62
CA LEU D 60 4.00 10.85 -2.31
C LEU D 60 3.32 9.73 -1.54
N MET D 61 1.99 9.64 -1.63
CA MET D 61 1.26 8.63 -0.88
C MET D 61 1.29 7.26 -1.54
N LYS D 62 1.77 7.15 -2.77
CA LYS D 62 1.94 5.87 -3.45
C LYS D 62 3.39 5.39 -3.43
N ASP D 63 4.29 6.13 -2.77
CA ASP D 63 5.68 5.69 -2.56
C ASP D 63 6.37 5.36 -3.88
N LEU D 64 6.29 6.31 -4.82
CA LEU D 64 6.89 6.13 -6.14
C LEU D 64 8.28 6.76 -6.26
N ALA D 65 8.71 7.55 -5.28
CA ALA D 65 9.96 8.29 -5.39
C ALA D 65 10.64 8.36 -4.03
N ASP D 66 11.97 8.42 -4.08
CA ASP D 66 12.77 8.69 -2.89
C ASP D 66 13.17 10.16 -2.78
N GLU D 67 12.85 10.97 -3.78
CA GLU D 67 13.07 12.41 -3.72
C GLU D 67 12.05 13.08 -4.63
N LEU D 68 11.35 14.08 -4.09
CA LEU D 68 10.36 14.84 -4.84
C LEU D 68 10.85 16.28 -4.96
N ALA D 69 10.90 16.79 -6.19
CA ALA D 69 11.32 18.15 -6.47
C ALA D 69 10.13 18.94 -6.99
N LEU D 70 9.96 20.16 -6.48
CA LEU D 70 8.91 21.07 -6.90
C LEU D 70 9.53 22.31 -7.50
N VAL D 71 9.11 22.68 -8.71
CA VAL D 71 9.64 23.83 -9.42
C VAL D 71 8.47 24.70 -9.88
N ASP D 72 8.59 26.01 -9.66
CA ASP D 72 7.60 26.97 -10.13
C ASP D 72 8.17 28.36 -9.94
N VAL D 73 7.57 29.33 -10.64
CA VAL D 73 8.06 30.70 -10.56
C VAL D 73 7.49 31.42 -9.34
N ILE D 74 6.26 31.08 -8.94
CA ILE D 74 5.63 31.68 -7.78
C ILE D 74 6.33 31.16 -6.52
N GLU D 75 7.34 31.91 -6.04
CA GLU D 75 8.20 31.40 -5.00
C GLU D 75 7.47 31.27 -3.67
N ASP D 76 6.69 32.27 -3.30
CA ASP D 76 6.01 32.23 -2.00
C ASP D 76 5.15 30.97 -1.87
N LYS D 77 4.28 30.74 -2.85
CA LYS D 77 3.46 29.54 -2.80
C LYS D 77 4.28 28.27 -2.94
N LEU D 78 5.42 28.35 -3.65
CA LEU D 78 6.28 27.19 -3.80
C LEU D 78 6.82 26.73 -2.45
N LYS D 79 7.47 27.62 -1.72
CA LYS D 79 8.05 27.24 -0.44
C LYS D 79 6.97 26.77 0.53
N GLY D 80 5.84 27.47 0.59
CA GLY D 80 4.77 27.07 1.48
C GLY D 80 4.30 25.65 1.22
N GLU D 81 4.08 25.32 -0.06
CA GLU D 81 3.68 23.96 -0.41
C GLU D 81 4.76 22.96 -0.01
N MET D 82 6.02 23.28 -0.30
CA MET D 82 7.12 22.40 0.07
C MET D 82 7.13 22.17 1.58
N MET D 83 7.07 23.26 2.36
CA MET D 83 7.07 23.12 3.81
C MET D 83 5.88 22.29 4.28
N ASP D 84 4.69 22.57 3.74
CA ASP D 84 3.50 21.84 4.16
C ASP D 84 3.65 20.35 3.91
N LEU D 85 4.30 19.98 2.80
CA LEU D 85 4.57 18.57 2.53
C LEU D 85 5.62 18.02 3.49
N GLN D 86 6.68 18.79 3.74
CA GLN D 86 7.76 18.31 4.60
C GLN D 86 7.24 18.00 6.00
N HIS D 87 6.34 18.83 6.52
CA HIS D 87 5.84 18.63 7.88
C HIS D 87 5.13 17.30 8.04
N GLY D 88 4.64 16.71 6.95
CA GLY D 88 4.01 15.40 7.02
C GLY D 88 4.97 14.27 6.74
N SER D 89 6.28 14.56 6.80
CA SER D 89 7.29 13.55 6.48
C SER D 89 7.10 12.29 7.33
N LEU D 90 6.78 12.46 8.61
CA LEU D 90 6.61 11.31 9.49
C LEU D 90 5.64 10.28 8.91
N PHE D 91 4.64 10.75 8.17
CA PHE D 91 3.60 9.88 7.64
C PHE D 91 3.86 9.45 6.21
N LEU D 92 5.03 9.75 5.66
CA LEU D 92 5.37 9.43 4.28
C LEU D 92 6.65 8.62 4.23
N ARG D 93 6.84 7.93 3.09
CA ARG D 93 8.02 7.12 2.85
C ARG D 93 8.89 7.71 1.73
N THR D 94 8.85 9.02 1.57
CA THR D 94 9.72 9.74 0.63
C THR D 94 10.63 10.64 1.44
N PRO D 95 11.89 10.24 1.68
CA PRO D 95 12.70 10.91 2.71
C PRO D 95 13.17 12.30 2.34
N LYS D 96 13.00 12.75 1.09
CA LYS D 96 13.57 14.02 0.66
C LYS D 96 12.56 14.77 -0.21
N ILE D 97 12.29 16.02 0.15
CA ILE D 97 11.39 16.89 -0.59
C ILE D 97 12.05 18.26 -0.69
N VAL D 98 12.29 18.73 -1.91
CA VAL D 98 12.98 19.99 -2.16
C VAL D 98 12.17 20.82 -3.14
N SER D 99 12.52 22.10 -3.23
CA SER D 99 11.83 23.01 -4.13
C SER D 99 12.75 24.17 -4.46
N GLY D 100 12.41 24.88 -5.53
CA GLY D 100 13.16 26.04 -5.94
C GLY D 100 12.77 26.55 -7.31
N LYS D 101 12.98 27.85 -7.55
CA LYS D 101 12.73 28.41 -8.87
C LYS D 101 13.80 27.99 -9.86
N ASP D 102 14.97 27.58 -9.38
CA ASP D 102 16.07 27.16 -10.24
C ASP D 102 15.90 25.69 -10.60
N TYR D 103 16.04 25.38 -11.89
CA TYR D 103 15.81 24.02 -12.37
C TYR D 103 16.93 23.06 -11.98
N ASN D 104 18.06 23.56 -11.48
CA ASN D 104 19.14 22.66 -11.07
C ASN D 104 18.70 21.72 -9.95
N VAL D 105 17.62 22.05 -9.24
CA VAL D 105 17.11 21.18 -8.19
C VAL D 105 16.39 19.95 -8.75
N THR D 106 16.13 19.93 -10.05
CA THR D 106 15.47 18.79 -10.71
C THR D 106 16.47 17.84 -11.35
N ALA D 107 17.76 17.99 -11.06
CA ALA D 107 18.78 17.20 -11.73
C ALA D 107 18.59 15.72 -11.46
N ASN D 108 18.82 14.90 -12.49
CA ASN D 108 18.82 13.45 -12.39
C ASN D 108 17.44 12.90 -12.03
N SER D 109 16.38 13.55 -12.49
CA SER D 109 15.04 13.02 -12.31
C SER D 109 14.79 11.88 -13.28
N LYS D 110 14.09 10.86 -12.82
CA LYS D 110 13.64 9.80 -13.72
C LYS D 110 12.38 10.21 -14.47
N LEU D 111 11.57 11.07 -13.86
CA LEU D 111 10.28 11.46 -14.41
C LEU D 111 10.04 12.92 -14.04
N VAL D 112 9.70 13.73 -15.04
CA VAL D 112 9.41 15.15 -14.84
C VAL D 112 7.99 15.40 -15.29
N ILE D 113 7.13 15.78 -14.34
CA ILE D 113 5.72 16.01 -14.58
C ILE D 113 5.51 17.52 -14.69
N ILE D 114 5.16 17.99 -15.89
CA ILE D 114 5.02 19.41 -16.16
C ILE D 114 3.53 19.75 -16.11
N THR D 115 3.15 20.56 -15.11
CA THR D 115 1.78 21.00 -14.94
C THR D 115 1.63 22.52 -14.99
N ALA D 116 2.72 23.27 -15.00
CA ALA D 116 2.63 24.73 -14.99
C ALA D 116 2.07 25.24 -16.32
N GLY D 117 1.49 26.42 -16.26
CA GLY D 117 0.90 27.07 -17.41
C GLY D 117 -0.43 27.69 -17.03
N ALA D 118 -1.13 28.19 -18.05
CA ALA D 118 -2.44 28.79 -17.85
C ALA D 118 -3.51 27.69 -17.93
N ARG D 119 -4.34 27.62 -16.91
CA ARG D 119 -5.46 26.69 -16.89
C ARG D 119 -6.71 27.37 -17.41
N GLN D 120 -7.66 26.56 -17.86
CA GLN D 120 -8.88 27.09 -18.45
C GLN D 120 -9.78 27.65 -17.36
N GLN D 121 -10.34 28.84 -17.62
CA GLN D 121 -11.36 29.41 -16.75
C GLN D 121 -12.73 28.84 -17.12
N GLU D 122 -13.73 29.19 -16.33
CA GLU D 122 -15.07 28.67 -16.55
C GLU D 122 -15.51 28.88 -18.00
N GLY D 123 -15.97 27.79 -18.63
CA GLY D 123 -16.41 27.82 -20.01
C GLY D 123 -15.30 27.87 -21.04
N GLU D 124 -14.05 28.09 -20.63
CA GLU D 124 -12.95 28.20 -21.57
C GLU D 124 -12.49 26.82 -22.03
N SER D 125 -12.25 26.68 -23.32
CA SER D 125 -11.73 25.44 -23.88
C SER D 125 -10.23 25.36 -23.66
N ARG D 126 -9.72 24.13 -23.57
CA ARG D 126 -8.29 23.93 -23.37
C ARG D 126 -7.48 24.48 -24.53
N LEU D 127 -8.05 24.48 -25.74
CA LEU D 127 -7.32 24.91 -26.92
C LEU D 127 -7.07 26.42 -26.93
N ASN D 128 -7.80 27.19 -26.11
CA ASN D 128 -7.56 28.62 -26.00
C ASN D 128 -6.34 28.94 -25.14
N LEU D 129 -5.65 27.93 -24.63
CA LEU D 129 -4.45 28.11 -23.82
C LEU D 129 -3.17 27.90 -24.62
N VAL D 130 -3.28 27.64 -25.92
CA VAL D 130 -2.11 27.26 -26.72
C VAL D 130 -1.06 28.35 -26.67
N GLN D 131 -1.44 29.57 -27.09
CA GLN D 131 -0.47 30.65 -27.19
C GLN D 131 0.27 30.85 -25.87
N ARG D 132 -0.49 30.91 -24.76
CA ARG D 132 0.12 31.18 -23.47
C ARG D 132 1.08 30.07 -23.06
N ASN D 133 0.60 28.82 -23.07
CA ASN D 133 1.40 27.72 -22.55
C ASN D 133 2.52 27.30 -23.50
N VAL D 134 2.31 27.42 -24.81
CA VAL D 134 3.39 27.15 -25.75
C VAL D 134 4.57 28.09 -25.45
N ASN D 135 4.26 29.36 -25.14
CA ASN D 135 5.32 30.30 -24.80
C ASN D 135 6.02 29.91 -23.51
N ILE D 136 5.26 29.42 -22.52
CA ILE D 136 5.85 28.98 -21.27
C ILE D 136 6.72 27.75 -21.49
N PHE D 137 6.22 26.79 -22.27
CA PHE D 137 7.00 25.59 -22.55
C PHE D 137 8.32 25.91 -23.25
N LYS D 138 8.41 27.04 -23.95
CA LYS D 138 9.67 27.43 -24.56
C LYS D 138 10.75 27.68 -23.52
N PHE D 139 10.37 27.98 -22.28
CA PHE D 139 11.34 28.21 -21.22
C PHE D 139 11.48 27.03 -20.27
N ILE D 140 10.48 26.16 -20.18
CA ILE D 140 10.54 25.04 -19.24
C ILE D 140 11.32 23.88 -19.83
N ILE D 141 10.94 23.45 -21.04
CA ILE D 141 11.52 22.24 -21.61
C ILE D 141 13.04 22.32 -21.69
N PRO D 142 13.64 23.40 -22.21
CA PRO D 142 15.11 23.42 -22.31
C PRO D 142 15.81 23.27 -20.98
N ASN D 143 15.23 23.79 -19.90
CA ASN D 143 15.88 23.69 -18.60
C ASN D 143 15.74 22.30 -18.00
N VAL D 144 14.55 21.71 -18.08
CA VAL D 144 14.36 20.33 -17.63
C VAL D 144 15.33 19.41 -18.34
N VAL D 145 15.34 19.47 -19.68
CA VAL D 145 16.24 18.64 -20.46
C VAL D 145 17.69 18.87 -20.05
N LYS D 146 18.03 20.11 -19.69
CA LYS D 146 19.41 20.44 -19.34
C LYS D 146 19.91 19.58 -18.19
N TYR D 147 19.13 19.46 -17.12
CA TYR D 147 19.56 18.78 -15.91
C TYR D 147 19.10 17.33 -15.83
N SER D 148 18.17 16.90 -16.69
CA SER D 148 17.67 15.52 -16.68
C SER D 148 17.54 15.04 -18.12
N PRO D 149 18.67 14.82 -18.80
CA PRO D 149 18.61 14.44 -20.21
C PRO D 149 18.02 13.07 -20.47
N ASN D 150 17.93 12.21 -19.45
CA ASN D 150 17.45 10.85 -19.63
C ASN D 150 16.07 10.62 -19.03
N CYS D 151 15.45 11.64 -18.44
CA CYS D 151 14.17 11.47 -17.80
C CYS D 151 13.07 11.19 -18.82
N LYS D 152 11.90 10.82 -18.31
CA LYS D 152 10.68 10.74 -19.10
C LYS D 152 9.85 11.98 -18.83
N LEU D 153 9.41 12.65 -19.90
CA LEU D 153 8.60 13.84 -19.79
C LEU D 153 7.12 13.46 -19.80
N LEU D 154 6.42 13.73 -18.71
CA LEU D 154 4.99 13.50 -18.60
C LEU D 154 4.31 14.86 -18.59
N ILE D 155 3.73 15.24 -19.74
CA ILE D 155 3.09 16.54 -19.90
C ILE D 155 1.65 16.45 -19.42
N VAL D 156 1.24 17.42 -18.61
CA VAL D 156 -0.11 17.46 -18.07
C VAL D 156 -0.77 18.79 -18.46
N SER D 157 0.05 19.84 -18.62
CA SER D 157 -0.47 21.14 -18.99
C SER D 157 -1.34 21.04 -20.24
N ASN D 158 -2.35 21.92 -20.33
CA ASN D 158 -3.30 21.87 -21.43
C ASN D 158 -3.02 22.96 -22.45
N PRO D 159 -3.32 22.70 -23.74
CA PRO D 159 -3.85 21.46 -24.30
C PRO D 159 -2.75 20.39 -24.38
N VAL D 160 -2.95 19.28 -23.68
CA VAL D 160 -1.86 18.33 -23.48
C VAL D 160 -1.40 17.74 -24.80
N ASP D 161 -2.34 17.42 -25.69
CA ASP D 161 -1.98 16.77 -26.94
C ASP D 161 -1.04 17.62 -27.77
N ILE D 162 -1.27 18.94 -27.82
CA ILE D 162 -0.40 19.82 -28.59
C ILE D 162 0.88 20.12 -27.84
N LEU D 163 0.79 20.32 -26.52
CA LEU D 163 2.00 20.61 -25.75
C LEU D 163 2.93 19.41 -25.67
N THR D 164 2.40 18.20 -25.78
CA THR D 164 3.27 17.02 -25.87
C THR D 164 4.08 17.06 -27.16
N TYR D 165 3.48 17.50 -28.26
CA TYR D 165 4.22 17.66 -29.50
C TYR D 165 5.25 18.78 -29.38
N VAL D 166 4.88 19.88 -28.73
CA VAL D 166 5.82 20.98 -28.55
C VAL D 166 6.98 20.55 -27.66
N ALA D 167 6.68 19.86 -26.55
CA ALA D 167 7.74 19.38 -25.67
C ALA D 167 8.64 18.40 -26.40
N TRP D 168 8.10 17.63 -27.34
CA TRP D 168 8.92 16.69 -28.10
C TRP D 168 9.78 17.40 -29.14
N LYS D 169 9.31 18.54 -29.66
CA LYS D 169 10.11 19.29 -30.62
C LYS D 169 11.21 20.09 -29.92
N ILE D 170 10.88 20.71 -28.79
CA ILE D 170 11.87 21.54 -28.09
C ILE D 170 12.89 20.66 -27.38
N SER D 171 12.46 19.53 -26.82
CA SER D 171 13.35 18.74 -25.98
C SER D 171 14.39 18.01 -26.82
N GLY D 172 14.01 17.52 -27.99
CA GLY D 172 14.87 16.62 -28.73
C GLY D 172 14.88 15.21 -28.21
N PHE D 173 14.06 14.89 -27.21
CA PHE D 173 13.96 13.53 -26.72
C PHE D 173 13.35 12.62 -27.78
N PRO D 174 13.56 11.32 -27.67
CA PRO D 174 12.81 10.39 -28.52
C PRO D 174 11.36 10.31 -28.05
N LYS D 175 10.46 10.08 -29.01
CA LYS D 175 9.03 10.17 -28.72
C LYS D 175 8.62 9.24 -27.58
N ASN D 176 9.37 8.17 -27.33
CA ASN D 176 9.00 7.26 -26.25
C ASN D 176 9.19 7.89 -24.88
N ARG D 177 10.05 8.89 -24.74
CA ARG D 177 10.28 9.57 -23.49
C ARG D 177 9.57 10.92 -23.41
N VAL D 178 8.54 11.13 -24.22
CA VAL D 178 7.70 12.32 -24.17
C VAL D 178 6.25 11.84 -24.18
N ILE D 179 5.65 11.73 -22.99
CA ILE D 179 4.29 11.23 -22.83
C ILE D 179 3.40 12.37 -22.37
N GLY D 180 2.17 12.39 -22.87
CA GLY D 180 1.14 13.30 -22.38
C GLY D 180 0.06 12.51 -21.66
N SER D 181 -0.39 13.06 -20.53
CA SER D 181 -1.42 12.37 -19.75
C SER D 181 -2.63 12.04 -20.61
N GLY D 182 -2.96 12.89 -21.58
CA GLY D 182 -3.97 12.55 -22.57
C GLY D 182 -5.28 12.14 -21.95
N CYS D 183 -5.87 11.08 -22.50
CA CYS D 183 -7.20 10.63 -22.13
C CYS D 183 -7.20 9.60 -21.01
N ASN D 184 -6.07 9.46 -20.29
CA ASN D 184 -6.05 8.52 -19.18
C ASN D 184 -7.13 8.86 -18.15
N LEU D 185 -7.47 10.14 -18.02
CA LEU D 185 -8.55 10.57 -17.13
C LEU D 185 -9.91 10.49 -17.80
N ASP D 186 -10.00 10.86 -19.08
CA ASP D 186 -11.25 10.71 -19.81
C ASP D 186 -11.74 9.26 -19.77
N SER D 187 -10.83 8.30 -19.98
CA SER D 187 -11.22 6.90 -19.94
C SER D 187 -11.60 6.47 -18.52
N ALA D 188 -10.90 7.01 -17.50
CA ALA D 188 -11.26 6.71 -16.13
C ALA D 188 -12.65 7.25 -15.80
N ARG D 189 -12.97 8.46 -16.30
CA ARG D 189 -14.31 9.01 -16.12
C ARG D 189 -15.34 8.17 -16.85
N PHE D 190 -15.01 7.74 -18.07
CA PHE D 190 -15.94 6.90 -18.83
C PHE D 190 -16.24 5.60 -18.10
N ARG D 191 -15.21 4.98 -17.52
CA ARG D 191 -15.41 3.72 -16.82
C ARG D 191 -16.16 3.91 -15.52
N TYR D 192 -16.01 5.08 -14.88
CA TYR D 192 -16.79 5.36 -13.68
C TYR D 192 -18.26 5.47 -14.00
N LEU D 193 -18.60 6.23 -15.05
CA LEU D 193 -20.00 6.34 -15.45
C LEU D 193 -20.56 5.00 -15.91
N MET D 194 -19.72 4.15 -16.50
CA MET D 194 -20.14 2.79 -16.80
C MET D 194 -20.49 2.04 -15.50
N GLY D 195 -19.65 2.20 -14.48
CA GLY D 195 -19.90 1.49 -13.24
C GLY D 195 -21.19 1.92 -12.56
N GLU D 196 -21.50 3.22 -12.63
CA GLU D 196 -22.73 3.71 -12.01
C GLU D 196 -23.95 3.17 -12.74
N ARG D 197 -23.91 3.10 -14.07
CA ARG D 197 -25.04 2.56 -14.82
C ARG D 197 -25.19 1.06 -14.59
N LEU D 198 -24.08 0.33 -14.56
CA LEU D 198 -24.12 -1.12 -14.46
C LEU D 198 -24.02 -1.63 -13.03
N GLY D 199 -23.73 -0.77 -12.06
CA GLY D 199 -23.55 -1.21 -10.69
C GLY D 199 -22.31 -2.06 -10.51
N VAL D 200 -21.24 -1.75 -11.23
CA VAL D 200 -19.98 -2.49 -11.16
C VAL D 200 -18.87 -1.49 -10.86
N HIS D 201 -17.82 -1.98 -10.19
CA HIS D 201 -16.67 -1.13 -9.92
C HIS D 201 -16.01 -0.74 -11.24
N PRO D 202 -15.52 0.50 -11.36
CA PRO D 202 -14.87 0.89 -12.62
C PRO D 202 -13.73 -0.02 -13.04
N LEU D 203 -13.04 -0.65 -12.07
CA LEU D 203 -11.96 -1.57 -12.41
C LEU D 203 -12.45 -2.68 -13.34
N SER D 204 -13.70 -3.11 -13.18
CA SER D 204 -14.28 -4.16 -14.00
C SER D 204 -15.17 -3.62 -15.11
N CYS D 205 -15.17 -2.31 -15.32
CA CYS D 205 -15.87 -1.68 -16.45
C CYS D 205 -14.81 -1.21 -17.43
N HIS D 206 -14.77 -1.83 -18.60
CA HIS D 206 -13.72 -1.60 -19.59
C HIS D 206 -14.27 -0.79 -20.75
N GLY D 207 -13.69 0.38 -20.98
CA GLY D 207 -14.07 1.25 -22.07
C GLY D 207 -12.98 2.28 -22.31
N TRP D 208 -12.76 2.66 -23.56
CA TRP D 208 -11.65 3.52 -23.93
C TRP D 208 -12.16 4.79 -24.59
N VAL D 209 -11.67 5.93 -24.10
CA VAL D 209 -11.89 7.24 -24.73
C VAL D 209 -10.54 7.67 -25.30
N LEU D 210 -10.48 7.85 -26.62
CA LEU D 210 -9.23 8.09 -27.32
C LEU D 210 -9.29 9.42 -28.05
N GLY D 211 -8.13 9.82 -28.59
CA GLY D 211 -8.02 11.07 -29.33
C GLY D 211 -7.63 12.24 -28.46
N GLU D 212 -8.17 13.41 -28.76
CA GLU D 212 -7.86 14.61 -28.00
C GLU D 212 -8.39 14.49 -26.57
N HIS D 213 -7.62 15.02 -25.63
CA HIS D 213 -8.10 15.25 -24.26
C HIS D 213 -8.89 16.56 -24.27
N GLY D 214 -10.02 16.52 -24.98
CA GLY D 214 -10.85 17.70 -25.14
C GLY D 214 -12.23 17.39 -25.68
N ASP D 215 -12.83 18.35 -26.38
CA ASP D 215 -14.20 18.21 -26.83
C ASP D 215 -14.35 17.18 -27.96
N SER D 216 -13.27 16.85 -28.66
CA SER D 216 -13.34 15.93 -29.80
C SER D 216 -12.93 14.51 -29.44
N SER D 217 -12.94 14.16 -28.16
CA SER D 217 -12.58 12.81 -27.75
C SER D 217 -13.52 11.79 -28.39
N VAL D 218 -13.01 10.58 -28.59
CA VAL D 218 -13.71 9.54 -29.33
C VAL D 218 -13.98 8.38 -28.40
N PRO D 219 -15.25 8.02 -28.15
CA PRO D 219 -15.53 6.80 -27.39
C PRO D 219 -15.56 5.58 -28.29
N VAL D 220 -14.85 4.52 -27.91
CA VAL D 220 -14.76 3.30 -28.72
C VAL D 220 -15.82 2.35 -28.19
N TRP D 221 -17.04 2.48 -28.72
CA TRP D 221 -18.14 1.63 -28.27
C TRP D 221 -17.90 0.17 -28.61
N SER D 222 -17.25 -0.10 -29.74
CA SER D 222 -17.02 -1.48 -30.18
C SER D 222 -16.11 -2.24 -29.23
N GLY D 223 -15.44 -1.58 -28.29
CA GLY D 223 -14.53 -2.24 -27.39
C GLY D 223 -14.97 -2.26 -25.95
N MET D 224 -16.17 -1.74 -25.67
CA MET D 224 -16.69 -1.75 -24.30
C MET D 224 -17.18 -3.15 -23.93
N ASN D 225 -16.87 -3.56 -22.71
CA ASN D 225 -17.22 -4.91 -22.28
C ASN D 225 -17.09 -5.01 -20.76
N VAL D 226 -17.77 -6.00 -20.21
CA VAL D 226 -17.60 -6.41 -18.82
C VAL D 226 -17.33 -7.91 -18.83
N ALA D 227 -16.20 -8.31 -18.25
CA ALA D 227 -15.80 -9.71 -18.22
C ALA D 227 -15.67 -10.28 -19.63
N GLY D 228 -15.24 -9.46 -20.58
CA GLY D 228 -15.06 -9.90 -21.95
C GLY D 228 -16.33 -10.01 -22.77
N VAL D 229 -17.46 -9.54 -22.24
CA VAL D 229 -18.72 -9.58 -22.96
C VAL D 229 -18.91 -8.25 -23.67
N SER D 230 -18.81 -8.25 -25.00
CA SER D 230 -18.99 -7.04 -25.77
C SER D 230 -20.35 -6.41 -25.48
N LEU D 231 -20.34 -5.14 -25.08
CA LEU D 231 -21.59 -4.43 -24.81
C LEU D 231 -22.31 -4.03 -26.10
N LYS D 232 -21.56 -3.67 -27.15
CA LYS D 232 -22.19 -3.34 -28.41
C LYS D 232 -22.79 -4.56 -29.10
N THR D 233 -22.36 -5.76 -28.72
CA THR D 233 -22.99 -6.96 -29.25
C THR D 233 -24.32 -7.24 -28.57
N LEU D 234 -24.39 -7.07 -27.24
CA LEU D 234 -25.66 -7.19 -26.55
C LEU D 234 -26.61 -6.05 -26.88
N HIS D 235 -26.09 -4.91 -27.31
CA HIS D 235 -26.90 -3.72 -27.59
C HIS D 235 -26.36 -3.07 -28.85
N PRO D 236 -26.76 -3.55 -30.03
CA PRO D 236 -26.21 -3.01 -31.27
C PRO D 236 -26.38 -1.51 -31.43
N ASP D 237 -27.37 -0.90 -30.78
CA ASP D 237 -27.57 0.53 -30.84
C ASP D 237 -26.70 1.29 -29.82
N LEU D 238 -25.76 0.60 -29.17
CA LEU D 238 -24.91 1.24 -28.19
C LEU D 238 -24.12 2.36 -28.83
N GLY D 239 -24.32 3.59 -28.35
CA GLY D 239 -23.57 4.73 -28.81
C GLY D 239 -24.14 5.45 -30.02
N THR D 240 -25.30 5.03 -30.50
CA THR D 240 -25.92 5.66 -31.66
C THR D 240 -27.08 6.55 -31.22
N ASP D 241 -27.59 7.33 -32.17
CA ASP D 241 -28.70 8.24 -31.86
C ASP D 241 -29.96 7.47 -31.47
N LYS D 242 -30.18 6.30 -32.06
CA LYS D 242 -31.37 5.51 -31.80
C LYS D 242 -31.29 4.73 -30.50
N ASP D 243 -30.25 4.94 -29.69
CA ASP D 243 -30.08 4.21 -28.44
C ASP D 243 -31.15 4.64 -27.44
N LYS D 244 -32.04 3.72 -27.08
CA LYS D 244 -33.09 4.04 -26.12
C LYS D 244 -32.51 4.41 -24.76
N GLU D 245 -31.37 3.84 -24.40
CA GLU D 245 -30.70 4.17 -23.14
C GLU D 245 -29.86 5.44 -23.23
N GLN D 246 -29.63 5.95 -24.43
CA GLN D 246 -28.88 7.19 -24.63
C GLN D 246 -27.49 7.09 -24.00
N TRP D 247 -26.78 6.01 -24.34
CA TRP D 247 -25.41 5.86 -23.85
C TRP D 247 -24.49 6.94 -24.41
N LYS D 248 -24.87 7.58 -25.52
CA LYS D 248 -24.10 8.71 -26.03
C LYS D 248 -23.96 9.82 -25.01
N GLU D 249 -24.86 9.87 -24.01
CA GLU D 249 -24.76 10.88 -22.97
C GLU D 249 -23.63 10.57 -22.00
N VAL D 250 -23.30 9.29 -21.83
CA VAL D 250 -22.17 8.93 -20.98
C VAL D 250 -20.90 9.63 -21.47
N HIS D 251 -20.67 9.60 -22.78
CA HIS D 251 -19.50 10.29 -23.33
C HIS D 251 -19.66 11.80 -23.24
N LYS D 252 -20.89 12.31 -23.36
CA LYS D 252 -21.10 13.75 -23.22
C LYS D 252 -20.67 14.23 -21.84
N GLN D 253 -21.02 13.46 -20.79
CA GLN D 253 -20.56 13.82 -19.45
C GLN D 253 -19.04 13.81 -19.37
N VAL D 254 -18.40 12.83 -20.00
CA VAL D 254 -16.95 12.78 -20.01
C VAL D 254 -16.38 14.07 -20.60
N VAL D 255 -16.94 14.51 -21.73
CA VAL D 255 -16.45 15.73 -22.37
C VAL D 255 -16.73 16.95 -21.50
N GLU D 256 -17.93 17.01 -20.91
CA GLU D 256 -18.30 18.15 -20.09
C GLU D 256 -17.72 18.09 -18.68
N SER D 257 -17.19 16.94 -18.27
CA SER D 257 -16.74 16.75 -16.90
C SER D 257 -15.92 17.94 -16.41
N ALA D 258 -14.84 18.26 -17.12
CA ALA D 258 -13.96 19.35 -16.69
C ALA D 258 -14.75 20.64 -16.49
N TYR D 259 -15.58 21.00 -17.48
CA TYR D 259 -16.35 22.23 -17.37
C TYR D 259 -17.29 22.19 -16.16
N GLU D 260 -18.00 21.08 -15.98
CA GLU D 260 -18.94 20.98 -14.88
C GLU D 260 -18.26 21.19 -13.54
N VAL D 261 -17.06 20.62 -13.38
CA VAL D 261 -16.35 20.74 -12.11
C VAL D 261 -15.75 22.13 -11.95
N ILE D 262 -15.15 22.66 -13.01
CA ILE D 262 -14.62 24.02 -12.96
C ILE D 262 -15.72 25.00 -12.58
N LYS D 263 -16.92 24.80 -13.13
CA LYS D 263 -18.05 25.68 -12.81
C LYS D 263 -18.49 25.56 -11.37
N LEU D 264 -18.20 24.43 -10.71
CA LEU D 264 -18.65 24.16 -9.36
C LEU D 264 -17.64 24.53 -8.29
N LYS D 265 -16.35 24.27 -8.54
CA LYS D 265 -15.30 24.58 -7.57
C LYS D 265 -14.18 25.45 -8.15
N GLY D 266 -14.26 25.83 -9.43
CA GLY D 266 -13.29 26.70 -10.03
C GLY D 266 -12.12 26.02 -10.71
N TYR D 267 -11.98 24.70 -10.54
CA TYR D 267 -10.84 23.99 -11.11
C TYR D 267 -11.03 22.49 -10.89
N THR D 268 -10.13 21.70 -11.46
CA THR D 268 -10.02 20.27 -11.21
C THR D 268 -8.64 19.98 -10.66
N SER D 269 -8.54 18.92 -9.85
CA SER D 269 -7.28 18.63 -9.18
C SER D 269 -7.15 17.17 -8.78
N TRP D 270 -8.16 16.62 -8.11
CA TRP D 270 -8.01 15.29 -7.52
C TRP D 270 -8.04 14.20 -8.57
N ALA D 271 -8.93 14.30 -9.56
CA ALA D 271 -9.03 13.27 -10.58
C ALA D 271 -7.77 13.24 -11.45
N ILE D 272 -7.34 14.42 -11.92
CA ILE D 272 -6.13 14.49 -12.74
C ILE D 272 -4.92 14.02 -11.94
N GLY D 273 -4.85 14.40 -10.66
CA GLY D 273 -3.72 14.00 -9.84
C GLY D 273 -3.63 12.49 -9.69
N LEU D 274 -4.76 11.83 -9.48
CA LEU D 274 -4.75 10.37 -9.37
C LEU D 274 -4.41 9.72 -10.71
N SER D 275 -4.87 10.32 -11.82
CA SER D 275 -4.54 9.78 -13.13
C SER D 275 -3.04 9.89 -13.42
N VAL D 276 -2.45 11.06 -13.11
CA VAL D 276 -1.02 11.24 -13.34
C VAL D 276 -0.21 10.30 -12.45
N ALA D 277 -0.65 10.12 -11.20
CA ALA D 277 0.01 9.16 -10.32
C ALA D 277 -0.10 7.75 -10.88
N ASP D 278 -1.21 7.44 -11.55
CA ASP D 278 -1.37 6.13 -12.16
C ASP D 278 -0.36 5.91 -13.28
N LEU D 279 -0.14 6.92 -14.12
CA LEU D 279 0.87 6.80 -15.17
C LEU D 279 2.26 6.73 -14.57
N ALA D 280 2.54 7.57 -13.57
CA ALA D 280 3.85 7.56 -12.93
C ALA D 280 4.17 6.20 -12.35
N GLU D 281 3.16 5.51 -11.80
CA GLU D 281 3.40 4.19 -11.21
C GLU D 281 3.86 3.20 -12.28
N SER D 282 3.17 3.17 -13.42
CA SER D 282 3.57 2.26 -14.49
C SER D 282 4.93 2.63 -15.06
N ILE D 283 5.26 3.92 -15.11
CA ILE D 283 6.56 4.33 -15.63
C ILE D 283 7.67 3.99 -14.62
N MET D 284 7.47 4.38 -13.37
CA MET D 284 8.53 4.20 -12.37
C MET D 284 8.77 2.73 -12.04
N LYS D 285 7.72 1.92 -12.07
CA LYS D 285 7.83 0.49 -11.74
C LYS D 285 7.90 -0.40 -12.97
N ASN D 286 7.95 0.18 -14.17
CA ASN D 286 8.16 -0.58 -15.40
C ASN D 286 7.10 -1.68 -15.56
N LEU D 287 5.84 -1.32 -15.30
CA LEU D 287 4.78 -2.34 -15.29
C LEU D 287 4.43 -2.81 -16.69
N ARG D 288 4.58 -1.95 -17.70
CA ARG D 288 4.13 -2.25 -19.06
C ARG D 288 2.62 -2.46 -19.10
N ARG D 289 1.91 -1.64 -18.34
CA ARG D 289 0.45 -1.57 -18.45
C ARG D 289 0.06 -0.72 -19.66
N VAL D 290 -1.17 -0.91 -20.11
CA VAL D 290 -1.69 -0.16 -21.24
C VAL D 290 -2.45 1.07 -20.72
N HIS D 291 -2.17 2.23 -21.31
CA HIS D 291 -2.80 3.49 -20.93
C HIS D 291 -3.05 4.32 -22.19
N PRO D 292 -4.16 5.08 -22.22
CA PRO D 292 -4.38 5.98 -23.36
C PRO D 292 -3.69 7.31 -23.16
N VAL D 293 -2.47 7.45 -23.66
CA VAL D 293 -1.65 8.63 -23.45
C VAL D 293 -1.33 9.27 -24.80
N SER D 294 -1.01 10.57 -24.76
CA SER D 294 -0.77 11.33 -25.97
C SER D 294 0.55 10.92 -26.60
N THR D 295 0.50 10.51 -27.87
CA THR D 295 1.70 10.15 -28.61
C THR D 295 1.44 10.40 -30.09
N MET D 296 2.51 10.51 -30.86
CA MET D 296 2.36 10.72 -32.29
C MET D 296 1.71 9.50 -32.94
N ILE D 297 0.73 9.75 -33.80
CA ILE D 297 0.01 8.68 -34.47
C ILE D 297 0.08 8.85 -35.98
N LYS D 298 1.11 9.57 -36.43
CA LYS D 298 1.34 9.72 -37.86
C LYS D 298 1.51 8.36 -38.51
N GLY D 299 0.61 8.01 -39.43
CA GLY D 299 0.61 6.75 -40.13
C GLY D 299 -0.54 5.84 -39.76
N LEU D 300 -1.08 5.98 -38.55
CA LEU D 300 -2.21 5.17 -38.11
C LEU D 300 -3.52 5.80 -38.53
N TYR D 301 -4.44 4.97 -39.00
CA TYR D 301 -5.77 5.42 -39.41
C TYR D 301 -5.71 6.45 -40.53
N GLY D 302 -4.69 6.34 -41.38
CA GLY D 302 -4.56 7.26 -42.51
C GLY D 302 -4.31 8.70 -42.11
N ILE D 303 -3.69 8.93 -40.96
CA ILE D 303 -3.38 10.27 -40.50
C ILE D 303 -1.94 10.60 -40.92
N LYS D 304 -1.79 11.65 -41.73
CA LYS D 304 -0.52 11.96 -42.37
C LYS D 304 0.17 13.19 -41.78
N ASP D 305 -0.32 13.71 -40.66
CA ASP D 305 0.25 14.90 -40.04
C ASP D 305 0.96 14.55 -38.75
N ASP D 306 2.02 15.31 -38.44
CA ASP D 306 2.75 15.14 -37.20
C ASP D 306 1.91 15.62 -36.02
N VAL D 307 0.87 14.87 -35.68
CA VAL D 307 -0.06 15.24 -34.62
C VAL D 307 0.08 14.26 -33.47
N PHE D 308 -0.19 14.74 -32.27
CA PHE D 308 -0.19 13.93 -31.05
C PHE D 308 -1.61 13.77 -30.54
N LEU D 309 -1.96 12.55 -30.14
CA LEU D 309 -3.23 12.31 -29.47
C LEU D 309 -3.17 10.94 -28.81
N SER D 310 -4.22 10.62 -28.05
CA SER D 310 -4.20 9.47 -27.17
C SER D 310 -4.61 8.21 -27.92
N VAL D 311 -3.72 7.22 -27.92
CA VAL D 311 -4.08 5.84 -28.23
C VAL D 311 -3.52 4.98 -27.10
N PRO D 312 -3.98 3.73 -26.98
CA PRO D 312 -3.47 2.86 -25.91
C PRO D 312 -2.00 2.54 -26.13
N CYS D 313 -1.18 2.82 -25.11
CA CYS D 313 0.25 2.63 -25.18
C CYS D 313 0.73 1.80 -23.99
N ILE D 314 1.80 1.04 -24.21
CA ILE D 314 2.45 0.29 -23.14
C ILE D 314 3.46 1.21 -22.47
N LEU D 315 3.30 1.43 -21.17
CA LEU D 315 4.13 2.35 -20.41
C LEU D 315 5.09 1.58 -19.51
N GLY D 316 6.36 1.96 -19.54
CA GLY D 316 7.37 1.34 -18.71
C GLY D 316 8.48 2.31 -18.34
N GLN D 317 9.59 1.80 -17.83
CA GLN D 317 10.71 2.66 -17.44
C GLN D 317 11.32 3.40 -18.62
N ASN D 318 11.01 2.99 -19.85
CA ASN D 318 11.44 3.69 -21.05
C ASN D 318 10.32 4.53 -21.66
N GLY D 319 9.26 4.78 -20.91
CA GLY D 319 8.12 5.52 -21.43
C GLY D 319 7.27 4.68 -22.34
N ILE D 320 6.84 5.24 -23.45
CA ILE D 320 6.00 4.53 -24.42
C ILE D 320 6.91 3.63 -25.24
N SER D 321 6.91 2.33 -24.93
CA SER D 321 7.69 1.38 -25.70
C SER D 321 6.90 0.75 -26.83
N ASP D 322 5.57 0.79 -26.76
CA ASP D 322 4.74 0.13 -27.76
C ASP D 322 3.39 0.82 -27.83
N LEU D 323 2.78 0.78 -29.02
CA LEU D 323 1.42 1.24 -29.24
C LEU D 323 0.52 0.06 -29.54
N VAL D 324 -0.71 0.12 -29.05
CA VAL D 324 -1.73 -0.88 -29.36
C VAL D 324 -2.61 -0.31 -30.46
N LYS D 325 -2.74 -1.06 -31.57
CA LYS D 325 -3.52 -0.61 -32.72
C LYS D 325 -4.96 -1.04 -32.51
N VAL D 326 -5.79 -0.10 -32.04
CA VAL D 326 -7.18 -0.40 -31.77
C VAL D 326 -7.94 -0.58 -33.08
N THR D 327 -8.83 -1.56 -33.12
CA THR D 327 -9.70 -1.78 -34.26
C THR D 327 -10.93 -0.89 -34.13
N LEU D 328 -11.14 -0.02 -35.12
CA LEU D 328 -12.21 0.96 -35.08
C LEU D 328 -13.16 0.74 -36.25
N THR D 329 -14.44 1.03 -36.01
CA THR D 329 -15.42 1.06 -37.08
C THR D 329 -15.21 2.31 -37.93
N SER D 330 -16.00 2.42 -39.00
CA SER D 330 -15.93 3.61 -39.84
C SER D 330 -16.24 4.87 -39.02
N GLU D 331 -17.33 4.84 -38.25
CA GLU D 331 -17.69 6.00 -37.45
C GLU D 331 -16.60 6.33 -36.44
N GLU D 332 -16.08 5.30 -35.75
CA GLU D 332 -15.06 5.53 -34.74
C GLU D 332 -13.76 6.02 -35.37
N GLU D 333 -13.33 5.38 -36.45
CA GLU D 333 -12.10 5.80 -37.12
C GLU D 333 -12.24 7.20 -37.68
N ALA D 334 -13.42 7.53 -38.22
CA ALA D 334 -13.63 8.87 -38.76
C ALA D 334 -13.57 9.92 -37.65
N ARG D 335 -14.24 9.66 -36.53
CA ARG D 335 -14.19 10.59 -35.41
C ARG D 335 -12.77 10.81 -34.92
N LEU D 336 -11.92 9.80 -35.03
CA LEU D 336 -10.53 9.95 -34.61
C LEU D 336 -9.73 10.78 -35.61
N LYS D 337 -9.96 10.56 -36.91
CA LYS D 337 -9.34 11.42 -37.92
C LYS D 337 -9.83 12.86 -37.78
N LYS D 338 -11.08 13.05 -37.35
CA LYS D 338 -11.57 14.40 -37.12
C LYS D 338 -10.90 15.04 -35.91
N SER D 339 -10.70 14.27 -34.85
CA SER D 339 -9.99 14.79 -33.68
C SER D 339 -8.56 15.20 -34.04
N ALA D 340 -7.93 14.46 -34.96
CA ALA D 340 -6.58 14.82 -35.39
C ALA D 340 -6.59 16.10 -36.21
N ASP D 341 -7.54 16.22 -37.15
CA ASP D 341 -7.63 17.43 -37.95
C ASP D 341 -7.87 18.65 -37.08
N THR D 342 -8.68 18.50 -36.02
CA THR D 342 -8.91 19.60 -35.10
C THR D 342 -7.61 20.03 -34.43
N LEU D 343 -6.74 19.07 -34.12
CA LEU D 343 -5.48 19.38 -33.44
C LEU D 343 -4.46 19.96 -34.41
N TRP D 344 -4.30 19.35 -35.58
CA TRP D 344 -3.31 19.84 -36.54
C TRP D 344 -3.64 21.24 -37.02
N GLY D 345 -4.92 21.59 -37.09
CA GLY D 345 -5.30 22.95 -37.44
C GLY D 345 -4.74 24.00 -36.51
N ILE D 346 -4.23 23.60 -35.35
CA ILE D 346 -3.64 24.51 -34.38
C ILE D 346 -2.12 24.38 -34.36
N GLN D 347 -1.60 23.15 -34.39
CA GLN D 347 -0.15 22.96 -34.38
C GLN D 347 0.52 23.69 -35.53
N LYS D 348 -0.14 23.77 -36.69
CA LYS D 348 0.46 24.36 -37.87
C LYS D 348 0.36 25.89 -37.90
N GLU D 349 -0.39 26.49 -36.98
CA GLU D 349 -0.51 27.95 -36.91
C GLU D 349 0.48 28.57 -35.92
N LEU D 350 1.31 27.76 -35.26
CA LEU D 350 2.15 28.23 -34.18
C LEU D 350 3.58 28.42 -34.65
N GLN D 351 4.46 28.80 -33.72
CA GLN D 351 5.87 28.99 -33.99
C GLN D 351 6.64 28.49 -32.76
N PHE D 352 7.14 27.26 -32.84
CA PHE D 352 7.89 26.66 -31.74
C PHE D 352 9.21 26.07 -32.24
#